data_6LRG
#
_entry.id   6LRG
#
_cell.length_a   186.895
_cell.length_b   201.141
_cell.length_c   99.436
_cell.angle_alpha   90.0
_cell.angle_beta   90.0
_cell.angle_gamma   90.0
#
_symmetry.space_group_name_H-M   'C 2 2 21'
#
loop_
_entity.id
_entity.type
_entity.pdbx_description
1 polymer 'Alr4995 protein'
2 non-polymer NICOTINAMIDE-ADENINE-DINUCLEOTIDE
3 non-polymer L-ornithine
4 water water
#
_entity_poly.entity_id   1
_entity_poly.type   'polypeptide(L)'
_entity_poly.pdbx_seq_one_letter_code
;MTSRIRFLMCPPDHYDVDYVINPWMEGNIHKSSRDRAVEQWQGLYQILKEHAIVDLVTPQKGWPDLVFTANAGLVLGDNV
VLSRFLHKERQGEEPYFKEWFEGNGYTVYELPKDLPFEGAGDALLDREGRWLWAGYGFRSELDSHPYLAKWLDIEVLSLR
LIDERFYHLDTCFCPLANGYLLYYPGAFDSYSNRLIEMRVAPEKRIAIAEADAVNFACNTVNVESIVIMNKASDALKQSL
TGVGFQVLETPLTEFLKAGGAAKCLTLRVTEPVRDEVHANVYVESRIIRIEGHLLDSGLINRALDMIVDTGGSFQVLNFN
LGEQRQSTSAAEVKVSAPSHEVMEEIISLLIDLGAVDLPQDERDAKLEPVIQDGVAPDDFYVSTIYPTEVRINGQWIKVE
NQRMDGAIAITQTPNGLLAQCKILRDLKAGEQVIVDVLGIRTIRKTESREQRNTQEFSFMSGGVSSERRVELVVEQVAWE
LRKIRDAGGKVVVTAGPVVIHTGGGEHLSRLIREGYVQALLGGNAIAVHDIEQNMMGTSLGVDMKRGVAVRGGHRHHLKV
INTIRRHGSIAKGVESGIIRSGVMYECVRNQIPFVLAGSIRDDGPLPDTQMDLIKAQEEYAKHLEGAEMILMLSSMLHSI
GVGNMTPAGVKMVCVDINPAVVTKLSDRGSIESVGVVTDVGLFLSLLTQQLDKLTSPYVSKVG
;
_entity_poly.pdbx_strand_id   A,B
#
loop_
_chem_comp.id
_chem_comp.type
_chem_comp.name
_chem_comp.formula
NAD non-polymer NICOTINAMIDE-ADENINE-DINUCLEOTIDE 'C21 H27 N7 O14 P2'
#
# COMPACT_ATOMS: atom_id res chain seq x y z
N THR A 2 -55.46 -11.43 12.72
CA THR A 2 -54.42 -10.54 12.21
C THR A 2 -54.25 -9.36 13.17
N SER A 3 -54.77 -9.48 14.38
CA SER A 3 -54.46 -8.50 15.41
C SER A 3 -53.66 -9.13 16.56
N ARG A 4 -53.47 -10.44 16.49
CA ARG A 4 -52.66 -11.18 17.46
C ARG A 4 -51.21 -11.22 16.98
N ILE A 5 -50.28 -10.75 17.80
CA ILE A 5 -48.86 -10.67 17.44
C ILE A 5 -48.07 -11.88 17.90
N ARG A 6 -47.34 -12.52 16.98
CA ARG A 6 -46.62 -13.75 17.31
C ARG A 6 -45.09 -13.67 17.03
N PHE A 7 -44.30 -14.09 18.00
CA PHE A 7 -42.85 -14.09 17.92
C PHE A 7 -42.25 -15.48 17.99
N LEU A 8 -41.13 -15.68 17.30
CA LEU A 8 -40.33 -16.89 17.44
C LEU A 8 -39.08 -16.63 18.28
N MET A 9 -38.81 -17.48 19.26
CA MET A 9 -37.60 -17.41 20.06
C MET A 9 -36.97 -18.80 20.22
N CYS A 10 -35.87 -18.86 20.96
CA CYS A 10 -35.16 -20.10 21.18
C CYS A 10 -34.43 -20.02 22.52
N PRO A 11 -34.72 -20.97 23.44
CA PRO A 11 -34.16 -20.86 24.79
C PRO A 11 -32.69 -21.22 24.75
N PRO A 12 -31.89 -20.67 25.68
CA PRO A 12 -30.43 -20.79 25.69
C PRO A 12 -29.85 -22.09 26.28
N ASP A 13 -30.55 -23.22 26.17
CA ASP A 13 -30.06 -24.49 26.70
C ASP A 13 -28.62 -24.85 26.33
N HIS A 14 -28.20 -24.45 25.14
CA HIS A 14 -26.87 -24.81 24.63
C HIS A 14 -26.11 -23.56 24.25
N TYR A 15 -26.39 -22.48 24.95
CA TYR A 15 -25.82 -21.19 24.60
C TYR A 15 -24.50 -20.98 25.31
N ASP A 16 -23.51 -20.55 24.55
CA ASP A 16 -22.28 -19.99 25.09
C ASP A 16 -21.65 -19.20 23.94
N VAL A 17 -20.55 -18.50 24.21
CA VAL A 17 -19.74 -17.94 23.14
C VAL A 17 -18.63 -18.96 22.87
N ASP A 18 -18.74 -19.67 21.74
CA ASP A 18 -17.79 -20.74 21.39
C ASP A 18 -16.83 -20.38 20.28
N TYR A 19 -17.00 -19.19 19.70
CA TYR A 19 -16.17 -18.73 18.59
C TYR A 19 -16.27 -17.21 18.47
N VAL A 20 -15.51 -16.64 17.54
CA VAL A 20 -15.49 -15.21 17.29
C VAL A 20 -15.84 -14.91 15.84
N ILE A 21 -17.01 -14.32 15.59
CA ILE A 21 -17.35 -13.92 14.22
C ILE A 21 -17.91 -12.50 14.15
N ASN A 22 -17.82 -11.77 15.27
CA ASN A 22 -18.14 -10.35 15.27
C ASN A 22 -17.31 -9.77 16.40
N PRO A 23 -17.15 -8.45 16.44
CA PRO A 23 -16.19 -7.89 17.42
C PRO A 23 -16.61 -8.05 18.87
N TRP A 24 -17.90 -8.24 19.11
CA TRP A 24 -18.39 -8.40 20.48
C TRP A 24 -17.93 -9.71 21.09
N MET A 25 -17.83 -10.76 20.28
CA MET A 25 -17.45 -12.07 20.80
C MET A 25 -15.97 -12.13 21.16
N GLU A 26 -15.16 -11.24 20.56
CA GLU A 26 -13.72 -11.20 20.83
C GLU A 26 -13.41 -11.12 22.30
N GLY A 27 -12.59 -12.04 22.79
CA GLY A 27 -12.27 -12.08 24.20
C GLY A 27 -13.35 -12.67 25.10
N ASN A 28 -14.43 -13.19 24.54
CA ASN A 28 -15.54 -13.66 25.37
C ASN A 28 -15.80 -15.16 25.29
N ILE A 29 -14.93 -15.90 24.62
CA ILE A 29 -15.12 -17.34 24.48
C ILE A 29 -15.25 -18.00 25.85
N HIS A 30 -16.34 -18.75 26.02
CA HIS A 30 -16.72 -19.38 27.28
C HIS A 30 -16.77 -18.45 28.48
N LYS A 31 -17.14 -17.19 28.27
CA LYS A 31 -17.24 -16.27 29.40
C LYS A 31 -18.70 -15.97 29.73
N SER A 32 -19.59 -16.79 29.18
CA SER A 32 -20.99 -16.66 29.47
C SER A 32 -21.40 -17.46 30.69
N SER A 33 -22.12 -16.83 31.61
CA SER A 33 -22.69 -17.54 32.74
C SER A 33 -24.04 -18.11 32.33
N ARG A 34 -24.16 -19.43 32.25
CA ARG A 34 -25.38 -19.96 31.67
C ARG A 34 -26.58 -19.73 32.60
N ASP A 35 -26.32 -19.54 33.89
CA ASP A 35 -27.35 -19.16 34.84
C ASP A 35 -27.91 -17.76 34.59
N ARG A 36 -27.02 -16.77 34.48
CA ARG A 36 -27.52 -15.43 34.21
C ARG A 36 -28.14 -15.38 32.81
N ALA A 37 -27.55 -16.12 31.87
CA ALA A 37 -28.09 -16.19 30.51
C ALA A 37 -29.51 -16.75 30.50
N VAL A 38 -29.76 -17.80 31.29
CA VAL A 38 -31.09 -18.38 31.36
C VAL A 38 -32.04 -17.39 32.03
N GLU A 39 -31.59 -16.80 33.11
CA GLU A 39 -32.40 -15.85 33.83
C GLU A 39 -32.74 -14.60 32.99
N GLN A 40 -31.76 -14.10 32.25
CA GLN A 40 -31.98 -12.91 31.42
C GLN A 40 -32.88 -13.20 30.21
N TRP A 41 -32.72 -14.37 29.59
CA TRP A 41 -33.60 -14.76 28.50
C TRP A 41 -35.05 -14.97 29.00
N GLN A 42 -35.19 -15.51 30.21
CA GLN A 42 -36.52 -15.66 30.82
C GLN A 42 -37.20 -14.32 31.12
N GLY A 43 -36.43 -13.32 31.54
CA GLY A 43 -36.94 -11.97 31.72
C GLY A 43 -37.56 -11.42 30.44
N LEU A 44 -36.87 -11.60 29.33
CA LEU A 44 -37.35 -11.12 28.04
C LEU A 44 -38.53 -11.96 27.52
N TYR A 45 -38.36 -13.28 27.54
CA TYR A 45 -39.43 -14.22 27.20
C TYR A 45 -40.74 -13.91 27.93
N GLN A 46 -40.65 -13.68 29.24
CA GLN A 46 -41.84 -13.52 30.06
C GLN A 46 -42.47 -12.15 29.95
N ILE A 47 -41.67 -11.09 29.83
CA ILE A 47 -42.22 -9.78 29.52
C ILE A 47 -42.95 -9.84 28.18
N LEU A 48 -42.32 -10.48 27.19
CA LEU A 48 -42.88 -10.53 25.86
C LEU A 48 -44.24 -11.26 25.84
N LYS A 49 -44.35 -12.36 26.59
CA LYS A 49 -45.59 -13.13 26.69
C LYS A 49 -46.72 -12.33 27.33
N GLU A 50 -46.38 -11.25 28.01
CA GLU A 50 -47.42 -10.36 28.53
C GLU A 50 -48.04 -9.51 27.44
N HIS A 51 -47.43 -9.47 26.25
CA HIS A 51 -47.93 -8.59 25.22
C HIS A 51 -48.12 -9.29 23.88
N ALA A 52 -47.77 -10.57 23.81
CA ALA A 52 -47.70 -11.21 22.50
C ALA A 52 -47.61 -12.72 22.61
N ILE A 53 -47.83 -13.41 21.50
CA ILE A 53 -47.62 -14.84 21.46
C ILE A 53 -46.14 -15.16 21.22
N VAL A 54 -45.58 -16.10 21.99
CA VAL A 54 -44.22 -16.54 21.74
C VAL A 54 -44.10 -18.03 21.49
N ASP A 55 -43.69 -18.39 20.28
CA ASP A 55 -43.33 -19.78 19.95
C ASP A 55 -41.83 -20.00 20.10
N LEU A 56 -41.47 -21.27 20.26
CA LEU A 56 -40.08 -21.64 20.52
C LEU A 56 -39.57 -22.65 19.53
N VAL A 57 -38.30 -22.50 19.14
CA VAL A 57 -37.58 -23.50 18.38
C VAL A 57 -36.88 -24.42 19.37
N THR A 58 -36.71 -25.68 19.01
CA THR A 58 -35.92 -26.60 19.83
C THR A 58 -34.45 -26.21 19.82
N PRO A 59 -33.87 -25.91 20.99
CA PRO A 59 -32.43 -25.64 21.06
C PRO A 59 -31.62 -26.84 20.59
N GLN A 60 -30.38 -26.61 20.13
CA GLN A 60 -29.59 -27.67 19.50
C GLN A 60 -28.13 -27.60 19.91
N LYS A 61 -27.59 -28.72 20.38
CA LYS A 61 -26.20 -28.79 20.80
C LYS A 61 -25.28 -28.47 19.63
N GLY A 62 -24.31 -27.61 19.87
CA GLY A 62 -23.33 -27.28 18.85
C GLY A 62 -23.69 -26.06 18.02
N TRP A 63 -24.88 -25.49 18.26
CA TRP A 63 -25.34 -24.33 17.51
C TRP A 63 -25.83 -23.24 18.48
N PRO A 64 -24.88 -22.67 19.23
CA PRO A 64 -25.25 -21.75 20.31
C PRO A 64 -25.99 -20.50 19.83
N ASP A 65 -25.74 -20.02 18.61
CA ASP A 65 -26.38 -18.78 18.18
C ASP A 65 -27.77 -19.03 17.58
N LEU A 66 -28.28 -20.24 17.78
CA LEU A 66 -29.65 -20.53 17.40
C LEU A 66 -30.62 -19.68 18.24
N VAL A 67 -30.16 -19.16 19.38
CA VAL A 67 -31.02 -18.29 20.17
C VAL A 67 -31.32 -16.98 19.47
N PHE A 68 -30.52 -16.61 18.48
CA PHE A 68 -30.76 -15.35 17.80
C PHE A 68 -31.65 -15.61 16.57
N THR A 69 -32.93 -15.77 16.85
CA THR A 69 -33.91 -16.17 15.85
C THR A 69 -34.16 -15.07 14.84
N ALA A 70 -33.85 -13.82 15.18
CA ALA A 70 -33.97 -12.71 14.25
C ALA A 70 -33.28 -13.02 12.92
N ASN A 71 -32.21 -13.81 12.96
CA ASN A 71 -31.48 -14.13 11.74
C ASN A 71 -31.95 -15.41 11.07
N ALA A 72 -33.01 -16.00 11.59
CA ALA A 72 -33.48 -17.26 11.04
C ALA A 72 -33.93 -17.08 9.61
N GLY A 73 -34.53 -15.92 9.35
CA GLY A 73 -35.07 -15.64 8.04
C GLY A 73 -35.92 -14.39 8.10
N LEU A 74 -36.62 -14.09 7.02
CA LEU A 74 -37.48 -12.92 7.02
C LEU A 74 -38.86 -13.30 6.50
N VAL A 75 -39.87 -12.97 7.29
CA VAL A 75 -41.23 -13.40 7.04
C VAL A 75 -42.14 -12.24 6.66
N LEU A 76 -42.94 -12.43 5.63
CA LEU A 76 -43.98 -11.46 5.32
C LEU A 76 -45.17 -12.19 4.76
N GLY A 77 -46.27 -12.20 5.51
CA GLY A 77 -47.45 -12.94 5.09
C GLY A 77 -47.17 -14.41 5.21
N ASP A 78 -47.42 -15.16 4.15
CA ASP A 78 -47.16 -16.60 4.16
C ASP A 78 -45.78 -16.98 3.60
N ASN A 79 -45.00 -15.97 3.23
CA ASN A 79 -43.69 -16.23 2.63
C ASN A 79 -42.56 -15.92 3.60
N VAL A 80 -41.48 -16.69 3.48
CA VAL A 80 -40.28 -16.42 4.22
C VAL A 80 -39.08 -16.60 3.28
N VAL A 81 -38.14 -15.68 3.35
CA VAL A 81 -36.86 -15.89 2.75
C VAL A 81 -35.93 -16.41 3.80
N LEU A 82 -35.46 -17.65 3.60
CA LEU A 82 -34.58 -18.29 4.55
C LEU A 82 -33.21 -17.65 4.49
N SER A 83 -32.61 -17.43 5.63
CA SER A 83 -31.34 -16.76 5.65
C SER A 83 -30.24 -17.76 5.29
N ARG A 84 -29.20 -17.29 4.59
CA ARG A 84 -27.97 -18.05 4.40
C ARG A 84 -26.86 -17.29 5.09
N PHE A 85 -26.19 -17.90 6.04
CA PHE A 85 -25.19 -17.19 6.82
C PHE A 85 -23.82 -17.08 6.15
N LEU A 86 -23.15 -15.96 6.40
CA LEU A 86 -21.78 -15.77 5.92
C LEU A 86 -20.84 -16.80 6.55
N HIS A 87 -20.86 -16.94 7.87
CA HIS A 87 -19.89 -17.78 8.59
C HIS A 87 -20.41 -19.19 8.80
N LYS A 88 -19.54 -20.18 8.60
CA LYS A 88 -19.96 -21.59 8.68
C LYS A 88 -20.41 -21.97 10.09
N GLU A 89 -19.95 -21.22 11.08
CA GLU A 89 -20.30 -21.48 12.47
C GLU A 89 -21.79 -21.32 12.74
N ARG A 90 -22.48 -20.63 11.84
CA ARG A 90 -23.92 -20.45 11.99
C ARG A 90 -24.70 -21.16 10.89
N GLN A 91 -23.99 -21.61 9.85
CA GLN A 91 -24.65 -22.23 8.70
C GLN A 91 -25.37 -23.53 9.08
N GLY A 92 -24.95 -24.20 10.14
CA GLY A 92 -25.62 -25.40 10.60
C GLY A 92 -26.95 -25.14 11.29
N GLU A 93 -27.26 -23.87 11.51
CA GLU A 93 -28.55 -23.50 12.08
C GLU A 93 -29.65 -23.61 11.04
N GLU A 94 -29.31 -23.30 9.80
CA GLU A 94 -30.28 -23.16 8.73
C GLU A 94 -31.26 -24.33 8.57
N PRO A 95 -30.78 -25.58 8.67
CA PRO A 95 -31.77 -26.66 8.51
C PRO A 95 -32.82 -26.69 9.63
N TYR A 96 -32.45 -26.35 10.86
CA TYR A 96 -33.40 -26.33 11.97
C TYR A 96 -34.44 -25.22 11.83
N PHE A 97 -33.97 -24.01 11.49
CA PHE A 97 -34.87 -22.91 11.14
C PHE A 97 -35.79 -23.28 9.97
N LYS A 98 -35.21 -23.79 8.88
CA LYS A 98 -35.99 -24.23 7.71
C LYS A 98 -37.13 -25.17 8.06
N GLU A 99 -36.85 -26.14 8.93
CA GLU A 99 -37.86 -27.12 9.30
C GLU A 99 -38.90 -26.49 10.23
N TRP A 100 -38.50 -25.54 11.06
CA TRP A 100 -39.52 -24.86 11.85
C TRP A 100 -40.50 -24.12 10.93
N PHE A 101 -39.95 -23.42 9.93
CA PHE A 101 -40.77 -22.64 9.02
C PHE A 101 -41.69 -23.55 8.21
N GLU A 102 -41.16 -24.65 7.68
CA GLU A 102 -41.96 -25.61 6.92
C GLU A 102 -43.07 -26.23 7.79
N GLY A 103 -42.75 -26.53 9.04
CA GLY A 103 -43.74 -27.08 9.94
C GLY A 103 -44.87 -26.12 10.24
N ASN A 104 -44.63 -24.82 10.07
CA ASN A 104 -45.68 -23.86 10.36
C ASN A 104 -46.32 -23.29 9.11
N GLY A 105 -46.19 -24.02 8.00
CA GLY A 105 -46.93 -23.73 6.79
C GLY A 105 -46.46 -22.57 5.94
N TYR A 106 -45.25 -22.08 6.19
CA TYR A 106 -44.74 -20.97 5.39
C TYR A 106 -44.24 -21.48 4.04
N THR A 107 -44.35 -20.64 3.01
CA THR A 107 -43.68 -20.90 1.74
C THR A 107 -42.23 -20.44 1.87
N VAL A 108 -41.28 -21.36 1.68
CA VAL A 108 -39.89 -21.04 1.94
C VAL A 108 -39.08 -20.81 0.70
N TYR A 109 -38.60 -19.58 0.53
CA TYR A 109 -37.70 -19.26 -0.57
C TYR A 109 -36.24 -19.32 -0.12
N GLU A 110 -35.38 -19.88 -0.99
CA GLU A 110 -33.96 -20.04 -0.69
C GLU A 110 -33.09 -19.36 -1.74
N LEU A 111 -32.19 -18.52 -1.26
CA LEU A 111 -31.23 -17.82 -2.11
C LEU A 111 -30.23 -18.80 -2.71
N PRO A 112 -29.53 -18.39 -3.77
CA PRO A 112 -28.46 -19.24 -4.31
C PRO A 112 -27.41 -19.48 -3.24
N LYS A 113 -26.74 -20.62 -3.28
CA LYS A 113 -25.69 -20.93 -2.33
C LYS A 113 -24.58 -19.89 -2.41
N ASP A 114 -24.03 -19.55 -1.24
CA ASP A 114 -22.92 -18.60 -1.09
C ASP A 114 -23.34 -17.17 -1.36
N LEU A 115 -24.64 -16.91 -1.39
CA LEU A 115 -25.15 -15.54 -1.40
C LEU A 115 -25.75 -15.23 -0.02
N PRO A 116 -24.96 -14.61 0.87
CA PRO A 116 -25.32 -14.35 2.28
C PRO A 116 -26.50 -13.41 2.43
N PHE A 117 -27.37 -13.75 3.38
CA PHE A 117 -28.48 -12.91 3.78
C PHE A 117 -28.91 -13.38 5.15
N GLU A 118 -28.96 -12.48 6.13
CA GLU A 118 -29.15 -12.95 7.50
C GLU A 118 -30.44 -12.45 8.14
N GLY A 119 -31.50 -12.39 7.35
CA GLY A 119 -32.86 -12.36 7.90
C GLY A 119 -33.31 -11.02 8.41
N ALA A 120 -34.27 -11.05 9.34
CA ALA A 120 -34.84 -9.83 9.88
C ALA A 120 -33.81 -9.12 10.73
N GLY A 121 -32.76 -9.84 11.11
CA GLY A 121 -31.63 -9.21 11.77
C GLY A 121 -30.96 -8.14 10.94
N ASP A 122 -31.02 -8.29 9.62
CA ASP A 122 -30.38 -7.38 8.67
C ASP A 122 -31.39 -6.70 7.73
N ALA A 123 -32.67 -6.96 7.93
CA ALA A 123 -33.70 -6.34 7.11
C ALA A 123 -34.97 -6.08 7.95
N LEU A 124 -35.31 -4.81 8.08
CA LEU A 124 -36.30 -4.37 9.04
C LEU A 124 -37.46 -3.70 8.35
N LEU A 125 -38.66 -4.24 8.54
CA LEU A 125 -39.82 -3.68 7.89
C LEU A 125 -40.20 -2.35 8.51
N ASP A 126 -40.63 -1.42 7.67
CA ASP A 126 -41.36 -0.24 8.13
C ASP A 126 -42.62 -0.72 8.86
N ARG A 127 -42.90 -0.17 10.05
CA ARG A 127 -43.94 -0.73 10.91
C ARG A 127 -45.33 -0.63 10.30
N GLU A 128 -45.50 0.29 9.36
CA GLU A 128 -46.77 0.36 8.63
C GLU A 128 -46.71 -0.50 7.35
N GLY A 129 -45.59 -1.16 7.09
CA GLY A 129 -45.50 -2.15 6.01
C GLY A 129 -45.36 -1.57 4.61
N ARG A 130 -44.87 -0.33 4.54
CA ARG A 130 -44.75 0.38 3.28
C ARG A 130 -43.53 -0.07 2.50
N TRP A 131 -42.45 -0.42 3.20
CA TRP A 131 -41.25 -0.88 2.53
C TRP A 131 -40.38 -1.70 3.47
N LEU A 132 -39.29 -2.24 2.96
CA LEU A 132 -38.38 -3.01 3.78
C LEU A 132 -37.00 -2.35 3.74
N TRP A 133 -36.45 -2.05 4.91
CA TRP A 133 -35.10 -1.55 5.00
C TRP A 133 -34.14 -2.73 5.01
N ALA A 134 -33.20 -2.78 4.07
CA ALA A 134 -32.25 -3.89 4.04
C ALA A 134 -30.80 -3.43 4.13
N GLY A 135 -30.04 -4.07 5.02
CA GLY A 135 -28.66 -3.69 5.25
C GLY A 135 -27.66 -4.50 4.44
N TYR A 136 -26.49 -3.94 4.23
CA TYR A 136 -25.37 -4.69 3.67
C TYR A 136 -24.10 -4.00 4.11
N GLY A 137 -22.97 -4.69 3.95
CA GLY A 137 -21.71 -4.11 4.33
C GLY A 137 -20.91 -5.14 5.11
N PHE A 138 -21.57 -5.98 5.89
CA PHE A 138 -20.82 -6.97 6.68
C PHE A 138 -21.32 -8.40 6.56
N ARG A 139 -22.64 -8.62 6.52
CA ARG A 139 -23.18 -9.97 6.50
C ARG A 139 -23.99 -10.19 5.22
N SER A 140 -25.13 -9.53 5.11
CA SER A 140 -25.90 -9.65 3.88
C SER A 140 -25.21 -8.99 2.67
N GLU A 141 -25.28 -9.68 1.54
CA GLU A 141 -24.92 -9.17 0.23
C GLU A 141 -25.98 -8.23 -0.36
N LEU A 142 -25.54 -7.09 -0.85
CA LEU A 142 -26.37 -6.22 -1.68
C LEU A 142 -27.22 -6.97 -2.70
N ASP A 143 -26.64 -7.97 -3.35
CA ASP A 143 -27.32 -8.71 -4.40
C ASP A 143 -28.34 -9.68 -3.85
N SER A 144 -28.52 -9.70 -2.53
CA SER A 144 -29.66 -10.44 -1.98
C SER A 144 -30.89 -9.56 -2.06
N HIS A 145 -30.70 -8.25 -2.06
CA HIS A 145 -31.85 -7.36 -1.96
C HIS A 145 -32.92 -7.51 -3.06
N PRO A 146 -32.54 -7.58 -4.34
CA PRO A 146 -33.60 -7.81 -5.34
C PRO A 146 -34.39 -9.12 -5.15
N TYR A 147 -33.76 -10.13 -4.57
CA TYR A 147 -34.50 -11.34 -4.24
C TYR A 147 -35.58 -11.09 -3.20
N LEU A 148 -35.23 -10.29 -2.18
CA LEU A 148 -36.19 -9.92 -1.15
C LEU A 148 -37.38 -9.17 -1.73
N ALA A 149 -37.11 -8.25 -2.66
CA ALA A 149 -38.17 -7.44 -3.23
C ALA A 149 -39.14 -8.33 -4.01
N LYS A 150 -38.60 -9.22 -4.83
CA LYS A 150 -39.43 -10.07 -5.68
C LYS A 150 -40.22 -11.12 -4.88
N TRP A 151 -39.55 -11.78 -3.96
CA TRP A 151 -40.15 -12.92 -3.29
C TRP A 151 -41.12 -12.50 -2.19
N LEU A 152 -40.78 -11.44 -1.47
CA LEU A 152 -41.68 -10.96 -0.43
C LEU A 152 -42.62 -9.91 -0.99
N ASP A 153 -42.39 -9.51 -2.25
CA ASP A 153 -43.26 -8.59 -2.98
C ASP A 153 -43.37 -7.23 -2.28
N ILE A 154 -42.25 -6.56 -2.10
CA ILE A 154 -42.21 -5.31 -1.36
C ILE A 154 -41.10 -4.38 -1.85
N GLU A 155 -41.30 -3.08 -1.68
CA GLU A 155 -40.23 -2.13 -1.96
C GLU A 155 -39.12 -2.32 -0.92
N VAL A 156 -37.90 -2.36 -1.43
CA VAL A 156 -36.71 -2.61 -0.64
C VAL A 156 -35.75 -1.43 -0.76
N LEU A 157 -35.37 -0.86 0.38
CA LEU A 157 -34.41 0.23 0.45
C LEU A 157 -33.13 -0.23 1.11
N SER A 158 -31.99 0.06 0.48
CA SER A 158 -30.70 -0.50 0.89
C SER A 158 -29.90 0.48 1.75
N LEU A 159 -29.34 -0.01 2.87
CA LEU A 159 -28.56 0.83 3.77
C LEU A 159 -27.18 0.24 4.00
N ARG A 160 -26.14 1.05 3.87
CA ARG A 160 -24.80 0.51 4.02
C ARG A 160 -24.25 0.73 5.42
N LEU A 161 -23.98 -0.38 6.10
CA LEU A 161 -23.35 -0.35 7.41
C LEU A 161 -21.84 -0.20 7.25
N ILE A 162 -21.22 0.68 8.04
CA ILE A 162 -19.79 0.94 7.93
C ILE A 162 -19.00 0.73 9.24
N ASP A 163 -19.64 0.25 10.28
CA ASP A 163 -18.98 0.11 11.59
C ASP A 163 -19.13 -1.35 12.02
N GLU A 164 -18.00 -2.04 12.16
CA GLU A 164 -18.01 -3.48 12.41
C GLU A 164 -18.66 -3.89 13.75
N ARG A 165 -18.79 -2.96 14.67
CA ARG A 165 -19.50 -3.24 15.91
C ARG A 165 -21.00 -3.38 15.65
N PHE A 166 -21.46 -2.70 14.60
CA PHE A 166 -22.85 -2.71 14.21
C PHE A 166 -22.99 -3.41 12.87
N TYR A 167 -22.89 -4.72 12.91
CA TYR A 167 -22.68 -5.53 11.72
C TYR A 167 -24.03 -6.05 11.20
N HIS A 168 -25.08 -5.82 11.97
CA HIS A 168 -26.44 -6.13 11.54
C HIS A 168 -27.25 -4.87 11.63
N LEU A 169 -28.19 -4.70 10.72
CA LEU A 169 -29.01 -3.51 10.71
C LEU A 169 -29.74 -3.35 12.05
N ASP A 170 -30.19 -4.45 12.65
CA ASP A 170 -31.02 -4.30 13.84
C ASP A 170 -30.22 -3.94 15.08
N THR A 171 -28.91 -3.79 14.97
CA THR A 171 -28.14 -3.28 16.10
C THR A 171 -28.05 -1.75 16.11
N CYS A 172 -28.47 -1.12 15.03
CA CYS A 172 -28.26 0.32 14.90
C CYS A 172 -29.42 1.03 14.21
N PHE A 173 -30.52 0.31 13.99
CA PHE A 173 -31.66 0.81 13.24
C PHE A 173 -32.94 0.11 13.70
N CYS A 174 -34.00 0.87 14.02
CA CYS A 174 -35.21 0.28 14.56
C CYS A 174 -36.47 1.09 14.26
N PRO A 175 -37.16 0.73 13.16
CA PRO A 175 -38.47 1.32 12.83
C PRO A 175 -39.45 1.08 13.99
N LEU A 176 -40.25 2.08 14.36
CA LEU A 176 -41.20 1.95 15.47
C LEU A 176 -42.63 2.33 15.03
N ALA A 177 -43.62 1.98 15.84
CA ALA A 177 -45.02 2.39 15.62
C ALA A 177 -45.16 3.89 15.32
N ASN A 178 -46.17 4.26 14.56
CA ASN A 178 -46.44 5.67 14.24
C ASN A 178 -45.39 6.37 13.40
N GLY A 179 -44.59 5.62 12.66
CA GLY A 179 -43.57 6.23 11.83
C GLY A 179 -42.26 6.65 12.46
N TYR A 180 -42.07 6.40 13.75
CA TYR A 180 -40.81 6.82 14.37
C TYR A 180 -39.65 5.88 14.00
N LEU A 181 -38.45 6.39 14.21
CA LEU A 181 -37.26 5.62 13.90
C LEU A 181 -36.21 5.88 14.96
N LEU A 182 -35.83 4.81 15.64
CA LEU A 182 -34.70 4.80 16.56
C LEU A 182 -33.47 4.33 15.79
N TYR A 183 -32.43 5.16 15.67
CA TYR A 183 -31.26 4.74 14.94
C TYR A 183 -29.98 5.47 15.32
N TYR A 184 -28.85 4.91 14.88
CA TYR A 184 -27.53 5.44 15.17
C TYR A 184 -26.85 5.90 13.89
N PRO A 185 -26.76 7.21 13.66
CA PRO A 185 -26.30 7.69 12.36
C PRO A 185 -24.88 7.23 12.00
N GLY A 186 -24.02 7.18 13.00
CA GLY A 186 -22.60 6.87 12.79
C GLY A 186 -22.33 5.47 12.30
N ALA A 187 -23.36 4.62 12.32
CA ALA A 187 -23.25 3.25 11.83
C ALA A 187 -23.43 3.16 10.33
N PHE A 188 -23.73 4.31 9.68
CA PHE A 188 -24.10 4.39 8.26
C PHE A 188 -23.25 5.36 7.46
N ASP A 189 -23.07 5.11 6.16
CA ASP A 189 -22.34 6.06 5.31
C ASP A 189 -23.22 7.26 4.99
N SER A 190 -22.65 8.23 4.29
CA SER A 190 -23.36 9.47 3.96
C SER A 190 -24.56 9.26 3.05
N TYR A 191 -24.43 8.42 2.04
CA TYR A 191 -25.56 8.09 1.18
C TYR A 191 -26.74 7.57 2.01
N SER A 192 -26.46 6.60 2.87
CA SER A 192 -27.49 5.94 3.66
C SER A 192 -28.18 6.88 4.62
N ASN A 193 -27.41 7.74 5.29
CA ASN A 193 -27.97 8.78 6.13
C ASN A 193 -28.87 9.72 5.33
N ARG A 194 -28.42 10.12 4.14
CA ARG A 194 -29.24 10.95 3.27
C ARG A 194 -30.53 10.21 2.93
N LEU A 195 -30.43 8.93 2.61
CA LEU A 195 -31.65 8.18 2.30
C LEU A 195 -32.59 8.11 3.50
N ILE A 196 -32.05 7.93 4.71
CA ILE A 196 -32.87 7.87 5.91
C ILE A 196 -33.59 9.19 6.13
N GLU A 197 -32.88 10.30 5.94
CA GLU A 197 -33.43 11.63 6.15
C GLU A 197 -34.45 12.03 5.07
N MET A 198 -34.31 11.50 3.87
CA MET A 198 -35.35 11.71 2.85
C MET A 198 -36.67 11.00 3.16
N ARG A 199 -36.62 9.86 3.86
CA ARG A 199 -37.84 9.07 4.09
C ARG A 199 -38.52 9.29 5.43
N VAL A 200 -37.78 9.82 6.40
CA VAL A 200 -38.33 9.97 7.76
C VAL A 200 -38.13 11.41 8.23
N ALA A 201 -39.24 12.07 8.53
CA ALA A 201 -39.22 13.49 8.86
C ALA A 201 -38.42 13.72 10.12
N PRO A 202 -37.91 14.95 10.30
CA PRO A 202 -37.00 15.18 11.42
C PRO A 202 -37.67 14.95 12.76
N GLU A 203 -38.95 15.25 12.87
CA GLU A 203 -39.59 15.06 14.16
C GLU A 203 -39.85 13.59 14.44
N LYS A 204 -39.58 12.72 13.45
CA LYS A 204 -39.83 11.29 13.63
C LYS A 204 -38.56 10.55 13.92
N ARG A 205 -37.42 11.21 13.73
CA ARG A 205 -36.10 10.60 13.93
C ARG A 205 -35.62 10.70 15.36
N ILE A 206 -35.31 9.56 15.97
CA ILE A 206 -34.67 9.56 17.27
C ILE A 206 -33.27 8.99 17.07
N ALA A 207 -32.34 9.90 16.76
CA ALA A 207 -30.91 9.60 16.70
C ALA A 207 -30.31 9.53 18.09
N ILE A 208 -29.66 8.41 18.39
CA ILE A 208 -29.11 8.20 19.71
C ILE A 208 -27.59 8.39 19.71
N ALA A 209 -27.04 8.54 20.91
CA ALA A 209 -25.63 8.75 21.14
C ALA A 209 -24.88 7.44 21.28
N GLU A 210 -23.58 7.48 21.01
CA GLU A 210 -22.68 6.34 21.17
C GLU A 210 -22.87 5.54 22.49
N ALA A 211 -23.03 6.24 23.61
CA ALA A 211 -23.21 5.56 24.89
C ALA A 211 -24.48 4.70 24.90
N ASP A 212 -25.50 5.12 24.17
CA ASP A 212 -26.70 4.30 24.09
C ASP A 212 -26.52 3.18 23.06
N ALA A 213 -25.84 3.47 21.97
CA ALA A 213 -25.69 2.49 20.88
C ALA A 213 -24.88 1.26 21.30
N VAL A 214 -23.82 1.47 22.08
CA VAL A 214 -23.01 0.33 22.53
C VAL A 214 -23.67 -0.50 23.62
N ASN A 215 -24.81 -0.03 24.14
CA ASN A 215 -25.66 -0.84 25.03
C ASN A 215 -26.76 -1.54 24.28
N PHE A 216 -26.71 -1.45 22.95
CA PHE A 216 -27.71 -2.04 22.06
C PHE A 216 -29.12 -1.45 22.20
N ALA A 217 -29.21 -0.15 22.39
CA ALA A 217 -30.49 0.55 22.49
C ALA A 217 -31.32 0.44 21.21
N CYS A 218 -30.68 0.32 20.04
CA CYS A 218 -31.47 0.14 18.82
C CYS A 218 -32.00 -1.27 18.65
N ASN A 219 -31.43 -2.22 19.39
CA ASN A 219 -31.85 -3.61 19.32
C ASN A 219 -33.08 -3.80 20.20
N THR A 220 -34.17 -3.19 19.75
CA THR A 220 -35.37 -2.99 20.55
C THR A 220 -36.57 -3.72 19.96
N VAL A 221 -37.34 -4.36 20.82
CA VAL A 221 -38.58 -4.99 20.43
C VAL A 221 -39.68 -4.00 20.70
N ASN A 222 -40.40 -3.65 19.65
CA ASN A 222 -41.51 -2.71 19.73
C ASN A 222 -42.80 -3.47 19.47
N VAL A 223 -43.66 -3.50 20.48
CA VAL A 223 -44.91 -4.24 20.30
C VAL A 223 -46.00 -3.27 19.91
N GLU A 224 -46.53 -2.47 20.80
CA GLU A 224 -47.32 -1.39 20.17
C GLU A 224 -46.80 -0.03 20.56
N SER A 225 -47.22 0.48 21.71
CA SER A 225 -46.57 1.63 22.31
C SER A 225 -45.55 1.19 23.33
N ILE A 226 -45.23 -0.10 23.32
CA ILE A 226 -44.23 -0.62 24.23
C ILE A 226 -42.90 -0.87 23.52
N VAL A 227 -41.79 -0.41 24.10
CA VAL A 227 -40.46 -0.76 23.60
C VAL A 227 -39.64 -1.48 24.68
N ILE A 228 -39.14 -2.66 24.33
CA ILE A 228 -38.37 -3.47 25.25
C ILE A 228 -36.91 -3.45 24.84
N MET A 229 -36.03 -3.18 25.79
CA MET A 229 -34.60 -3.17 25.48
C MET A 229 -33.76 -3.49 26.70
N ASN A 230 -32.46 -3.65 26.44
CA ASN A 230 -31.45 -3.99 27.43
C ASN A 230 -31.31 -2.88 28.45
N LYS A 231 -30.92 -1.71 27.97
CA LYS A 231 -30.77 -0.56 28.83
C LYS A 231 -30.92 0.73 28.05
N ALA A 232 -31.63 1.69 28.61
CA ALA A 232 -31.71 3.02 28.02
C ALA A 232 -31.21 4.08 29.01
N SER A 233 -30.36 4.99 28.56
CA SER A 233 -30.07 6.21 29.33
C SER A 233 -31.34 7.02 29.56
N ASP A 234 -31.44 7.82 30.59
CA ASP A 234 -32.73 8.50 30.72
C ASP A 234 -32.89 9.72 29.81
N ALA A 235 -31.85 10.15 29.11
CA ALA A 235 -32.09 11.05 27.98
C ALA A 235 -32.89 10.33 26.88
N LEU A 236 -32.58 9.06 26.65
CA LEU A 236 -33.29 8.27 25.63
C LEU A 236 -34.70 7.92 26.13
N LYS A 237 -34.85 7.61 27.41
CA LYS A 237 -36.21 7.38 27.99
C LYS A 237 -37.10 8.60 27.83
N GLN A 238 -36.57 9.77 28.09
CA GLN A 238 -37.38 10.98 27.97
C GLN A 238 -37.75 11.25 26.51
N SER A 239 -36.84 11.01 25.58
CA SER A 239 -37.16 11.19 24.17
C SER A 239 -38.27 10.22 23.75
N LEU A 240 -38.12 8.95 24.12
CA LEU A 240 -39.09 7.93 23.75
C LEU A 240 -40.43 8.10 24.44
N THR A 241 -40.43 8.38 25.74
CA THR A 241 -41.69 8.55 26.44
C THR A 241 -42.31 9.87 26.01
N GLY A 242 -41.48 10.85 25.67
CA GLY A 242 -41.97 12.10 25.13
C GLY A 242 -42.82 11.99 23.87
N VAL A 243 -42.66 10.94 23.08
CA VAL A 243 -43.55 10.79 21.93
C VAL A 243 -44.52 9.64 22.13
N GLY A 244 -44.66 9.17 23.37
CA GLY A 244 -45.73 8.23 23.70
C GLY A 244 -45.39 6.75 23.81
N PHE A 245 -44.10 6.41 23.83
CA PHE A 245 -43.73 5.01 24.03
C PHE A 245 -43.51 4.74 25.51
N GLN A 246 -43.77 3.51 25.91
CA GLN A 246 -43.45 3.06 27.26
C GLN A 246 -42.20 2.19 27.24
N VAL A 247 -41.18 2.59 27.99
CA VAL A 247 -39.90 1.92 27.93
C VAL A 247 -39.78 0.81 28.99
N LEU A 248 -39.63 -0.42 28.54
CA LEU A 248 -39.36 -1.55 29.44
C LEU A 248 -37.91 -2.01 29.30
N GLU A 249 -37.16 -1.95 30.39
CA GLU A 249 -35.79 -2.46 30.42
C GLU A 249 -35.70 -3.86 31.04
N THR A 250 -34.85 -4.70 30.45
CA THR A 250 -34.58 -6.04 30.98
C THR A 250 -33.14 -6.40 30.55
N PRO A 251 -32.27 -6.70 31.53
CA PRO A 251 -30.83 -6.84 31.27
C PRO A 251 -30.50 -8.02 30.34
N LEU A 252 -29.63 -7.80 29.37
CA LEU A 252 -29.32 -8.88 28.43
C LEU A 252 -27.82 -8.99 28.13
N THR A 253 -27.02 -8.60 29.12
CA THR A 253 -25.57 -8.52 28.98
C THR A 253 -24.91 -9.85 28.61
N GLU A 254 -25.42 -10.96 29.10
CA GLU A 254 -24.87 -12.25 28.70
C GLU A 254 -25.02 -12.49 27.19
N PHE A 255 -25.98 -11.80 26.58
CA PHE A 255 -26.18 -11.94 25.15
C PHE A 255 -25.43 -10.87 24.40
N LEU A 256 -25.13 -9.75 25.06
CA LEU A 256 -24.27 -8.74 24.45
C LEU A 256 -22.87 -9.27 24.24
N LYS A 257 -22.41 -10.15 25.12
CA LYS A 257 -21.09 -10.77 24.97
C LYS A 257 -20.93 -11.47 23.62
N ALA A 258 -22.05 -11.92 23.04
CA ALA A 258 -22.05 -12.58 21.75
C ALA A 258 -22.53 -11.65 20.62
N GLY A 259 -22.81 -10.39 20.94
CA GLY A 259 -23.23 -9.43 19.94
C GLY A 259 -24.70 -9.27 19.59
N GLY A 260 -25.59 -9.62 20.53
CA GLY A 260 -27.02 -9.52 20.30
C GLY A 260 -27.75 -9.11 21.57
N ALA A 261 -28.98 -8.63 21.42
CA ALA A 261 -29.79 -8.25 22.57
C ALA A 261 -31.26 -8.54 22.27
N ALA A 262 -32.17 -7.70 22.76
CA ALA A 262 -33.60 -8.06 22.75
C ALA A 262 -34.12 -8.38 21.37
N LYS A 263 -33.85 -7.49 20.42
CA LYS A 263 -34.38 -7.66 19.08
C LYS A 263 -33.78 -8.89 18.38
N CYS A 264 -32.52 -9.18 18.68
CA CYS A 264 -31.82 -10.33 18.10
C CYS A 264 -32.39 -11.67 18.55
N LEU A 265 -32.99 -11.66 19.73
CA LEU A 265 -33.48 -12.88 20.36
C LEU A 265 -34.90 -13.22 19.93
N THR A 266 -35.50 -12.34 19.13
CA THR A 266 -36.90 -12.48 18.69
C THR A 266 -37.02 -12.42 17.17
N LEU A 267 -38.12 -12.96 16.64
CA LEU A 267 -38.43 -12.84 15.22
C LEU A 267 -39.94 -12.75 15.10
N ARG A 268 -40.43 -11.64 14.55
CA ARG A 268 -41.86 -11.46 14.39
C ARG A 268 -42.29 -12.18 13.13
N VAL A 269 -43.19 -13.16 13.25
CA VAL A 269 -43.66 -13.90 12.09
C VAL A 269 -45.06 -13.50 11.67
N THR A 270 -45.67 -12.55 12.39
CA THR A 270 -46.88 -11.89 11.95
C THR A 270 -46.58 -10.43 11.59
N GLU A 271 -46.40 -10.15 10.31
CA GLU A 271 -46.04 -8.82 9.86
C GLU A 271 -47.16 -8.19 9.03
N PRO A 272 -47.34 -6.86 9.14
CA PRO A 272 -48.40 -6.17 8.40
C PRO A 272 -48.22 -6.30 6.89
N VAL A 273 -49.22 -6.90 6.23
CA VAL A 273 -49.22 -7.13 4.79
C VAL A 273 -50.23 -6.24 4.07
N ARG A 274 -49.78 -5.27 3.28
CA ARG A 274 -50.72 -4.44 2.55
C ARG A 274 -50.84 -4.81 1.07
N ASP A 275 -52.07 -4.83 0.57
CA ASP A 275 -52.32 -5.22 -0.83
C ASP A 275 -51.75 -4.24 -1.83
N GLU A 276 -51.66 -2.96 -1.46
CA GLU A 276 -51.14 -1.97 -2.39
C GLU A 276 -49.62 -1.99 -2.40
N VAL A 277 -49.02 -2.83 -1.57
CA VAL A 277 -47.58 -2.89 -1.48
C VAL A 277 -47.05 -4.00 -2.39
N HIS A 278 -46.14 -3.62 -3.30
CA HIS A 278 -45.60 -4.56 -4.28
C HIS A 278 -44.10 -4.42 -4.45
N ALA A 279 -43.51 -5.38 -5.15
CA ALA A 279 -42.07 -5.46 -5.38
C ALA A 279 -41.46 -4.22 -6.06
N ASN A 280 -40.37 -3.70 -5.50
CA ASN A 280 -39.65 -2.58 -6.11
C ASN A 280 -38.17 -2.58 -5.71
N VAL A 281 -37.31 -2.41 -6.71
CA VAL A 281 -35.87 -2.58 -6.55
C VAL A 281 -35.18 -1.31 -6.97
N TYR A 282 -34.28 -0.79 -6.14
CA TYR A 282 -33.45 0.37 -6.53
C TYR A 282 -32.04 -0.07 -6.89
N VAL A 283 -31.64 -1.24 -6.39
CA VAL A 283 -30.40 -1.88 -6.80
C VAL A 283 -30.28 -1.95 -8.33
N GLU A 284 -29.17 -1.42 -8.86
CA GLU A 284 -28.86 -1.53 -10.28
C GLU A 284 -27.63 -2.39 -10.51
N SER A 285 -27.52 -2.97 -11.70
CA SER A 285 -26.32 -3.71 -12.04
C SER A 285 -25.96 -3.56 -13.51
N ARG A 286 -24.67 -3.64 -13.76
CA ARG A 286 -24.08 -3.37 -15.05
C ARG A 286 -22.95 -4.38 -15.21
N ILE A 287 -22.98 -5.18 -16.27
CA ILE A 287 -21.85 -6.06 -16.54
C ILE A 287 -20.72 -5.27 -17.19
N ILE A 288 -19.51 -5.48 -16.70
CA ILE A 288 -18.38 -4.69 -17.14
C ILE A 288 -17.27 -5.65 -17.58
N ARG A 289 -16.34 -5.19 -18.40
CA ARG A 289 -15.25 -6.05 -18.85
C ARG A 289 -13.91 -5.34 -18.70
N ILE A 290 -12.91 -6.04 -18.19
CA ILE A 290 -11.61 -5.43 -18.01
C ILE A 290 -10.47 -6.39 -18.39
N GLU A 291 -9.43 -5.86 -19.03
CA GLU A 291 -8.40 -6.70 -19.64
C GLU A 291 -7.00 -6.15 -19.41
N GLY A 292 -6.01 -7.05 -19.40
CA GLY A 292 -4.61 -6.69 -19.17
C GLY A 292 -3.89 -7.78 -18.38
N HIS A 293 -2.84 -7.39 -17.68
CA HIS A 293 -2.17 -8.32 -16.79
C HIS A 293 -2.80 -8.14 -15.41
N LEU A 294 -4.00 -8.70 -15.26
CA LEU A 294 -4.84 -8.47 -14.10
C LEU A 294 -4.23 -9.02 -12.81
N LEU A 295 -3.51 -10.13 -12.89
CA LEU A 295 -2.91 -10.74 -11.71
C LEU A 295 -1.61 -10.05 -11.26
N ASP A 296 -0.76 -9.68 -12.21
CA ASP A 296 0.48 -8.95 -11.91
C ASP A 296 0.22 -7.55 -11.40
N SER A 297 -0.43 -6.74 -12.22
CA SER A 297 -0.63 -5.33 -11.90
C SER A 297 -1.61 -5.14 -10.75
N GLY A 298 -2.37 -6.19 -10.45
CA GLY A 298 -3.37 -6.13 -9.39
C GLY A 298 -4.46 -5.13 -9.72
N LEU A 299 -4.77 -5.00 -11.00
CA LEU A 299 -5.79 -4.06 -11.43
C LEU A 299 -7.18 -4.57 -11.03
N ILE A 300 -7.34 -5.89 -11.04
CA ILE A 300 -8.62 -6.49 -10.74
C ILE A 300 -8.94 -6.23 -9.28
N ASN A 301 -7.90 -6.31 -8.46
CA ASN A 301 -7.98 -6.09 -7.04
C ASN A 301 -8.31 -4.62 -6.74
N ARG A 302 -7.65 -3.72 -7.45
CA ARG A 302 -7.87 -2.29 -7.26
C ARG A 302 -9.32 -1.88 -7.61
N ALA A 303 -9.85 -2.42 -8.69
CA ALA A 303 -11.21 -2.11 -9.12
C ALA A 303 -12.28 -2.71 -8.19
N LEU A 304 -12.11 -3.96 -7.80
CA LEU A 304 -13.06 -4.56 -6.87
C LEU A 304 -13.08 -3.78 -5.55
N ASP A 305 -11.91 -3.47 -5.01
CA ASP A 305 -11.83 -2.66 -3.80
C ASP A 305 -12.51 -1.30 -4.00
N MET A 306 -12.31 -0.68 -5.15
CA MET A 306 -12.98 0.59 -5.44
C MET A 306 -14.53 0.49 -5.42
N ILE A 307 -15.07 -0.55 -6.05
CA ILE A 307 -16.50 -0.81 -6.05
C ILE A 307 -17.03 -0.96 -4.63
N VAL A 308 -16.34 -1.73 -3.79
CA VAL A 308 -16.82 -1.94 -2.43
C VAL A 308 -16.64 -0.70 -1.54
N ASP A 309 -15.58 0.08 -1.75
CA ASP A 309 -15.38 1.29 -0.95
C ASP A 309 -16.41 2.37 -1.24
N THR A 310 -16.90 2.40 -2.46
CA THR A 310 -17.84 3.44 -2.90
C THR A 310 -19.28 3.11 -2.51
N GLY A 311 -19.54 1.89 -2.08
CA GLY A 311 -20.86 1.52 -1.63
C GLY A 311 -21.53 0.50 -2.52
N GLY A 312 -20.78 -0.09 -3.45
CA GLY A 312 -21.40 -1.05 -4.34
C GLY A 312 -20.97 -2.47 -4.06
N SER A 313 -21.35 -3.39 -4.93
CA SER A 313 -20.94 -4.77 -4.79
C SER A 313 -20.58 -5.34 -6.17
N PHE A 314 -20.22 -6.61 -6.21
CA PHE A 314 -19.82 -7.21 -7.47
C PHE A 314 -20.00 -8.71 -7.43
N GLN A 315 -19.88 -9.31 -8.61
CA GLN A 315 -19.82 -10.73 -8.79
C GLN A 315 -19.01 -11.00 -10.06
N VAL A 316 -17.86 -11.62 -9.90
CA VAL A 316 -17.04 -11.98 -11.05
C VAL A 316 -17.71 -13.15 -11.78
N LEU A 317 -18.17 -12.88 -12.99
CA LEU A 317 -18.86 -13.86 -13.80
C LEU A 317 -17.91 -14.84 -14.49
N ASN A 318 -16.76 -14.35 -14.92
CA ASN A 318 -15.76 -15.21 -15.51
C ASN A 318 -14.39 -14.56 -15.54
N PHE A 319 -13.37 -15.41 -15.51
CA PHE A 319 -11.99 -15.00 -15.54
C PHE A 319 -11.25 -15.90 -16.52
N ASN A 320 -10.63 -15.29 -17.52
CA ASN A 320 -9.90 -15.98 -18.57
C ASN A 320 -8.40 -15.69 -18.44
N LEU A 321 -7.63 -16.72 -18.11
CA LEU A 321 -6.22 -16.53 -17.80
C LEU A 321 -5.40 -16.04 -18.99
N GLY A 322 -5.73 -16.49 -20.19
CA GLY A 322 -4.90 -16.21 -21.34
C GLY A 322 -3.99 -17.41 -21.55
N GLU A 323 -3.72 -17.77 -22.81
CA GLU A 323 -3.18 -19.11 -23.04
C GLU A 323 -1.65 -19.26 -23.02
N GLN A 324 -0.91 -18.16 -22.94
CA GLN A 324 0.52 -18.28 -22.70
C GLN A 324 0.98 -17.32 -21.62
N ARG A 325 2.16 -17.58 -21.10
CA ARG A 325 2.65 -16.95 -19.87
C ARG A 325 2.60 -15.44 -19.85
N GLN A 326 2.69 -14.80 -21.02
CA GLN A 326 2.79 -13.34 -21.05
C GLN A 326 1.53 -12.72 -21.61
N SER A 327 0.61 -13.57 -22.05
CA SER A 327 -0.63 -13.07 -22.61
C SER A 327 -1.48 -12.41 -21.53
N THR A 328 -2.44 -11.61 -21.97
CA THR A 328 -3.26 -10.85 -21.05
C THR A 328 -4.41 -11.71 -20.49
N SER A 329 -4.92 -11.29 -19.33
CA SER A 329 -6.12 -11.89 -18.74
C SER A 329 -7.34 -11.03 -19.00
N ALA A 330 -8.51 -11.64 -18.93
CA ALA A 330 -9.77 -10.94 -19.13
C ALA A 330 -10.78 -11.35 -18.06
N ALA A 331 -11.42 -10.37 -17.45
CA ALA A 331 -12.49 -10.64 -16.50
C ALA A 331 -13.75 -9.89 -16.88
N GLU A 332 -14.87 -10.58 -16.74
CA GLU A 332 -16.17 -9.94 -16.87
C GLU A 332 -16.81 -9.87 -15.50
N VAL A 333 -17.15 -8.67 -15.07
CA VAL A 333 -17.62 -8.46 -13.72
C VAL A 333 -18.98 -7.80 -13.72
N LYS A 334 -19.93 -8.45 -13.05
CA LYS A 334 -21.21 -7.82 -12.77
C LYS A 334 -21.08 -6.91 -11.56
N VAL A 335 -21.17 -5.60 -11.80
CA VAL A 335 -21.11 -4.58 -10.75
C VAL A 335 -22.50 -4.16 -10.31
N SER A 336 -22.77 -4.09 -9.00
CA SER A 336 -24.07 -3.57 -8.58
C SER A 336 -23.94 -2.43 -7.56
N ALA A 337 -24.98 -1.59 -7.51
CA ALA A 337 -25.00 -0.42 -6.64
C ALA A 337 -26.37 -0.28 -6.02
N PRO A 338 -26.45 0.31 -4.83
CA PRO A 338 -27.74 0.49 -4.16
C PRO A 338 -28.68 1.48 -4.87
N SER A 339 -28.13 2.45 -5.58
CA SER A 339 -28.94 3.39 -6.35
C SER A 339 -28.26 3.78 -7.65
N HIS A 340 -28.98 4.51 -8.50
CA HIS A 340 -28.40 5.04 -9.72
C HIS A 340 -27.27 5.99 -9.43
N GLU A 341 -27.44 6.79 -8.38
CA GLU A 341 -26.45 7.78 -7.99
C GLU A 341 -25.12 7.15 -7.63
N VAL A 342 -25.14 6.04 -6.88
CA VAL A 342 -23.91 5.37 -6.49
C VAL A 342 -23.27 4.64 -7.69
N MET A 343 -24.13 4.10 -8.57
CA MET A 343 -23.66 3.41 -9.77
C MET A 343 -22.88 4.35 -10.66
N GLU A 344 -23.26 5.62 -10.69
CA GLU A 344 -22.54 6.60 -11.50
C GLU A 344 -21.14 6.92 -10.93
N GLU A 345 -21.01 7.00 -9.61
CA GLU A 345 -19.70 7.25 -9.03
C GLU A 345 -18.83 6.03 -9.28
N ILE A 346 -19.43 4.85 -9.21
CA ILE A 346 -18.65 3.63 -9.43
C ILE A 346 -18.20 3.48 -10.88
N ILE A 347 -19.15 3.58 -11.80
CA ILE A 347 -18.82 3.45 -13.22
C ILE A 347 -17.81 4.51 -13.65
N SER A 348 -17.88 5.71 -13.08
CA SER A 348 -16.89 6.75 -13.42
C SER A 348 -15.49 6.32 -13.04
N LEU A 349 -15.36 5.66 -11.89
CA LEU A 349 -14.06 5.20 -11.44
C LEU A 349 -13.56 4.01 -12.26
N LEU A 350 -14.45 3.12 -12.70
CA LEU A 350 -14.06 2.00 -13.56
C LEU A 350 -13.72 2.38 -15.00
N ILE A 351 -14.42 3.38 -15.53
CA ILE A 351 -14.05 4.00 -16.80
C ILE A 351 -12.60 4.49 -16.77
N ASP A 352 -12.31 5.36 -15.80
CA ASP A 352 -10.97 5.91 -15.56
C ASP A 352 -9.86 4.85 -15.57
N LEU A 353 -10.23 3.60 -15.27
CA LEU A 353 -9.32 2.46 -15.18
C LEU A 353 -9.31 1.56 -16.42
N GLY A 354 -10.15 1.85 -17.40
CA GLY A 354 -10.15 1.03 -18.61
C GLY A 354 -11.24 -0.03 -18.70
N ALA A 355 -12.25 0.04 -17.85
CA ALA A 355 -13.33 -0.93 -17.98
C ALA A 355 -14.21 -0.57 -19.17
N VAL A 356 -14.76 -1.57 -19.85
CA VAL A 356 -15.61 -1.29 -20.99
C VAL A 356 -16.87 -2.13 -20.98
N ASP A 357 -17.86 -1.69 -21.74
CA ASP A 357 -19.10 -2.44 -21.86
C ASP A 357 -18.89 -3.69 -22.69
N LEU A 358 -19.70 -4.71 -22.41
CA LEU A 358 -19.83 -5.79 -23.34
C LEU A 358 -20.55 -5.28 -24.59
N PRO A 359 -19.93 -5.48 -25.78
CA PRO A 359 -20.44 -5.14 -27.11
C PRO A 359 -21.95 -4.89 -27.19
N GLN A 360 -22.71 -5.86 -26.73
CA GLN A 360 -24.16 -5.81 -26.78
C GLN A 360 -24.79 -4.77 -25.83
N ASP A 361 -23.97 -4.17 -24.97
CA ASP A 361 -24.50 -3.22 -23.99
C ASP A 361 -24.07 -1.77 -24.27
N GLU A 362 -23.25 -1.57 -25.29
CA GLU A 362 -22.83 -0.21 -25.65
C GLU A 362 -24.02 0.67 -25.97
N ARG A 363 -24.02 1.88 -25.43
CA ARG A 363 -25.02 2.87 -25.79
C ARG A 363 -24.33 4.20 -26.05
N ASP A 364 -24.96 5.05 -26.85
CA ASP A 364 -24.46 6.39 -27.07
C ASP A 364 -24.36 7.16 -25.75
N ALA A 365 -23.46 8.15 -25.68
CA ALA A 365 -23.48 9.08 -24.56
C ALA A 365 -24.80 9.86 -24.53
N LYS A 366 -25.33 10.12 -23.34
CA LYS A 366 -26.52 10.96 -23.18
C LYS A 366 -26.11 12.42 -23.21
N LEU A 367 -26.90 13.26 -23.86
CA LEU A 367 -26.56 14.68 -24.01
C LEU A 367 -27.65 15.59 -23.49
N GLU A 368 -27.24 16.68 -22.84
CA GLU A 368 -28.16 17.73 -22.40
C GLU A 368 -27.55 19.06 -22.80
N PRO A 369 -28.42 20.03 -23.14
CA PRO A 369 -27.95 21.34 -23.59
C PRO A 369 -27.53 22.27 -22.48
N VAL A 370 -26.60 23.17 -22.77
CA VAL A 370 -26.24 24.24 -21.86
C VAL A 370 -27.19 25.41 -22.09
N ILE A 371 -27.87 25.84 -21.03
CA ILE A 371 -28.83 26.93 -21.16
C ILE A 371 -28.26 28.26 -20.66
N GLN A 372 -27.25 28.18 -19.79
CA GLN A 372 -26.62 29.37 -19.20
C GLN A 372 -25.12 29.29 -19.44
N ASP A 373 -24.48 30.36 -19.91
CA ASP A 373 -23.02 30.35 -20.06
C ASP A 373 -22.33 30.00 -18.75
N GLY A 374 -21.31 29.15 -18.80
CA GLY A 374 -20.50 28.84 -17.63
C GLY A 374 -21.18 27.93 -16.64
N VAL A 375 -22.18 27.19 -17.11
CA VAL A 375 -22.93 26.27 -16.24
C VAL A 375 -23.25 24.99 -17.00
N ALA A 376 -22.89 23.83 -16.44
CA ALA A 376 -23.26 22.57 -17.07
C ALA A 376 -24.67 22.13 -16.66
N PRO A 377 -25.30 21.31 -17.50
CA PRO A 377 -26.56 20.69 -17.05
C PRO A 377 -26.29 19.71 -15.91
N ASP A 378 -27.32 19.48 -15.12
CA ASP A 378 -27.26 18.57 -13.99
C ASP A 378 -26.70 17.21 -14.42
N ASP A 379 -25.85 16.63 -13.59
CA ASP A 379 -25.29 15.29 -13.78
C ASP A 379 -24.32 15.15 -14.99
N PHE A 380 -23.67 16.25 -15.36
CA PHE A 380 -22.61 16.22 -16.37
C PHE A 380 -21.50 15.27 -15.95
N TYR A 381 -20.97 14.52 -16.89
CA TYR A 381 -19.83 13.63 -16.61
C TYR A 381 -18.58 14.45 -16.32
N VAL A 382 -17.81 14.06 -15.30
CA VAL A 382 -16.58 14.78 -14.94
C VAL A 382 -15.34 14.10 -15.53
N SER A 383 -14.59 14.83 -16.35
CA SER A 383 -13.45 14.27 -17.09
C SER A 383 -12.18 14.02 -16.27
N THR A 384 -11.31 13.15 -16.77
CA THR A 384 -10.07 12.77 -16.10
C THR A 384 -8.88 13.25 -16.90
N ILE A 385 -7.67 12.91 -16.45
CA ILE A 385 -6.48 13.23 -17.23
C ILE A 385 -6.29 12.29 -18.42
N TYR A 386 -6.96 11.14 -18.40
CA TYR A 386 -6.69 10.09 -19.38
C TYR A 386 -7.36 10.34 -20.73
N PRO A 387 -6.76 9.83 -21.81
CA PRO A 387 -7.38 10.03 -23.12
C PRO A 387 -8.72 9.32 -23.16
N THR A 388 -9.70 9.94 -23.81
CA THR A 388 -11.09 9.58 -23.65
C THR A 388 -11.79 9.56 -25.00
N GLU A 389 -12.64 8.56 -25.23
CA GLU A 389 -13.51 8.52 -26.41
C GLU A 389 -14.97 8.46 -26.00
N VAL A 390 -15.84 9.08 -26.80
CA VAL A 390 -17.26 9.06 -26.49
C VAL A 390 -18.10 8.56 -27.67
N ARG A 391 -19.18 7.85 -27.38
CA ARG A 391 -20.01 7.31 -28.44
C ARG A 391 -21.13 8.28 -28.78
N ILE A 392 -21.00 8.90 -29.95
CA ILE A 392 -22.03 9.77 -30.50
C ILE A 392 -22.57 9.13 -31.80
N ASN A 393 -23.89 8.98 -31.87
CA ASN A 393 -24.53 8.40 -33.05
C ASN A 393 -23.93 7.05 -33.51
N GLY A 394 -23.66 6.19 -32.54
CA GLY A 394 -23.13 4.87 -32.84
C GLY A 394 -21.67 4.86 -33.22
N GLN A 395 -21.02 6.02 -33.15
CA GLN A 395 -19.58 6.09 -33.44
C GLN A 395 -18.74 6.67 -32.30
N TRP A 396 -17.54 6.10 -32.13
CA TRP A 396 -16.60 6.54 -31.10
C TRP A 396 -15.69 7.64 -31.60
N ILE A 397 -15.68 8.79 -30.94
CA ILE A 397 -14.77 9.87 -31.33
C ILE A 397 -13.90 10.27 -30.15
N LYS A 398 -12.68 10.68 -30.45
CA LYS A 398 -11.73 11.10 -29.45
C LYS A 398 -12.10 12.46 -28.85
N VAL A 399 -11.85 12.64 -27.56
CA VAL A 399 -12.04 13.93 -26.90
C VAL A 399 -10.75 14.77 -26.99
N GLU A 400 -10.87 16.02 -27.40
CA GLU A 400 -9.72 16.94 -27.52
C GLU A 400 -9.56 17.80 -26.28
N ASN A 401 -8.36 18.37 -26.11
CA ASN A 401 -8.05 19.20 -24.95
C ASN A 401 -8.36 18.53 -23.63
N GLN A 402 -8.05 17.23 -23.55
CA GLN A 402 -8.27 16.50 -22.33
C GLN A 402 -7.59 17.18 -21.14
N ARG A 403 -8.34 17.25 -20.05
CA ARG A 403 -7.96 17.93 -18.83
C ARG A 403 -8.90 17.37 -17.78
N MET A 404 -8.44 17.21 -16.54
CA MET A 404 -9.33 16.70 -15.51
C MET A 404 -10.32 17.77 -15.08
N ASP A 405 -11.47 17.34 -14.54
CA ASP A 405 -12.45 18.23 -13.90
C ASP A 405 -13.10 19.22 -14.85
N GLY A 406 -13.36 18.77 -16.08
CA GLY A 406 -14.08 19.57 -17.02
C GLY A 406 -15.36 18.84 -17.39
N ALA A 407 -16.06 19.41 -18.35
CA ALA A 407 -17.21 18.77 -18.93
C ALA A 407 -16.81 18.40 -20.36
N ILE A 408 -17.59 17.54 -21.00
CA ILE A 408 -17.33 17.19 -22.37
C ILE A 408 -18.43 17.75 -23.24
N ALA A 409 -18.07 18.68 -24.11
CA ALA A 409 -18.99 19.39 -24.96
C ALA A 409 -18.92 18.84 -26.38
N ILE A 410 -20.09 18.50 -26.93
CA ILE A 410 -20.16 17.98 -28.28
C ILE A 410 -20.78 19.06 -29.17
N THR A 411 -20.11 19.37 -30.27
CA THR A 411 -20.58 20.44 -31.14
C THR A 411 -20.42 20.05 -32.60
N GLN A 412 -21.19 20.71 -33.45
CA GLN A 412 -21.13 20.44 -34.89
C GLN A 412 -20.29 21.49 -35.59
N THR A 413 -19.51 21.02 -36.55
CA THR A 413 -18.57 21.86 -37.26
C THR A 413 -18.62 21.54 -38.74
N PRO A 414 -18.11 22.44 -39.61
CA PRO A 414 -17.75 21.93 -40.94
C PRO A 414 -16.86 20.71 -40.76
N ASN A 415 -16.86 19.78 -41.71
CA ASN A 415 -16.27 18.42 -41.59
C ASN A 415 -16.31 17.83 -40.16
N GLY A 416 -17.49 17.34 -39.76
CA GLY A 416 -17.59 16.41 -38.65
C GLY A 416 -17.94 16.91 -37.25
N LEU A 417 -18.15 15.95 -36.34
CA LEU A 417 -18.47 16.21 -34.94
C LEU A 417 -17.24 16.49 -34.10
N LEU A 418 -17.37 17.42 -33.15
CA LEU A 418 -16.23 17.71 -32.28
C LEU A 418 -16.56 17.45 -30.83
N ALA A 419 -15.75 16.63 -30.18
CA ALA A 419 -15.85 16.41 -28.73
C ALA A 419 -14.71 17.11 -28.02
N GLN A 420 -15.01 18.12 -27.20
CA GLN A 420 -13.91 18.74 -26.46
C GLN A 420 -14.15 18.90 -24.98
N CYS A 421 -13.07 18.81 -24.23
CA CYS A 421 -13.08 18.98 -22.81
C CYS A 421 -13.03 20.48 -22.53
N LYS A 422 -13.92 20.98 -21.69
CA LYS A 422 -13.93 22.40 -21.37
C LYS A 422 -14.15 22.56 -19.89
N ILE A 423 -13.42 23.49 -19.26
CA ILE A 423 -13.74 23.84 -17.89
C ILE A 423 -15.11 24.52 -17.87
N LEU A 424 -15.83 24.30 -16.76
CA LEU A 424 -17.21 24.74 -16.61
C LEU A 424 -17.48 26.18 -17.04
N ARG A 425 -16.55 27.08 -16.73
CA ARG A 425 -16.81 28.49 -16.97
C ARG A 425 -16.70 28.82 -18.44
N ASP A 426 -16.12 27.92 -19.22
CA ASP A 426 -15.98 28.13 -20.65
C ASP A 426 -17.17 27.62 -21.46
N LEU A 427 -18.10 26.91 -20.81
CA LEU A 427 -19.25 26.37 -21.51
C LEU A 427 -20.12 27.49 -22.04
N LYS A 428 -20.62 27.31 -23.25
CA LYS A 428 -21.46 28.31 -23.90
C LYS A 428 -22.85 27.78 -24.12
N ALA A 429 -23.85 28.64 -23.90
CA ALA A 429 -25.23 28.31 -24.21
C ALA A 429 -25.36 27.69 -25.61
N GLY A 430 -26.17 26.64 -25.72
CA GLY A 430 -26.37 26.00 -27.01
C GLY A 430 -25.46 24.81 -27.22
N GLU A 431 -24.51 24.62 -26.31
CA GLU A 431 -23.63 23.47 -26.39
C GLU A 431 -24.33 22.24 -25.80
N GLN A 432 -24.08 21.09 -26.40
CA GLN A 432 -24.48 19.82 -25.82
C GLN A 432 -23.35 19.25 -24.96
N VAL A 433 -23.70 18.81 -23.76
CA VAL A 433 -22.72 18.34 -22.79
C VAL A 433 -23.10 16.92 -22.38
N ILE A 434 -22.11 16.06 -22.21
CA ILE A 434 -22.38 14.69 -21.83
C ILE A 434 -22.83 14.56 -20.37
N VAL A 435 -23.95 13.87 -20.15
CA VAL A 435 -24.40 13.58 -18.79
C VAL A 435 -24.40 12.06 -18.61
N ASP A 436 -24.70 11.59 -17.39
CA ASP A 436 -24.67 10.17 -17.03
C ASP A 436 -23.32 9.54 -17.36
N VAL A 437 -23.28 8.23 -17.51
CA VAL A 437 -22.00 7.53 -17.65
C VAL A 437 -22.00 6.52 -18.79
N LEU A 438 -22.94 6.69 -19.72
CA LEU A 438 -23.05 5.83 -20.89
C LEU A 438 -22.12 6.33 -22.00
N GLY A 439 -21.66 5.43 -22.87
CA GLY A 439 -20.85 5.80 -24.02
C GLY A 439 -19.58 6.60 -23.76
N ILE A 440 -18.89 6.27 -22.67
CA ILE A 440 -17.58 6.87 -22.35
C ILE A 440 -16.57 5.79 -22.04
N ARG A 441 -15.36 5.91 -22.58
CA ARG A 441 -14.28 4.99 -22.26
C ARG A 441 -12.93 5.69 -22.42
N THR A 442 -11.91 5.15 -21.77
CA THR A 442 -10.57 5.70 -21.87
C THR A 442 -9.65 4.71 -22.52
N ILE A 443 -8.47 5.20 -22.89
CA ILE A 443 -7.39 4.36 -23.41
C ILE A 443 -6.26 4.30 -22.39
N ARG A 444 -5.85 3.07 -22.05
CA ARG A 444 -4.92 2.75 -20.96
C ARG A 444 -4.57 3.92 -20.01
N VAL A 464 6.18 19.47 17.62
CA VAL A 464 4.74 19.48 17.94
C VAL A 464 4.47 19.92 19.36
N SER A 465 3.42 20.71 19.59
CA SER A 465 3.14 21.25 20.90
C SER A 465 2.61 20.19 21.87
N SER A 466 3.06 20.28 23.11
CA SER A 466 2.71 19.34 24.17
C SER A 466 1.27 19.47 24.60
N GLU A 467 0.80 18.46 25.33
CA GLU A 467 -0.57 18.48 25.81
C GLU A 467 -0.79 19.67 26.70
N ARG A 468 0.15 19.92 27.62
CA ARG A 468 -0.02 21.01 28.57
C ARG A 468 -0.02 22.37 27.86
N ARG A 469 0.85 22.52 26.88
CA ARG A 469 0.90 23.73 26.05
C ARG A 469 -0.41 23.98 25.31
N VAL A 470 -0.85 22.97 24.58
CA VAL A 470 -2.10 23.05 23.85
C VAL A 470 -3.24 23.43 24.80
N GLU A 471 -3.29 22.78 25.97
CA GLU A 471 -4.39 23.05 26.88
C GLU A 471 -4.32 24.49 27.40
N LEU A 472 -3.11 25.03 27.53
CA LEU A 472 -2.97 26.38 28.07
C LEU A 472 -3.23 27.45 27.00
N VAL A 473 -2.97 27.14 25.74
CA VAL A 473 -3.26 28.13 24.72
C VAL A 473 -4.76 28.16 24.48
N VAL A 474 -5.41 27.00 24.55
CA VAL A 474 -6.86 26.90 24.41
C VAL A 474 -7.57 27.71 25.50
N GLU A 475 -7.15 27.54 26.75
CA GLU A 475 -7.69 28.32 27.87
C GLU A 475 -7.59 29.81 27.63
N GLN A 476 -6.40 30.23 27.22
CA GLN A 476 -6.11 31.65 26.97
C GLN A 476 -6.93 32.19 25.80
N VAL A 477 -7.01 31.43 24.71
CA VAL A 477 -7.70 31.91 23.52
C VAL A 477 -9.22 31.92 23.72
N ALA A 478 -9.73 30.92 24.44
CA ALA A 478 -11.15 30.86 24.71
C ALA A 478 -11.59 31.99 25.61
N TRP A 479 -10.83 32.23 26.67
CA TRP A 479 -11.10 33.35 27.55
C TRP A 479 -11.09 34.67 26.75
N GLU A 480 -10.10 34.82 25.86
CA GLU A 480 -10.00 35.98 24.96
C GLU A 480 -11.21 36.15 24.04
N LEU A 481 -11.62 35.07 23.38
CA LEU A 481 -12.78 35.13 22.51
C LEU A 481 -14.07 35.51 23.25
N ARG A 482 -14.30 34.90 24.42
CA ARG A 482 -15.51 35.20 25.20
C ARG A 482 -15.54 36.66 25.59
N LYS A 483 -14.38 37.17 25.94
CA LYS A 483 -14.20 38.53 26.41
C LYS A 483 -14.45 39.56 25.31
N ILE A 484 -13.91 39.31 24.13
CA ILE A 484 -14.12 40.19 23.00
C ILE A 484 -15.59 40.19 22.60
N ARG A 485 -16.21 39.00 22.54
CA ARG A 485 -17.63 38.94 22.17
C ARG A 485 -18.47 39.78 23.14
N ASP A 486 -18.25 39.58 24.43
CA ASP A 486 -19.03 40.28 25.43
C ASP A 486 -18.84 41.78 25.34
N ALA A 487 -17.65 42.23 24.94
CA ALA A 487 -17.38 43.68 24.82
C ALA A 487 -17.83 44.28 23.49
N GLY A 488 -18.24 43.45 22.54
CA GLY A 488 -18.64 43.95 21.24
C GLY A 488 -17.50 44.37 20.35
N GLY A 489 -16.34 43.74 20.55
CA GLY A 489 -15.18 43.99 19.71
C GLY A 489 -15.20 43.09 18.49
N LYS A 490 -14.09 43.07 17.76
CA LYS A 490 -14.05 42.43 16.46
C LYS A 490 -12.97 41.33 16.37
N VAL A 491 -13.43 40.11 16.10
CA VAL A 491 -12.54 38.98 15.84
C VAL A 491 -12.66 38.56 14.36
N VAL A 492 -11.51 38.29 13.74
CA VAL A 492 -11.44 37.90 12.34
C VAL A 492 -10.82 36.52 12.24
N VAL A 493 -11.45 35.66 11.45
CA VAL A 493 -10.90 34.33 11.20
C VAL A 493 -10.38 34.23 9.78
N THR A 494 -9.14 33.77 9.65
CA THR A 494 -8.59 33.35 8.36
C THR A 494 -8.45 31.84 8.42
N ALA A 495 -9.00 31.14 7.44
CA ALA A 495 -8.97 29.69 7.47
C ALA A 495 -8.76 29.09 6.08
N GLY A 496 -8.12 27.92 6.05
CA GLY A 496 -7.92 27.18 4.81
C GLY A 496 -8.77 25.94 4.82
N PRO A 497 -8.83 25.23 3.67
CA PRO A 497 -9.68 24.05 3.51
C PRO A 497 -9.33 22.86 4.41
N VAL A 498 -8.15 22.87 5.02
CA VAL A 498 -7.79 21.80 5.95
C VAL A 498 -8.72 21.78 7.16
N VAL A 499 -9.26 22.93 7.54
CA VAL A 499 -10.25 23.00 8.62
C VAL A 499 -11.43 22.08 8.34
N ILE A 500 -11.80 21.98 7.06
CA ILE A 500 -12.86 21.08 6.67
C ILE A 500 -12.33 19.64 6.47
N HIS A 501 -11.21 19.46 5.78
CA HIS A 501 -10.70 18.10 5.53
C HIS A 501 -10.50 17.31 6.80
N THR A 502 -9.91 17.93 7.80
CA THR A 502 -9.56 17.21 9.00
C THR A 502 -10.80 16.87 9.86
N GLY A 503 -11.92 17.57 9.61
CA GLY A 503 -13.14 17.37 10.37
C GLY A 503 -13.56 18.53 11.28
N GLY A 504 -13.03 19.73 11.06
CA GLY A 504 -13.25 20.81 12.00
C GLY A 504 -14.32 21.82 11.65
N GLY A 505 -14.95 21.66 10.50
CA GLY A 505 -15.98 22.57 10.02
C GLY A 505 -17.12 22.88 10.97
N GLU A 506 -17.68 21.86 11.62
CA GLU A 506 -18.85 22.12 12.45
C GLU A 506 -18.47 22.88 13.72
N HIS A 507 -17.20 22.79 14.12
CA HIS A 507 -16.74 23.59 15.22
C HIS A 507 -16.61 25.05 14.83
N LEU A 508 -16.22 25.31 13.59
CA LEU A 508 -16.04 26.68 13.13
C LEU A 508 -17.38 27.34 12.89
N SER A 509 -18.30 26.58 12.32
CA SER A 509 -19.62 27.15 12.04
C SER A 509 -20.31 27.41 13.37
N ARG A 510 -20.03 26.58 14.36
CA ARG A 510 -20.53 26.88 15.70
C ARG A 510 -19.94 28.18 16.24
N LEU A 511 -18.65 28.40 16.06
CA LEU A 511 -18.05 29.69 16.47
C LEU A 511 -18.74 30.85 15.80
N ILE A 512 -19.05 30.69 14.53
CA ILE A 512 -19.66 31.76 13.76
C ILE A 512 -21.12 32.01 14.16
N ARG A 513 -21.87 30.95 14.45
CA ARG A 513 -23.29 31.07 14.83
C ARG A 513 -23.48 31.69 16.20
N GLU A 514 -22.57 31.37 17.11
CA GLU A 514 -22.67 31.86 18.48
C GLU A 514 -22.00 33.21 18.71
N GLY A 515 -21.50 33.84 17.63
CA GLY A 515 -21.11 35.25 17.66
C GLY A 515 -19.66 35.62 17.94
N TYR A 516 -18.75 34.65 17.83
CA TYR A 516 -17.34 34.87 18.14
C TYR A 516 -16.51 35.33 16.94
N VAL A 517 -17.11 35.39 15.76
CA VAL A 517 -16.39 35.67 14.50
C VAL A 517 -17.05 36.82 13.73
N GLN A 518 -16.39 37.97 13.59
CA GLN A 518 -17.05 39.09 12.90
C GLN A 518 -16.76 39.16 11.40
N ALA A 519 -15.76 38.42 10.93
CA ALA A 519 -15.42 38.37 9.52
C ALA A 519 -14.62 37.12 9.19
N LEU A 520 -14.85 36.55 8.01
CA LEU A 520 -14.14 35.34 7.62
C LEU A 520 -13.38 35.60 6.34
N LEU A 521 -12.07 35.34 6.36
CA LEU A 521 -11.26 35.55 5.17
C LEU A 521 -10.73 34.20 4.76
N GLY A 522 -10.90 33.87 3.49
CA GLY A 522 -10.49 32.58 2.98
C GLY A 522 -10.29 32.58 1.49
N GLY A 523 -10.49 31.40 0.91
CA GLY A 523 -10.30 31.17 -0.50
C GLY A 523 -11.45 30.37 -1.06
N ASN A 524 -11.34 30.05 -2.34
CA ASN A 524 -12.34 29.30 -3.06
C ASN A 524 -12.54 27.92 -2.44
N ALA A 525 -11.43 27.28 -2.11
CA ALA A 525 -11.42 25.91 -1.61
C ALA A 525 -12.21 25.69 -0.34
N ILE A 526 -12.05 26.55 0.67
CA ILE A 526 -12.67 26.29 1.94
C ILE A 526 -14.18 26.36 1.79
N ALA A 527 -14.66 27.26 0.94
CA ALA A 527 -16.10 27.40 0.75
C ALA A 527 -16.65 26.18 0.01
N VAL A 528 -15.96 25.74 -1.04
CA VAL A 528 -16.40 24.60 -1.82
C VAL A 528 -16.52 23.33 -0.98
N HIS A 529 -15.51 23.05 -0.18
CA HIS A 529 -15.50 21.83 0.63
C HIS A 529 -16.46 21.87 1.81
N ASP A 530 -16.59 23.02 2.46
CA ASP A 530 -17.58 23.16 3.51
C ASP A 530 -19.01 22.93 2.99
N ILE A 531 -19.31 23.52 1.84
CA ILE A 531 -20.59 23.31 1.17
C ILE A 531 -20.74 21.84 0.70
N GLU A 532 -19.65 21.26 0.20
CA GLU A 532 -19.64 19.82 -0.13
C GLU A 532 -19.91 18.94 1.10
N GLN A 533 -19.26 19.25 2.22
CA GLN A 533 -19.46 18.44 3.43
C GLN A 533 -20.91 18.53 3.92
N ASN A 534 -21.54 19.68 3.76
CA ASN A 534 -22.89 19.84 4.26
C ASN A 534 -23.98 19.38 3.30
N MET A 535 -23.70 19.40 2.00
CA MET A 535 -24.65 18.91 1.00
C MET A 535 -24.54 17.39 0.82
N MET A 536 -23.34 16.82 0.95
CA MET A 536 -23.17 15.42 0.62
C MET A 536 -22.34 14.62 1.60
N GLY A 537 -21.97 15.24 2.71
CA GLY A 537 -21.23 14.53 3.75
C GLY A 537 -19.82 14.14 3.37
N THR A 538 -19.36 14.60 2.21
CA THR A 538 -18.01 14.28 1.73
C THR A 538 -17.10 15.53 1.61
N SER A 539 -15.80 15.30 1.63
CA SER A 539 -14.83 16.36 1.36
C SER A 539 -13.77 15.80 0.43
N LEU A 540 -13.72 16.31 -0.80
CA LEU A 540 -12.93 15.69 -1.86
C LEU A 540 -13.29 14.21 -2.00
N GLY A 541 -14.59 13.91 -1.93
CA GLY A 541 -15.08 12.55 -2.11
C GLY A 541 -14.83 11.62 -0.93
N VAL A 542 -14.10 12.13 0.07
CA VAL A 542 -13.88 11.39 1.31
C VAL A 542 -15.07 11.54 2.26
N ASP A 543 -15.75 10.43 2.51
CA ASP A 543 -16.86 10.40 3.46
C ASP A 543 -16.36 10.65 4.88
N MET A 544 -16.90 11.67 5.53
CA MET A 544 -16.48 12.00 6.89
C MET A 544 -16.93 10.97 7.95
N LYS A 545 -18.02 10.25 7.67
CA LYS A 545 -18.50 9.15 8.51
C LYS A 545 -17.43 8.05 8.70
N ARG A 546 -16.69 7.76 7.63
CA ARG A 546 -15.70 6.68 7.64
C ARG A 546 -14.31 7.18 8.07
N GLY A 547 -14.02 8.46 7.84
CA GLY A 547 -12.71 8.99 8.18
C GLY A 547 -11.86 9.26 6.96
N VAL A 548 -11.49 8.20 6.25
CA VAL A 548 -10.83 8.34 4.94
C VAL A 548 -11.33 7.25 3.99
N ALA A 549 -10.88 7.32 2.75
CA ALA A 549 -11.27 6.34 1.73
C ALA A 549 -10.09 6.03 0.81
N VAL A 550 -10.31 5.20 -0.21
CA VAL A 550 -9.31 4.99 -1.25
C VAL A 550 -9.33 6.19 -2.20
N ARG A 551 -8.82 7.31 -1.67
CA ARG A 551 -8.99 8.65 -2.23
C ARG A 551 -10.53 8.91 -2.34
N GLY A 552 -11.03 9.45 -3.44
CA GLY A 552 -12.43 9.80 -3.57
C GLY A 552 -12.63 10.59 -4.84
N GLY A 553 -13.78 10.42 -5.48
CA GLY A 553 -14.04 11.06 -6.75
C GLY A 553 -14.23 12.56 -6.63
N HIS A 554 -14.08 13.25 -7.76
CA HIS A 554 -14.24 14.69 -7.84
C HIS A 554 -15.68 15.10 -8.18
N ARG A 555 -16.54 14.12 -8.41
CA ARG A 555 -17.92 14.42 -8.83
C ARG A 555 -18.66 15.29 -7.83
N HIS A 556 -18.58 14.95 -6.54
CA HIS A 556 -19.30 15.71 -5.50
C HIS A 556 -18.84 17.16 -5.47
N HIS A 557 -17.52 17.30 -5.50
CA HIS A 557 -16.80 18.56 -5.54
C HIS A 557 -17.29 19.45 -6.71
N LEU A 558 -17.31 18.88 -7.90
CA LEU A 558 -17.72 19.61 -9.10
C LEU A 558 -19.21 19.91 -9.13
N LYS A 559 -20.03 19.00 -8.64
CA LYS A 559 -21.46 19.28 -8.63
C LYS A 559 -21.73 20.53 -7.78
N VAL A 560 -21.04 20.65 -6.66
CA VAL A 560 -21.19 21.82 -5.78
C VAL A 560 -20.87 23.11 -6.51
N ILE A 561 -19.71 23.15 -7.17
CA ILE A 561 -19.28 24.33 -7.89
C ILE A 561 -20.27 24.70 -8.97
N ASN A 562 -20.79 23.69 -9.65
CA ASN A 562 -21.76 23.93 -10.73
C ASN A 562 -23.09 24.43 -10.18
N THR A 563 -23.55 23.78 -9.12
CA THR A 563 -24.81 24.17 -8.51
C THR A 563 -24.79 25.62 -7.99
N ILE A 564 -23.68 26.06 -7.40
CA ILE A 564 -23.60 27.43 -6.86
C ILE A 564 -23.49 28.43 -7.98
N ARG A 565 -22.74 28.08 -9.03
CA ARG A 565 -22.63 28.96 -10.20
C ARG A 565 -24.01 29.12 -10.87
N ARG A 566 -24.80 28.05 -10.95
CA ARG A 566 -26.14 28.16 -11.51
C ARG A 566 -27.01 29.09 -10.67
N HIS A 567 -26.92 28.98 -9.35
CA HIS A 567 -27.70 29.86 -8.50
C HIS A 567 -27.20 31.28 -8.59
N GLY A 568 -25.90 31.47 -8.74
CA GLY A 568 -25.34 32.81 -8.94
C GLY A 568 -24.51 33.32 -7.79
N SER A 569 -24.67 32.71 -6.62
CA SER A 569 -23.93 33.12 -5.44
C SER A 569 -24.16 32.12 -4.32
N ILE A 570 -23.31 32.16 -3.30
CA ILE A 570 -23.54 31.34 -2.12
C ILE A 570 -24.84 31.72 -1.40
N ALA A 571 -25.14 33.02 -1.32
CA ALA A 571 -26.35 33.46 -0.61
C ALA A 571 -27.62 32.94 -1.27
N LYS A 572 -27.64 32.96 -2.60
CA LYS A 572 -28.78 32.42 -3.33
C LYS A 572 -28.90 30.91 -3.13
N GLY A 573 -27.77 30.24 -2.94
CA GLY A 573 -27.77 28.83 -2.56
C GLY A 573 -28.41 28.59 -1.21
N VAL A 574 -28.27 29.55 -0.30
CA VAL A 574 -28.94 29.49 1.00
C VAL A 574 -30.44 29.87 0.90
N GLU A 575 -30.74 30.94 0.19
CA GLU A 575 -32.12 31.36 -0.06
C GLU A 575 -32.94 30.25 -0.73
N SER A 576 -32.36 29.57 -1.70
CA SER A 576 -33.06 28.50 -2.43
C SER A 576 -33.23 27.23 -1.64
N GLY A 577 -32.58 27.14 -0.48
CA GLY A 577 -32.65 25.94 0.33
C GLY A 577 -31.70 24.80 0.05
N ILE A 578 -30.79 24.93 -0.92
CA ILE A 578 -29.90 23.77 -1.23
C ILE A 578 -28.65 23.76 -0.32
N ILE A 579 -28.33 24.89 0.31
CA ILE A 579 -27.30 24.91 1.35
C ILE A 579 -27.92 25.16 2.71
N ARG A 580 -27.91 24.17 3.60
CA ARG A 580 -28.74 24.23 4.81
C ARG A 580 -27.94 24.34 6.10
N SER A 581 -26.64 24.12 6.01
CA SER A 581 -25.82 24.12 7.20
C SER A 581 -24.37 24.28 6.81
N GLY A 582 -23.53 24.61 7.78
CA GLY A 582 -22.10 24.71 7.58
C GLY A 582 -21.59 26.12 7.80
N VAL A 583 -20.28 26.29 7.58
CA VAL A 583 -19.60 27.55 7.78
C VAL A 583 -20.18 28.67 6.92
N MET A 584 -20.36 28.43 5.64
CA MET A 584 -20.80 29.51 4.76
C MET A 584 -22.24 29.84 5.06
N TYR A 585 -23.04 28.80 5.29
CA TYR A 585 -24.42 28.95 5.72
C TYR A 585 -24.51 29.92 6.90
N GLU A 586 -23.71 29.71 7.93
CA GLU A 586 -23.77 30.59 9.10
C GLU A 586 -23.34 32.02 8.77
N CYS A 587 -22.35 32.19 7.90
CA CYS A 587 -21.94 33.54 7.52
C CYS A 587 -23.10 34.25 6.87
N VAL A 588 -23.72 33.60 5.90
CA VAL A 588 -24.93 34.16 5.27
C VAL A 588 -26.06 34.44 6.27
N ARG A 589 -26.43 33.46 7.10
CA ARG A 589 -27.61 33.64 7.97
C ARG A 589 -27.39 34.64 9.11
N ASN A 590 -26.15 34.83 9.53
CA ASN A 590 -25.87 35.78 10.60
C ASN A 590 -25.23 37.04 10.08
N GLN A 591 -25.23 37.18 8.77
CA GLN A 591 -24.65 38.32 8.06
C GLN A 591 -23.20 38.62 8.46
N ILE A 592 -22.38 37.58 8.57
CA ILE A 592 -20.94 37.75 8.76
C ILE A 592 -20.35 37.97 7.38
N PRO A 593 -19.70 39.13 7.18
CA PRO A 593 -19.05 39.41 5.90
C PRO A 593 -17.92 38.43 5.69
N PHE A 594 -17.79 37.93 4.47
CA PHE A 594 -16.66 37.07 4.16
C PHE A 594 -16.06 37.48 2.82
N VAL A 595 -14.79 37.10 2.62
CA VAL A 595 -14.09 37.39 1.37
C VAL A 595 -13.40 36.11 0.92
N LEU A 596 -13.64 35.72 -0.32
CA LEU A 596 -12.96 34.58 -0.90
C LEU A 596 -11.95 35.08 -1.91
N ALA A 597 -10.66 35.04 -1.55
CA ALA A 597 -9.60 35.48 -2.45
C ALA A 597 -9.21 34.35 -3.38
N GLY A 598 -9.12 34.64 -4.67
CA GLY A 598 -8.78 33.61 -5.65
C GLY A 598 -7.33 33.16 -5.62
N SER A 599 -7.07 32.03 -6.27
CA SER A 599 -5.71 31.52 -6.43
C SER A 599 -5.60 30.82 -7.77
N ILE A 600 -4.37 30.49 -8.14
CA ILE A 600 -4.04 29.91 -9.42
C ILE A 600 -4.61 28.50 -9.60
N ARG A 601 -4.84 27.81 -8.49
CA ARG A 601 -5.34 26.46 -8.59
C ARG A 601 -6.86 26.34 -8.40
N ASP A 602 -7.57 27.46 -8.34
CA ASP A 602 -9.02 27.42 -8.13
C ASP A 602 -9.80 26.67 -9.21
N ASP A 603 -10.68 25.78 -8.76
CA ASP A 603 -11.63 25.13 -9.65
C ASP A 603 -12.88 25.98 -9.73
N GLY A 604 -13.35 26.24 -10.95
CA GLY A 604 -14.56 27.02 -11.15
C GLY A 604 -14.27 28.41 -11.69
N PRO A 605 -14.23 29.42 -10.82
CA PRO A 605 -14.40 29.27 -9.38
C PRO A 605 -15.86 29.53 -9.02
N LEU A 606 -16.20 29.55 -7.72
CA LEU A 606 -17.48 30.08 -7.26
C LEU A 606 -17.66 31.51 -7.71
N PRO A 607 -18.91 31.94 -7.98
CA PRO A 607 -19.13 33.34 -8.36
C PRO A 607 -18.69 34.34 -7.28
N ASP A 608 -18.74 33.92 -6.02
CA ASP A 608 -18.37 34.77 -4.91
C ASP A 608 -16.89 35.09 -4.83
N THR A 609 -16.09 34.29 -5.52
CA THR A 609 -14.64 34.38 -5.41
C THR A 609 -14.07 35.56 -6.21
N GLN A 610 -13.21 36.33 -5.55
CA GLN A 610 -12.60 37.53 -6.13
C GLN A 610 -11.30 37.17 -6.86
N MET A 611 -11.33 37.20 -8.19
CA MET A 611 -10.20 36.75 -9.00
C MET A 611 -9.32 37.93 -9.46
N ASP A 612 -9.72 39.13 -9.07
CA ASP A 612 -8.87 40.29 -9.16
C ASP A 612 -8.20 40.46 -7.81
N LEU A 613 -6.91 40.15 -7.72
CA LEU A 613 -6.27 40.08 -6.42
C LEU A 613 -5.88 41.44 -5.86
N ILE A 614 -5.78 42.45 -6.73
CA ILE A 614 -5.63 43.82 -6.25
C ILE A 614 -6.86 44.13 -5.40
N LYS A 615 -8.04 43.84 -5.94
CA LYS A 615 -9.28 44.05 -5.19
C LYS A 615 -9.37 43.17 -3.96
N ALA A 616 -9.01 41.90 -4.09
CA ALA A 616 -9.06 40.98 -2.95
C ALA A 616 -8.26 41.52 -1.76
N GLN A 617 -7.05 42.02 -2.04
CA GLN A 617 -6.19 42.61 -0.97
C GLN A 617 -6.87 43.81 -0.32
N GLU A 618 -7.51 44.62 -1.14
CA GLU A 618 -8.21 45.79 -0.63
C GLU A 618 -9.40 45.35 0.24
N GLU A 619 -10.08 44.29 -0.15
CA GLU A 619 -11.23 43.82 0.64
C GLU A 619 -10.79 43.19 1.95
N TYR A 620 -9.76 42.35 1.87
CA TYR A 620 -9.10 41.87 3.06
C TYR A 620 -8.77 43.03 3.99
N ALA A 621 -8.13 44.06 3.47
CA ALA A 621 -7.69 45.17 4.32
C ALA A 621 -8.88 45.84 4.96
N LYS A 622 -9.95 46.04 4.19
CA LYS A 622 -11.10 46.73 4.73
C LYS A 622 -11.68 45.92 5.90
N HIS A 623 -11.80 44.61 5.72
CA HIS A 623 -12.40 43.81 6.77
C HIS A 623 -11.49 43.62 7.98
N LEU A 624 -10.21 43.95 7.85
CA LEU A 624 -9.27 43.83 8.96
C LEU A 624 -9.27 45.06 9.86
N GLU A 625 -9.82 46.18 9.39
CA GLU A 625 -9.95 47.38 10.24
C GLU A 625 -10.61 47.06 11.57
N GLY A 626 -9.96 47.48 12.65
CA GLY A 626 -10.57 47.45 13.97
C GLY A 626 -10.48 46.11 14.67
N ALA A 627 -9.83 45.15 14.02
CA ALA A 627 -9.68 43.81 14.55
C ALA A 627 -8.84 43.80 15.81
N GLU A 628 -9.36 43.19 16.86
CA GLU A 628 -8.63 43.03 18.11
C GLU A 628 -7.93 41.69 18.13
N MET A 629 -8.39 40.76 17.30
CA MET A 629 -7.81 39.43 17.29
C MET A 629 -7.98 38.72 15.95
N ILE A 630 -6.97 37.97 15.54
CA ILE A 630 -7.03 37.23 14.30
C ILE A 630 -6.71 35.79 14.57
N LEU A 631 -7.66 34.94 14.22
CA LEU A 631 -7.48 33.49 14.29
C LEU A 631 -7.03 32.98 12.93
N MET A 632 -5.80 32.50 12.86
CA MET A 632 -5.28 31.98 11.62
C MET A 632 -5.23 30.48 11.67
N LEU A 633 -6.21 29.84 11.05
CA LEU A 633 -6.37 28.41 11.14
C LEU A 633 -5.84 27.68 9.90
N SER A 634 -4.67 27.08 10.02
CA SER A 634 -4.07 26.23 9.00
C SER A 634 -4.14 26.82 7.59
N SER A 635 -3.56 27.99 7.39
CA SER A 635 -3.59 28.61 6.07
C SER A 635 -2.38 29.49 5.86
N MET A 636 -1.27 28.90 5.41
CA MET A 636 -0.04 29.63 5.22
C MET A 636 -0.20 30.83 4.28
N LEU A 637 -0.73 30.61 3.08
CA LEU A 637 -0.76 31.68 2.09
C LEU A 637 -1.60 32.86 2.57
N HIS A 638 -2.72 32.55 3.25
CA HIS A 638 -3.65 33.59 3.68
C HIS A 638 -3.24 34.21 4.99
N SER A 639 -2.67 33.43 5.89
CA SER A 639 -2.22 33.97 7.15
C SER A 639 -1.06 34.95 6.98
N ILE A 640 -0.12 34.64 6.09
CA ILE A 640 0.94 35.60 5.79
C ILE A 640 0.36 36.85 5.13
N GLY A 641 -0.56 36.66 4.20
CA GLY A 641 -1.18 37.79 3.54
C GLY A 641 -1.80 38.73 4.55
N VAL A 642 -2.45 38.14 5.56
CA VAL A 642 -3.16 38.90 6.59
C VAL A 642 -2.18 39.55 7.58
N GLY A 643 -1.14 38.81 7.96
CA GLY A 643 -0.08 39.37 8.79
C GLY A 643 0.51 40.66 8.24
N ASN A 644 0.91 40.64 6.98
CA ASN A 644 1.50 41.82 6.33
C ASN A 644 0.61 43.05 6.38
N MET A 645 -0.70 42.85 6.45
CA MET A 645 -1.66 43.96 6.45
C MET A 645 -2.00 44.45 7.85
N THR A 646 -1.56 43.71 8.85
CA THR A 646 -2.01 43.97 10.20
C THR A 646 -0.95 44.68 11.03
N PRO A 647 -1.29 45.84 11.61
CA PRO A 647 -0.38 46.55 12.50
C PRO A 647 -0.18 45.81 13.83
N ALA A 648 0.84 46.22 14.57
CA ALA A 648 1.07 45.68 15.89
C ALA A 648 -0.12 46.01 16.77
N GLY A 649 -0.30 45.28 17.87
CA GLY A 649 -1.38 45.57 18.79
C GLY A 649 -2.59 44.68 18.63
N VAL A 650 -2.58 43.87 17.57
CA VAL A 650 -3.63 42.92 17.27
C VAL A 650 -3.19 41.55 17.73
N LYS A 651 -3.96 40.93 18.62
CA LYS A 651 -3.62 39.60 19.09
C LYS A 651 -3.70 38.63 17.93
N MET A 652 -2.68 37.79 17.78
CA MET A 652 -2.67 36.86 16.67
C MET A 652 -2.47 35.43 17.11
N VAL A 653 -3.34 34.56 16.61
CA VAL A 653 -3.35 33.17 17.02
C VAL A 653 -3.18 32.29 15.81
N CYS A 654 -2.06 31.60 15.75
CA CYS A 654 -1.69 30.84 14.59
C CYS A 654 -1.68 29.35 14.89
N VAL A 655 -2.50 28.61 14.14
CA VAL A 655 -2.63 27.17 14.34
C VAL A 655 -2.24 26.39 13.09
N ASP A 656 -1.24 25.54 13.23
CA ASP A 656 -0.72 24.78 12.09
C ASP A 656 0.06 23.57 12.58
N ILE A 657 0.09 22.51 11.78
CA ILE A 657 0.82 21.30 12.15
C ILE A 657 2.32 21.37 11.81
N ASN A 658 2.70 22.27 10.91
CA ASN A 658 4.10 22.49 10.52
C ASN A 658 4.75 23.52 11.44
N PRO A 659 5.80 23.13 12.15
CA PRO A 659 6.42 24.04 13.11
C PRO A 659 7.02 25.26 12.43
N ALA A 660 7.48 25.10 11.17
CA ALA A 660 8.12 26.21 10.48
C ALA A 660 7.13 27.34 10.17
N VAL A 661 5.94 27.00 9.71
CA VAL A 661 4.91 28.01 9.46
C VAL A 661 4.57 28.86 10.70
N VAL A 662 4.38 28.17 11.82
CA VAL A 662 4.02 28.81 13.08
C VAL A 662 5.14 29.69 13.60
N THR A 663 6.38 29.23 13.39
CA THR A 663 7.54 30.01 13.77
C THR A 663 7.56 31.34 13.03
N LYS A 664 7.30 31.30 11.72
CA LYS A 664 7.41 32.49 10.91
C LYS A 664 6.31 33.48 11.24
N LEU A 665 5.08 32.99 11.35
CA LEU A 665 3.96 33.84 11.71
C LEU A 665 4.09 34.41 13.13
N SER A 666 4.67 33.64 14.04
CA SER A 666 4.82 34.11 15.41
C SER A 666 6.18 34.76 15.62
N ASP A 667 6.30 36.04 15.28
CA ASP A 667 7.56 36.76 15.46
C ASP A 667 7.32 38.18 15.93
N ARG A 668 6.11 38.40 16.44
CA ARG A 668 5.79 39.65 17.10
C ARG A 668 5.82 39.45 18.61
N GLY A 669 6.34 38.32 19.06
CA GLY A 669 6.55 38.09 20.48
C GLY A 669 5.33 37.62 21.26
N SER A 670 5.58 37.09 22.45
CA SER A 670 4.56 36.44 23.25
C SER A 670 3.31 37.28 23.54
N ILE A 671 3.46 38.59 23.68
CA ILE A 671 2.31 39.40 24.05
C ILE A 671 1.39 39.68 22.85
N GLU A 672 1.80 39.24 21.67
CA GLU A 672 0.99 39.46 20.47
C GLU A 672 0.82 38.22 19.62
N SER A 673 1.89 37.44 19.52
CA SER A 673 1.90 36.19 18.76
C SER A 673 1.73 34.98 19.68
N VAL A 674 0.66 34.23 19.48
CA VAL A 674 0.51 32.95 20.12
C VAL A 674 0.51 31.89 19.03
N GLY A 675 1.40 30.91 19.14
CA GLY A 675 1.48 29.85 18.15
C GLY A 675 1.29 28.49 18.79
N VAL A 676 0.62 27.59 18.08
CA VAL A 676 0.49 26.24 18.59
C VAL A 676 0.62 25.27 17.43
N VAL A 677 1.44 24.25 17.60
CA VAL A 677 1.61 23.24 16.56
C VAL A 677 0.77 22.01 16.90
N THR A 678 -0.35 21.86 16.20
CA THR A 678 -1.32 20.81 16.51
C THR A 678 -2.29 20.73 15.32
N ASP A 679 -3.10 19.69 15.28
CA ASP A 679 -4.13 19.58 14.25
C ASP A 679 -5.20 20.65 14.49
N VAL A 680 -5.51 21.43 13.47
CA VAL A 680 -6.44 22.55 13.65
C VAL A 680 -7.82 22.09 14.08
N GLY A 681 -8.22 20.88 13.68
CA GLY A 681 -9.52 20.35 14.06
C GLY A 681 -9.61 20.08 15.56
N LEU A 682 -8.63 19.37 16.09
CA LEU A 682 -8.54 19.11 17.53
C LEU A 682 -8.52 20.43 18.29
N PHE A 683 -7.71 21.37 17.82
CA PHE A 683 -7.70 22.69 18.41
C PHE A 683 -9.10 23.27 18.50
N LEU A 684 -9.85 23.24 17.39
CA LEU A 684 -11.17 23.86 17.39
C LEU A 684 -12.12 23.12 18.30
N SER A 685 -11.92 21.81 18.38
CA SER A 685 -12.72 20.97 19.24
C SER A 685 -12.50 21.31 20.71
N LEU A 686 -11.25 21.54 21.08
CA LEU A 686 -10.94 21.92 22.46
C LEU A 686 -11.41 23.34 22.72
N LEU A 687 -11.34 24.18 21.70
CA LEU A 687 -11.72 25.58 21.88
C LEU A 687 -13.18 25.68 22.21
N THR A 688 -14.02 25.00 21.44
CA THR A 688 -15.47 25.09 21.64
C THR A 688 -15.86 24.46 22.97
N GLN A 689 -15.29 23.31 23.26
CA GLN A 689 -15.57 22.68 24.54
C GLN A 689 -15.11 23.56 25.72
N GLN A 690 -14.05 24.32 25.53
CA GLN A 690 -13.61 25.28 26.55
C GLN A 690 -14.58 26.46 26.71
N LEU A 691 -15.07 26.96 25.59
CA LEU A 691 -16.07 28.03 25.61
C LEU A 691 -17.35 27.60 26.31
N ASP A 692 -17.70 26.32 26.19
CA ASP A 692 -18.84 25.78 26.91
C ASP A 692 -18.63 25.83 28.42
N LYS A 693 -17.43 25.46 28.87
CA LYS A 693 -17.10 25.47 30.29
C LYS A 693 -17.21 26.86 30.93
N LEU A 694 -17.00 27.92 30.15
CA LEU A 694 -17.05 29.27 30.69
C LEU A 694 -18.50 29.73 30.85
N THR A 695 -19.41 29.05 30.16
CA THR A 695 -20.84 29.35 30.22
C THR A 695 -21.58 28.72 31.43
N SER A 696 -21.05 27.62 31.97
CA SER A 696 -21.80 26.80 32.95
C SER A 696 -22.03 27.35 34.38
N PRO A 697 -21.44 28.51 34.76
CA PRO A 697 -22.06 29.10 35.97
C PRO A 697 -23.21 30.03 35.59
N TYR A 698 -23.43 30.20 34.28
CA TYR A 698 -24.49 31.04 33.71
C TYR A 698 -24.44 32.48 34.23
N ARG B 4 41.77 -19.79 -35.39
CA ARG B 4 40.78 -19.50 -36.42
C ARG B 4 39.40 -19.20 -35.84
N ILE B 5 39.24 -18.02 -35.25
CA ILE B 5 37.97 -17.62 -34.64
C ILE B 5 37.01 -17.05 -35.68
N ARG B 6 35.74 -17.42 -35.61
CA ARG B 6 34.71 -16.88 -36.49
C ARG B 6 33.71 -16.05 -35.69
N PHE B 7 33.37 -14.88 -36.20
CA PHE B 7 32.29 -14.07 -35.66
C PHE B 7 31.19 -13.88 -36.68
N LEU B 8 29.95 -13.85 -36.21
CA LEU B 8 28.82 -13.56 -37.07
C LEU B 8 28.39 -12.12 -36.90
N MET B 9 28.31 -11.37 -38.00
CA MET B 9 27.81 -9.99 -37.97
C MET B 9 26.74 -9.78 -39.05
N CYS B 10 26.13 -8.60 -39.06
CA CYS B 10 25.10 -8.28 -40.04
C CYS B 10 25.19 -6.80 -40.42
N PRO B 11 25.36 -6.52 -41.73
CA PRO B 11 25.51 -5.14 -42.20
C PRO B 11 24.27 -4.27 -41.96
N PRO B 12 24.49 -3.00 -41.59
CA PRO B 12 23.45 -2.02 -41.26
C PRO B 12 22.75 -1.44 -42.47
N ASP B 13 22.53 -2.23 -43.51
CA ASP B 13 21.96 -1.72 -44.76
C ASP B 13 20.52 -1.26 -44.58
N HIS B 14 19.79 -1.86 -43.63
CA HIS B 14 18.43 -1.43 -43.35
C HIS B 14 18.27 -1.04 -41.89
N TYR B 15 19.34 -0.54 -41.30
CA TYR B 15 19.33 -0.22 -39.89
C TYR B 15 18.49 1.02 -39.61
N ASP B 16 17.94 1.08 -38.41
CA ASP B 16 17.08 2.18 -38.01
C ASP B 16 16.66 2.02 -36.53
N VAL B 17 15.84 2.95 -36.05
CA VAL B 17 15.12 2.78 -34.81
C VAL B 17 13.62 2.95 -35.14
N ASP B 18 12.98 1.85 -35.51
CA ASP B 18 11.60 1.86 -35.99
C ASP B 18 10.58 1.92 -34.86
N TYR B 19 11.04 1.66 -33.65
CA TYR B 19 10.17 1.43 -32.50
C TYR B 19 10.97 1.57 -31.21
N VAL B 20 10.32 1.31 -30.07
CA VAL B 20 10.96 1.41 -28.74
C VAL B 20 10.67 0.17 -27.90
N ILE B 21 11.72 -0.57 -27.54
CA ILE B 21 11.53 -1.79 -26.75
C ILE B 21 12.58 -1.89 -25.64
N ASN B 22 13.48 -0.92 -25.60
CA ASN B 22 14.34 -0.74 -24.43
C ASN B 22 14.55 0.76 -24.20
N PRO B 23 14.92 1.15 -22.97
CA PRO B 23 14.90 2.59 -22.65
C PRO B 23 15.82 3.47 -23.53
N TRP B 24 16.91 2.92 -24.04
CA TRP B 24 17.82 3.71 -24.85
C TRP B 24 17.18 4.17 -26.15
N MET B 25 16.21 3.40 -26.63
CA MET B 25 15.55 3.70 -27.89
C MET B 25 14.56 4.85 -27.75
N GLU B 26 14.32 5.27 -26.51
CA GLU B 26 13.31 6.29 -26.24
C GLU B 26 13.64 7.61 -26.95
N GLY B 27 12.69 8.07 -27.76
CA GLY B 27 12.83 9.31 -28.50
C GLY B 27 13.55 9.20 -29.82
N ASN B 28 14.50 8.25 -29.91
CA ASN B 28 15.40 8.12 -31.05
C ASN B 28 14.79 7.54 -32.31
N ILE B 29 13.46 7.43 -32.37
CA ILE B 29 12.78 6.93 -33.56
C ILE B 29 13.04 7.80 -34.80
N HIS B 30 13.54 7.19 -35.87
CA HIS B 30 13.87 7.88 -37.12
C HIS B 30 14.87 9.02 -36.88
N LYS B 31 15.77 8.81 -35.93
CA LYS B 31 16.80 9.78 -35.60
C LYS B 31 18.14 9.13 -35.98
N SER B 32 18.05 8.04 -36.76
CA SER B 32 19.24 7.29 -37.14
C SER B 32 19.90 7.80 -38.44
N SER B 33 21.19 8.10 -38.37
CA SER B 33 21.99 8.42 -39.54
C SER B 33 22.54 7.13 -40.14
N ARG B 34 21.92 6.65 -41.22
CA ARG B 34 22.31 5.37 -41.76
C ARG B 34 23.79 5.36 -42.18
N ASP B 35 24.28 6.50 -42.65
CA ASP B 35 25.65 6.58 -43.15
C ASP B 35 26.73 6.61 -42.06
N ARG B 36 26.48 7.27 -40.93
CA ARG B 36 27.48 7.18 -39.87
C ARG B 36 27.37 5.81 -39.20
N ALA B 37 26.19 5.20 -39.30
CA ALA B 37 25.97 3.85 -38.83
C ALA B 37 26.80 2.89 -39.68
N VAL B 38 26.63 3.00 -41.01
CA VAL B 38 27.41 2.21 -41.94
C VAL B 38 28.91 2.38 -41.70
N GLU B 39 29.34 3.61 -41.44
CA GLU B 39 30.78 3.84 -41.28
C GLU B 39 31.31 3.41 -39.91
N GLN B 40 30.51 3.60 -38.86
CA GLN B 40 30.91 3.08 -37.56
C GLN B 40 30.93 1.55 -37.56
N TRP B 41 29.93 0.95 -38.21
CA TRP B 41 29.86 -0.50 -38.34
C TRP B 41 31.10 -1.04 -39.06
N GLN B 42 31.57 -0.31 -40.06
CA GLN B 42 32.76 -0.71 -40.80
C GLN B 42 33.99 -0.73 -39.89
N GLY B 43 34.11 0.28 -39.03
CA GLY B 43 35.24 0.37 -38.14
C GLY B 43 35.39 -0.89 -37.31
N LEU B 44 34.26 -1.38 -36.81
CA LEU B 44 34.22 -2.63 -36.06
C LEU B 44 34.55 -3.79 -36.97
N TYR B 45 33.83 -3.85 -38.09
CA TYR B 45 34.02 -4.87 -39.09
C TYR B 45 35.49 -4.99 -39.47
N GLN B 46 36.09 -3.89 -39.88
CA GLN B 46 37.48 -3.91 -40.34
C GLN B 46 38.44 -4.32 -39.22
N ILE B 47 38.24 -3.78 -38.02
CA ILE B 47 39.15 -4.10 -36.92
C ILE B 47 39.09 -5.58 -36.59
N LEU B 48 37.89 -6.15 -36.69
CA LEU B 48 37.68 -7.54 -36.28
C LEU B 48 38.26 -8.52 -37.29
N LYS B 49 38.19 -8.20 -38.59
CA LYS B 49 38.78 -9.09 -39.61
C LYS B 49 40.29 -9.09 -39.55
N GLU B 50 40.84 -8.04 -38.94
CA GLU B 50 42.28 -8.01 -38.67
C GLU B 50 42.67 -9.04 -37.62
N HIS B 51 41.69 -9.64 -36.96
CA HIS B 51 41.98 -10.63 -35.93
C HIS B 51 41.15 -11.91 -36.02
N ALA B 52 40.12 -11.92 -36.86
CA ALA B 52 39.32 -13.13 -37.01
C ALA B 52 38.53 -13.22 -38.31
N ILE B 53 38.00 -14.41 -38.58
CA ILE B 53 37.05 -14.62 -39.66
C ILE B 53 35.68 -14.02 -39.32
N VAL B 54 35.12 -13.21 -40.20
CA VAL B 54 33.78 -12.68 -39.99
C VAL B 54 32.80 -13.17 -41.06
N ASP B 55 31.73 -13.82 -40.61
CA ASP B 55 30.66 -14.21 -41.51
C ASP B 55 29.53 -13.19 -41.41
N LEU B 56 28.67 -13.14 -42.42
CA LEU B 56 27.62 -12.16 -42.41
C LEU B 56 26.26 -12.78 -42.70
N VAL B 57 25.22 -12.17 -42.12
CA VAL B 57 23.85 -12.54 -42.37
C VAL B 57 23.31 -11.58 -43.42
N THR B 58 22.48 -12.06 -44.32
CA THR B 58 21.84 -11.20 -45.29
C THR B 58 20.88 -10.23 -44.60
N PRO B 59 21.16 -8.91 -44.69
CA PRO B 59 20.24 -7.93 -44.10
C PRO B 59 18.84 -8.02 -44.71
N GLN B 60 17.84 -7.64 -43.93
CA GLN B 60 16.44 -7.78 -44.31
C GLN B 60 15.68 -6.49 -44.03
N LYS B 61 14.93 -6.00 -45.01
CA LYS B 61 14.09 -4.84 -44.80
C LYS B 61 13.01 -5.17 -43.78
N GLY B 62 12.89 -4.36 -42.75
CA GLY B 62 11.79 -4.51 -41.81
C GLY B 62 12.22 -5.14 -40.50
N TRP B 63 13.50 -5.45 -40.42
CA TRP B 63 14.07 -6.00 -39.21
C TRP B 63 15.39 -5.32 -38.95
N PRO B 64 15.35 -4.05 -38.52
CA PRO B 64 16.55 -3.24 -38.38
C PRO B 64 17.49 -3.74 -37.29
N ASP B 65 16.94 -4.47 -36.32
CA ASP B 65 17.73 -4.96 -35.19
C ASP B 65 18.46 -6.25 -35.56
N LEU B 66 18.36 -6.66 -36.81
CA LEU B 66 19.07 -7.85 -37.27
C LEU B 66 20.59 -7.67 -37.13
N VAL B 67 21.03 -6.42 -37.11
CA VAL B 67 22.46 -6.11 -36.92
C VAL B 67 22.95 -6.62 -35.58
N PHE B 68 22.04 -6.83 -34.63
CA PHE B 68 22.43 -7.28 -33.30
C PHE B 68 22.41 -8.80 -33.22
N THR B 69 23.43 -9.40 -33.83
CA THR B 69 23.52 -10.84 -33.96
C THR B 69 23.83 -11.58 -32.66
N ALA B 70 24.30 -10.86 -31.64
CA ALA B 70 24.50 -11.45 -30.31
C ALA B 70 23.21 -12.09 -29.81
N ASN B 71 22.08 -11.52 -30.20
CA ASN B 71 20.80 -12.07 -29.82
C ASN B 71 20.27 -13.13 -30.80
N ALA B 72 21.06 -13.51 -31.79
CA ALA B 72 20.58 -14.56 -32.72
C ALA B 72 20.31 -15.85 -31.99
N GLY B 73 21.21 -16.15 -31.06
CA GLY B 73 21.12 -17.41 -30.34
C GLY B 73 22.40 -17.61 -29.54
N LEU B 74 22.52 -18.78 -28.94
CA LEU B 74 23.66 -19.09 -28.10
C LEU B 74 24.33 -20.31 -28.66
N VAL B 75 25.63 -20.19 -28.93
CA VAL B 75 26.37 -21.25 -29.59
C VAL B 75 27.40 -21.91 -28.67
N LEU B 76 27.39 -23.23 -28.60
CA LEU B 76 28.48 -23.94 -27.94
C LEU B 76 28.71 -25.22 -28.69
N GLY B 77 29.93 -25.40 -29.20
CA GLY B 77 30.24 -26.55 -30.03
C GLY B 77 29.41 -26.55 -31.29
N ASP B 78 28.73 -27.67 -31.53
CA ASP B 78 27.94 -27.82 -32.75
C ASP B 78 26.48 -27.55 -32.42
N ASN B 79 26.24 -27.13 -31.19
CA ASN B 79 24.90 -26.88 -30.69
C ASN B 79 24.57 -25.40 -30.56
N VAL B 80 23.34 -25.05 -30.91
CA VAL B 80 22.91 -23.68 -30.70
C VAL B 80 21.47 -23.67 -30.23
N VAL B 81 21.21 -22.80 -29.26
CA VAL B 81 19.88 -22.57 -28.75
C VAL B 81 19.39 -21.28 -29.37
N LEU B 82 18.41 -21.39 -30.25
CA LEU B 82 17.85 -20.26 -30.97
C LEU B 82 17.15 -19.29 -30.02
N SER B 83 17.44 -18.00 -30.16
CA SER B 83 16.71 -17.00 -29.39
C SER B 83 15.23 -16.98 -29.68
N ARG B 84 14.43 -16.94 -28.61
CA ARG B 84 13.01 -16.66 -28.75
C ARG B 84 12.78 -15.25 -28.13
N PHE B 85 12.44 -14.27 -28.97
CA PHE B 85 12.31 -12.87 -28.53
C PHE B 85 10.99 -12.57 -27.79
N LEU B 86 11.10 -11.71 -26.78
CA LEU B 86 9.95 -11.30 -25.99
C LEU B 86 9.04 -10.42 -26.86
N HIS B 87 9.59 -9.36 -27.40
CA HIS B 87 8.84 -8.41 -28.23
C HIS B 87 8.67 -8.89 -29.65
N LYS B 88 7.45 -8.80 -30.18
CA LYS B 88 7.18 -9.18 -31.56
C LYS B 88 7.90 -8.34 -32.61
N GLU B 89 8.46 -7.20 -32.22
CA GLU B 89 9.21 -6.37 -33.18
C GLU B 89 10.47 -7.10 -33.68
N ARG B 90 10.88 -8.13 -32.97
CA ARG B 90 12.11 -8.81 -33.29
C ARG B 90 11.88 -10.27 -33.63
N GLN B 91 10.69 -10.77 -33.36
CA GLN B 91 10.40 -12.18 -33.59
C GLN B 91 10.56 -12.58 -35.05
N GLY B 92 10.39 -11.64 -35.97
CA GLY B 92 10.55 -11.92 -37.38
C GLY B 92 12.00 -12.17 -37.77
N GLU B 93 12.93 -11.81 -36.89
CA GLU B 93 14.35 -12.05 -37.16
C GLU B 93 14.67 -13.53 -37.00
N GLU B 94 13.84 -14.23 -36.24
CA GLU B 94 14.11 -15.63 -35.88
C GLU B 94 14.26 -16.60 -37.06
N PRO B 95 13.38 -16.52 -38.07
CA PRO B 95 13.65 -17.44 -39.18
C PRO B 95 14.98 -17.18 -39.88
N TYR B 96 15.38 -15.92 -40.00
CA TYR B 96 16.61 -15.59 -40.72
C TYR B 96 17.83 -16.01 -39.94
N PHE B 97 17.74 -15.91 -38.62
CA PHE B 97 18.84 -16.34 -37.79
C PHE B 97 18.91 -17.85 -37.78
N LYS B 98 17.76 -18.48 -37.71
CA LYS B 98 17.67 -19.94 -37.80
C LYS B 98 18.25 -20.49 -39.10
N GLU B 99 17.90 -19.84 -40.20
CA GLU B 99 18.40 -20.23 -41.51
C GLU B 99 19.92 -20.17 -41.57
N TRP B 100 20.50 -19.14 -40.98
CA TRP B 100 21.94 -19.08 -40.96
C TRP B 100 22.54 -20.23 -40.15
N PHE B 101 22.02 -20.46 -38.95
CA PHE B 101 22.56 -21.51 -38.11
C PHE B 101 22.49 -22.88 -38.79
N GLU B 102 21.34 -23.22 -39.37
CA GLU B 102 21.18 -24.54 -40.00
C GLU B 102 22.02 -24.69 -41.28
N GLY B 103 22.23 -23.58 -42.00
CA GLY B 103 23.14 -23.54 -43.13
C GLY B 103 24.61 -23.58 -42.75
N ASN B 104 24.93 -23.53 -41.47
CA ASN B 104 26.32 -23.73 -41.07
C ASN B 104 26.49 -24.93 -40.15
N GLY B 105 25.58 -25.90 -40.29
CA GLY B 105 25.76 -27.23 -39.72
C GLY B 105 25.29 -27.44 -38.29
N TYR B 106 24.87 -26.35 -37.64
CA TYR B 106 24.57 -26.42 -36.22
C TYR B 106 23.31 -27.19 -35.95
N THR B 107 23.27 -27.86 -34.82
CA THR B 107 22.04 -28.47 -34.35
C THR B 107 21.29 -27.38 -33.58
N VAL B 108 20.07 -27.09 -34.01
CA VAL B 108 19.35 -25.94 -33.48
C VAL B 108 18.26 -26.39 -32.54
N TYR B 109 18.29 -25.88 -31.33
CA TYR B 109 17.21 -26.15 -30.37
C TYR B 109 16.35 -24.91 -30.21
N GLU B 110 15.05 -25.12 -30.15
CA GLU B 110 14.10 -24.04 -30.07
C GLU B 110 13.33 -24.16 -28.77
N LEU B 111 13.27 -23.07 -28.02
CA LEU B 111 12.50 -23.02 -26.77
C LEU B 111 11.01 -23.03 -27.06
N PRO B 112 10.20 -23.47 -26.08
CA PRO B 112 8.73 -23.35 -26.17
C PRO B 112 8.36 -21.94 -26.61
N LYS B 113 7.24 -21.74 -27.29
CA LYS B 113 7.01 -20.40 -27.80
C LYS B 113 6.64 -19.40 -26.71
N ASP B 114 6.58 -19.85 -25.47
CA ASP B 114 6.29 -18.97 -24.34
C ASP B 114 7.47 -18.75 -23.39
N LEU B 115 8.64 -19.34 -23.67
CA LEU B 115 9.85 -18.98 -22.92
C LEU B 115 10.78 -18.08 -23.71
N PRO B 116 10.70 -16.77 -23.47
CA PRO B 116 11.69 -15.88 -24.08
C PRO B 116 13.11 -16.18 -23.65
N PHE B 117 14.01 -16.09 -24.61
CA PHE B 117 15.44 -16.25 -24.38
C PHE B 117 16.15 -15.56 -25.49
N GLU B 118 17.09 -14.68 -25.17
CA GLU B 118 17.60 -13.77 -26.20
C GLU B 118 19.10 -13.91 -26.45
N GLY B 119 19.59 -15.13 -26.42
CA GLY B 119 20.88 -15.47 -27.00
C GLY B 119 22.13 -15.18 -26.19
N ALA B 120 23.25 -15.10 -26.90
CA ALA B 120 24.52 -14.82 -26.26
C ALA B 120 24.47 -13.43 -25.66
N GLY B 121 23.57 -12.61 -26.20
CA GLY B 121 23.38 -11.26 -25.67
C GLY B 121 22.96 -11.27 -24.22
N ASP B 122 22.35 -12.37 -23.78
CA ASP B 122 21.85 -12.46 -22.42
C ASP B 122 22.50 -13.64 -21.68
N ALA B 123 23.40 -14.35 -22.35
CA ALA B 123 24.02 -15.52 -21.74
C ALA B 123 25.46 -15.64 -22.18
N LEU B 124 26.37 -15.43 -21.23
CA LEU B 124 27.77 -15.29 -21.57
C LEU B 124 28.62 -16.41 -21.06
N LEU B 125 29.43 -16.94 -21.96
CA LEU B 125 30.28 -18.08 -21.65
C LEU B 125 31.48 -17.63 -20.83
N ASP B 126 31.86 -18.46 -19.86
CA ASP B 126 33.15 -18.30 -19.22
C ASP B 126 34.22 -18.65 -20.27
N ARG B 127 35.19 -17.76 -20.46
CA ARG B 127 36.09 -17.87 -21.59
C ARG B 127 37.01 -19.08 -21.51
N GLU B 128 37.17 -19.64 -20.31
CA GLU B 128 37.86 -20.92 -20.20
C GLU B 128 36.85 -22.05 -20.30
N GLY B 129 35.58 -21.72 -20.54
CA GLY B 129 34.56 -22.72 -20.85
C GLY B 129 34.07 -23.56 -19.70
N ARG B 130 34.22 -23.06 -18.47
CA ARG B 130 33.88 -23.85 -17.27
C ARG B 130 32.36 -23.85 -16.99
N TRP B 131 31.71 -22.71 -17.23
CA TRP B 131 30.26 -22.63 -17.01
C TRP B 131 29.64 -21.55 -17.87
N LEU B 132 28.32 -21.49 -17.88
CA LEU B 132 27.61 -20.42 -18.57
C LEU B 132 26.93 -19.46 -17.58
N TRP B 133 27.12 -18.16 -17.79
CA TRP B 133 26.37 -17.16 -17.04
C TRP B 133 25.09 -16.76 -17.79
N ALA B 134 23.92 -17.20 -17.33
CA ALA B 134 22.66 -16.82 -17.98
C ALA B 134 21.96 -15.71 -17.21
N GLY B 135 21.53 -14.67 -17.91
CA GLY B 135 20.82 -13.58 -17.27
C GLY B 135 19.31 -13.76 -17.30
N TYR B 136 18.61 -13.04 -16.42
CA TYR B 136 17.15 -12.97 -16.48
C TYR B 136 16.71 -11.72 -15.74
N GLY B 137 15.43 -11.39 -15.82
CA GLY B 137 14.96 -10.11 -15.31
C GLY B 137 14.12 -9.31 -16.30
N PHE B 138 14.55 -9.24 -17.56
CA PHE B 138 13.85 -8.40 -18.53
C PHE B 138 13.51 -9.11 -19.85
N ARG B 139 14.45 -9.87 -20.39
CA ARG B 139 14.23 -10.50 -21.67
C ARG B 139 14.18 -12.03 -21.58
N SER B 140 15.23 -12.64 -21.05
CA SER B 140 15.19 -14.08 -20.88
C SER B 140 14.46 -14.46 -19.62
N GLU B 141 13.51 -15.38 -19.76
CA GLU B 141 12.87 -15.99 -18.63
C GLU B 141 13.81 -16.93 -17.88
N LEU B 142 13.74 -16.87 -16.54
CA LEU B 142 14.49 -17.78 -15.68
C LEU B 142 14.31 -19.24 -16.07
N ASP B 143 13.10 -19.59 -16.48
CA ASP B 143 12.76 -20.98 -16.81
C ASP B 143 13.39 -21.52 -18.12
N SER B 144 14.00 -20.65 -18.93
CA SER B 144 14.76 -21.14 -20.07
C SER B 144 16.11 -21.71 -19.62
N HIS B 145 16.63 -21.26 -18.48
CA HIS B 145 17.98 -21.65 -18.05
C HIS B 145 18.21 -23.17 -17.98
N PRO B 146 17.25 -23.96 -17.47
CA PRO B 146 17.50 -25.41 -17.49
C PRO B 146 17.49 -26.04 -18.88
N TYR B 147 16.91 -25.36 -19.87
CA TYR B 147 17.00 -25.82 -21.23
C TYR B 147 18.39 -25.55 -21.78
N LEU B 148 18.98 -24.42 -21.38
CA LEU B 148 20.34 -24.09 -21.77
C LEU B 148 21.32 -25.16 -21.33
N ALA B 149 21.24 -25.56 -20.07
CA ALA B 149 22.14 -26.56 -19.49
C ALA B 149 21.97 -27.93 -20.15
N LYS B 150 20.73 -28.29 -20.41
CA LYS B 150 20.36 -29.57 -21.01
C LYS B 150 20.92 -29.72 -22.42
N TRP B 151 20.87 -28.64 -23.17
CA TRP B 151 21.10 -28.68 -24.61
C TRP B 151 22.51 -28.30 -24.96
N LEU B 152 23.12 -27.45 -24.15
CA LEU B 152 24.51 -27.10 -24.35
C LEU B 152 25.44 -27.96 -23.48
N ASP B 153 24.85 -28.83 -22.65
CA ASP B 153 25.59 -29.72 -21.74
C ASP B 153 26.64 -28.95 -20.94
N ILE B 154 26.19 -28.00 -20.14
CA ILE B 154 27.11 -27.13 -19.41
C ILE B 154 26.46 -26.65 -18.11
N GLU B 155 27.27 -26.18 -17.17
CA GLU B 155 26.77 -25.66 -15.90
C GLU B 155 26.25 -24.24 -16.07
N VAL B 156 24.98 -24.02 -15.72
CA VAL B 156 24.38 -22.69 -15.87
C VAL B 156 24.24 -21.98 -14.53
N LEU B 157 24.75 -20.76 -14.47
CA LEU B 157 24.65 -19.92 -13.29
C LEU B 157 23.75 -18.73 -13.58
N SER B 158 22.66 -18.60 -12.82
CA SER B 158 21.68 -17.55 -13.12
C SER B 158 22.03 -16.24 -12.46
N LEU B 159 22.00 -15.16 -13.23
CA LEU B 159 22.23 -13.82 -12.71
C LEU B 159 20.97 -13.03 -12.96
N ARG B 160 20.56 -12.23 -11.97
CA ARG B 160 19.35 -11.43 -12.14
C ARG B 160 19.68 -9.99 -12.44
N LEU B 161 19.02 -9.46 -13.47
CA LEU B 161 19.19 -8.09 -13.88
C LEU B 161 18.11 -7.20 -13.27
N ILE B 162 18.51 -6.09 -12.64
CA ILE B 162 17.60 -5.26 -11.89
C ILE B 162 17.45 -3.83 -12.42
N ASP B 163 18.41 -3.42 -13.23
CA ASP B 163 18.41 -2.09 -13.82
C ASP B 163 18.01 -2.19 -15.29
N GLU B 164 16.94 -1.50 -15.65
CA GLU B 164 16.35 -1.60 -16.98
C GLU B 164 17.25 -1.05 -18.08
N ARG B 165 18.24 -0.26 -17.68
CA ARG B 165 19.17 0.29 -18.66
C ARG B 165 20.04 -0.84 -19.20
N PHE B 166 20.36 -1.77 -18.32
CA PHE B 166 21.17 -2.94 -18.66
C PHE B 166 20.29 -4.17 -18.70
N TYR B 167 19.38 -4.15 -19.68
CA TYR B 167 18.34 -5.15 -19.88
C TYR B 167 18.89 -6.47 -20.46
N HIS B 168 20.08 -6.43 -21.05
CA HIS B 168 20.78 -7.63 -21.50
C HIS B 168 22.02 -7.84 -20.67
N LEU B 169 22.33 -9.09 -20.38
CA LEU B 169 23.51 -9.44 -19.61
C LEU B 169 24.83 -8.90 -20.22
N ASP B 170 24.93 -8.89 -21.55
CA ASP B 170 26.20 -8.53 -22.17
C ASP B 170 26.45 -7.03 -22.16
N THR B 171 25.47 -6.28 -21.67
CA THR B 171 25.63 -4.84 -21.52
C THR B 171 26.17 -4.44 -20.14
N CYS B 172 26.49 -5.41 -19.29
CA CYS B 172 26.92 -5.10 -17.93
C CYS B 172 27.80 -6.20 -17.36
N PHE B 173 28.01 -7.22 -18.17
CA PHE B 173 28.74 -8.39 -17.73
C PHE B 173 29.62 -8.89 -18.88
N CYS B 174 30.90 -9.19 -18.63
CA CYS B 174 31.80 -9.57 -19.73
C CYS B 174 33.04 -10.37 -19.33
N PRO B 175 32.94 -11.71 -19.41
CA PRO B 175 34.05 -12.65 -19.19
C PRO B 175 35.21 -12.43 -20.16
N LEU B 176 36.42 -12.30 -19.64
CA LEU B 176 37.60 -12.03 -20.47
C LEU B 176 38.59 -13.20 -20.44
N ALA B 177 39.75 -13.00 -21.06
CA ALA B 177 40.74 -14.06 -21.18
C ALA B 177 41.43 -14.38 -19.85
N ASN B 178 41.83 -15.65 -19.69
CA ASN B 178 42.56 -16.13 -18.51
C ASN B 178 41.89 -15.80 -17.17
N GLY B 179 40.56 -15.89 -17.15
CA GLY B 179 39.80 -15.83 -15.91
C GLY B 179 39.42 -14.45 -15.40
N TYR B 180 39.63 -13.42 -16.19
CA TYR B 180 39.28 -12.08 -15.74
C TYR B 180 37.81 -11.80 -16.02
N LEU B 181 37.24 -10.85 -15.29
CA LEU B 181 35.84 -10.50 -15.48
C LEU B 181 35.62 -8.99 -15.41
N LEU B 182 35.08 -8.44 -16.49
CA LEU B 182 34.68 -7.05 -16.53
C LEU B 182 33.18 -6.96 -16.29
N TYR B 183 32.77 -6.48 -15.11
CA TYR B 183 31.36 -6.43 -14.77
C TYR B 183 30.97 -5.15 -14.04
N TYR B 184 29.68 -4.84 -14.06
CA TYR B 184 29.15 -3.67 -13.37
C TYR B 184 28.20 -4.07 -12.24
N PRO B 185 28.72 -4.22 -11.01
CA PRO B 185 28.03 -4.84 -9.87
C PRO B 185 26.63 -4.29 -9.58
N GLY B 186 26.35 -3.07 -10.02
CA GLY B 186 25.10 -2.40 -9.71
C GLY B 186 23.93 -2.77 -10.60
N ALA B 187 24.17 -3.61 -11.60
CA ALA B 187 23.11 -4.07 -12.48
C ALA B 187 22.53 -5.38 -11.95
N PHE B 188 23.17 -5.91 -10.91
CA PHE B 188 22.79 -7.18 -10.33
C PHE B 188 22.27 -7.06 -8.89
N ASP B 189 21.38 -7.98 -8.49
CA ASP B 189 20.86 -7.93 -7.15
C ASP B 189 21.88 -8.53 -6.18
N SER B 190 21.53 -8.58 -4.90
CA SER B 190 22.47 -9.02 -3.88
C SER B 190 22.84 -10.49 -4.04
N TYR B 191 21.87 -11.33 -4.37
CA TYR B 191 22.13 -12.76 -4.56
C TYR B 191 23.11 -13.02 -5.72
N SER B 192 23.04 -12.20 -6.77
CA SER B 192 23.84 -12.44 -7.98
C SER B 192 25.27 -11.96 -7.79
N ASN B 193 25.41 -10.78 -7.18
CA ASN B 193 26.72 -10.29 -6.81
C ASN B 193 27.46 -11.29 -5.95
N ARG B 194 26.74 -11.91 -5.02
CA ARG B 194 27.35 -12.93 -4.18
C ARG B 194 27.81 -14.11 -5.02
N LEU B 195 27.06 -14.46 -6.07
CA LEU B 195 27.41 -15.61 -6.91
C LEU B 195 28.69 -15.29 -7.65
N ILE B 196 28.80 -14.04 -8.10
CA ILE B 196 29.95 -13.60 -8.85
C ILE B 196 31.21 -13.69 -7.99
N GLU B 197 31.13 -13.12 -6.80
CA GLU B 197 32.27 -13.05 -5.91
C GLU B 197 32.77 -14.41 -5.44
N MET B 198 31.90 -15.41 -5.43
CA MET B 198 32.26 -16.74 -4.98
C MET B 198 32.76 -17.65 -6.12
N ARG B 199 32.64 -17.17 -7.36
CA ARG B 199 33.17 -17.92 -8.49
C ARG B 199 34.40 -17.23 -9.06
N VAL B 200 34.47 -15.90 -8.90
CA VAL B 200 35.60 -15.13 -9.39
C VAL B 200 36.39 -14.47 -8.26
N ALA B 201 37.60 -14.96 -8.06
CA ALA B 201 38.53 -14.41 -7.06
C ALA B 201 38.73 -12.91 -7.26
N PRO B 202 38.89 -12.16 -6.18
CA PRO B 202 38.93 -10.69 -6.21
C PRO B 202 39.96 -10.10 -7.18
N GLU B 203 41.11 -10.76 -7.34
CA GLU B 203 42.19 -10.23 -8.17
C GLU B 203 41.88 -10.32 -9.67
N LYS B 204 40.89 -11.15 -10.00
CA LYS B 204 40.45 -11.33 -11.38
C LYS B 204 39.18 -10.51 -11.69
N ARG B 205 38.60 -9.91 -10.65
CA ARG B 205 37.40 -9.09 -10.83
C ARG B 205 37.76 -7.67 -11.23
N ILE B 206 37.11 -7.16 -12.26
CA ILE B 206 37.29 -5.78 -12.68
C ILE B 206 35.96 -5.05 -12.67
N ALA B 207 35.59 -4.56 -11.50
CA ALA B 207 34.34 -3.82 -11.34
C ALA B 207 34.49 -2.41 -11.87
N ILE B 208 33.69 -2.04 -12.86
CA ILE B 208 33.78 -0.71 -13.46
C ILE B 208 32.80 0.26 -12.83
N ALA B 209 33.12 1.54 -12.96
CA ALA B 209 32.29 2.61 -12.42
C ALA B 209 31.11 2.85 -13.34
N GLU B 210 30.11 3.57 -12.83
CA GLU B 210 28.90 3.87 -13.60
C GLU B 210 29.16 4.64 -14.87
N ALA B 211 30.21 5.46 -14.86
CA ALA B 211 30.56 6.27 -16.03
C ALA B 211 30.92 5.38 -17.20
N ASP B 212 31.88 4.47 -16.98
CA ASP B 212 32.28 3.48 -17.97
C ASP B 212 31.10 2.63 -18.46
N ALA B 213 30.21 2.28 -17.53
CA ALA B 213 29.13 1.34 -17.81
C ALA B 213 28.04 1.92 -18.73
N VAL B 214 27.82 3.23 -18.67
CA VAL B 214 26.77 3.82 -19.51
C VAL B 214 27.29 4.13 -20.92
N ASN B 215 28.60 3.90 -21.11
CA ASN B 215 29.22 3.96 -22.42
C ASN B 215 29.39 2.57 -23.01
N PHE B 216 28.68 1.62 -22.41
CA PHE B 216 28.68 0.23 -22.88
C PHE B 216 30.06 -0.41 -22.81
N ALA B 217 30.79 -0.16 -21.75
CA ALA B 217 32.14 -0.70 -21.61
C ALA B 217 32.15 -2.23 -21.51
N CYS B 218 31.07 -2.80 -20.98
CA CYS B 218 31.01 -4.24 -20.79
C CYS B 218 30.69 -4.95 -22.09
N ASN B 219 30.24 -4.13 -23.04
CA ASN B 219 29.80 -4.57 -24.34
C ASN B 219 31.00 -4.58 -25.31
N THR B 220 31.95 -5.39 -24.87
CA THR B 220 33.31 -5.52 -25.38
C THR B 220 33.54 -6.87 -26.01
N VAL B 221 34.10 -6.85 -27.22
CA VAL B 221 34.55 -8.06 -27.89
C VAL B 221 35.96 -8.35 -27.43
N ASN B 222 36.21 -9.57 -27.00
CA ASN B 222 37.52 -9.93 -26.53
C ASN B 222 38.11 -11.03 -27.37
N VAL B 223 39.13 -10.69 -28.15
CA VAL B 223 39.83 -11.69 -28.92
C VAL B 223 41.25 -11.83 -28.37
N GLU B 224 41.49 -12.97 -27.71
CA GLU B 224 42.68 -13.23 -26.91
C GLU B 224 43.06 -12.04 -26.03
N SER B 225 44.17 -11.39 -26.34
CA SER B 225 44.65 -10.27 -25.51
C SER B 225 44.11 -8.94 -26.00
N ILE B 226 43.26 -8.97 -27.01
CA ILE B 226 42.71 -7.74 -27.56
C ILE B 226 41.28 -7.53 -27.09
N VAL B 227 40.98 -6.34 -26.59
CA VAL B 227 39.60 -6.01 -26.26
C VAL B 227 39.16 -4.83 -27.10
N ILE B 228 37.93 -4.91 -27.59
CA ILE B 228 37.37 -3.89 -28.48
C ILE B 228 36.11 -3.33 -27.88
N MET B 229 35.93 -2.01 -27.97
CA MET B 229 34.79 -1.37 -27.32
C MET B 229 34.51 -0.01 -27.92
N ASN B 230 33.48 0.65 -27.39
CA ASN B 230 33.13 2.01 -27.81
C ASN B 230 34.07 3.05 -27.19
N LYS B 231 33.88 3.34 -25.91
CA LYS B 231 34.70 4.32 -25.19
C LYS B 231 35.21 3.73 -23.89
N ALA B 232 36.28 4.29 -23.37
CA ALA B 232 36.77 3.90 -22.06
C ALA B 232 37.44 5.08 -21.37
N SER B 233 37.13 5.27 -20.09
CA SER B 233 37.91 6.17 -19.26
C SER B 233 39.30 5.56 -19.17
N ASP B 234 40.32 6.40 -18.96
CA ASP B 234 41.68 5.87 -18.95
C ASP B 234 41.92 5.13 -17.64
N ALA B 235 41.06 5.36 -16.66
CA ALA B 235 41.07 4.57 -15.44
C ALA B 235 40.70 3.12 -15.76
N LEU B 236 39.89 2.96 -16.80
CA LEU B 236 39.53 1.63 -17.29
C LEU B 236 40.68 1.03 -18.10
N LYS B 237 41.23 1.82 -19.04
CA LYS B 237 42.34 1.38 -19.87
C LYS B 237 43.55 0.99 -19.02
N GLN B 238 43.68 1.64 -17.87
CA GLN B 238 44.80 1.42 -16.96
C GLN B 238 44.75 0.02 -16.35
N SER B 239 43.57 -0.35 -15.85
CA SER B 239 43.39 -1.66 -15.23
C SER B 239 43.49 -2.78 -16.28
N LEU B 240 42.95 -2.54 -17.46
CA LEU B 240 42.94 -3.57 -18.50
C LEU B 240 44.37 -3.90 -18.95
N THR B 241 45.15 -2.87 -19.23
CA THR B 241 46.56 -3.05 -19.58
C THR B 241 47.36 -3.61 -18.40
N GLY B 242 46.96 -3.24 -17.20
CA GLY B 242 47.63 -3.65 -15.98
C GLY B 242 47.72 -5.15 -15.77
N VAL B 243 46.99 -5.91 -16.59
CA VAL B 243 47.03 -7.37 -16.55
C VAL B 243 47.23 -7.95 -17.95
N GLY B 244 47.63 -7.09 -18.90
CA GLY B 244 48.01 -7.53 -20.22
C GLY B 244 46.94 -7.50 -21.29
N PHE B 245 45.97 -6.61 -21.14
CA PHE B 245 44.93 -6.45 -22.17
C PHE B 245 45.15 -5.16 -22.97
N GLN B 246 45.19 -5.31 -24.30
CA GLN B 246 45.33 -4.16 -25.20
C GLN B 246 43.97 -3.66 -25.64
N VAL B 247 43.68 -2.40 -25.32
CA VAL B 247 42.38 -1.80 -25.56
C VAL B 247 42.33 -1.06 -26.89
N LEU B 248 41.39 -1.46 -27.74
CA LEU B 248 41.15 -0.77 -29.00
C LEU B 248 39.76 -0.19 -29.00
N GLU B 249 39.66 1.13 -29.13
CA GLU B 249 38.35 1.78 -29.17
C GLU B 249 37.90 1.98 -30.62
N THR B 250 36.65 2.40 -30.80
CA THR B 250 36.08 2.75 -32.11
C THR B 250 34.66 3.22 -31.87
N PRO B 251 34.27 4.35 -32.47
CA PRO B 251 32.94 4.92 -32.22
C PRO B 251 31.81 4.00 -32.65
N LEU B 252 30.82 3.85 -31.77
CA LEU B 252 29.64 3.03 -32.05
C LEU B 252 28.37 3.74 -31.63
N THR B 253 28.45 5.07 -31.56
CA THR B 253 27.40 5.92 -31.01
C THR B 253 26.07 5.76 -31.74
N GLU B 254 26.11 5.44 -33.02
CA GLU B 254 24.87 5.32 -33.77
C GLU B 254 24.09 4.05 -33.39
N PHE B 255 24.75 3.13 -32.68
CA PHE B 255 24.09 1.90 -32.27
C PHE B 255 23.74 1.91 -30.78
N LEU B 256 24.46 2.71 -30.00
CA LEU B 256 24.05 2.98 -28.63
C LEU B 256 22.63 3.54 -28.59
N LYS B 257 22.15 4.03 -29.73
CA LYS B 257 20.83 4.66 -29.83
C LYS B 257 19.71 3.64 -30.11
N ALA B 258 20.10 2.39 -30.40
CA ALA B 258 19.12 1.32 -30.48
C ALA B 258 19.24 0.43 -29.26
N GLY B 259 20.28 0.65 -28.47
CA GLY B 259 20.47 -0.13 -27.27
C GLY B 259 21.68 -1.04 -27.24
N GLY B 260 22.55 -0.98 -28.26
CA GLY B 260 23.67 -1.91 -28.34
C GLY B 260 25.02 -1.35 -28.79
N ALA B 261 26.08 -2.10 -28.52
CA ALA B 261 27.42 -1.66 -28.91
C ALA B 261 28.22 -2.79 -29.55
N ALA B 262 29.51 -2.85 -29.23
CA ALA B 262 30.40 -3.76 -29.92
C ALA B 262 29.96 -5.21 -29.77
N LYS B 263 29.79 -5.69 -28.53
CA LYS B 263 29.42 -7.10 -28.31
C LYS B 263 28.12 -7.43 -29.04
N CYS B 264 27.14 -6.53 -28.96
CA CYS B 264 25.81 -6.79 -29.49
C CYS B 264 25.81 -6.99 -30.99
N LEU B 265 26.77 -6.35 -31.63
CA LEU B 265 26.89 -6.42 -33.08
C LEU B 265 27.60 -7.68 -33.56
N THR B 266 28.10 -8.49 -32.62
CA THR B 266 28.86 -9.70 -32.95
C THR B 266 28.35 -10.94 -32.24
N LEU B 267 28.64 -12.10 -32.81
CA LEU B 267 28.33 -13.37 -32.17
C LEU B 267 29.44 -14.34 -32.45
N ARG B 268 30.24 -14.65 -31.44
CA ARG B 268 31.30 -15.64 -31.62
C ARG B 268 30.72 -17.04 -31.81
N VAL B 269 30.92 -17.64 -32.98
CA VAL B 269 30.39 -18.96 -33.28
C VAL B 269 31.44 -20.09 -33.15
N THR B 270 32.68 -19.71 -32.82
CA THR B 270 33.75 -20.65 -32.48
C THR B 270 33.99 -20.67 -30.96
N GLU B 271 33.37 -21.61 -30.24
CA GLU B 271 33.42 -21.55 -28.78
C GLU B 271 34.11 -22.75 -28.11
N PRO B 272 34.66 -22.55 -26.88
CA PRO B 272 35.45 -23.57 -26.15
C PRO B 272 34.65 -24.74 -25.56
N VAL B 273 34.55 -25.88 -26.26
CA VAL B 273 33.88 -27.06 -25.68
C VAL B 273 34.80 -27.95 -24.87
N ARG B 274 34.49 -28.10 -23.60
CA ARG B 274 35.42 -28.76 -22.70
C ARG B 274 35.05 -30.16 -22.25
N ASP B 275 36.09 -30.99 -22.30
CA ASP B 275 36.53 -31.77 -21.16
C ASP B 275 35.47 -31.96 -20.05
N GLU B 276 35.55 -31.29 -18.88
CA GLU B 276 34.64 -31.61 -17.75
C GLU B 276 33.15 -31.56 -18.08
N VAL B 277 32.76 -30.46 -18.73
CA VAL B 277 31.40 -29.95 -18.64
C VAL B 277 30.35 -31.02 -18.80
N HIS B 278 29.29 -30.83 -18.03
CA HIS B 278 28.09 -31.57 -18.23
C HIS B 278 26.98 -30.66 -17.73
N ALA B 279 25.75 -31.06 -17.98
CA ALA B 279 24.57 -30.28 -17.62
C ALA B 279 24.45 -30.11 -16.11
N ASN B 280 24.50 -28.87 -15.66
CA ASN B 280 24.18 -28.61 -14.29
C ASN B 280 23.30 -27.35 -14.17
N VAL B 281 22.15 -27.51 -13.53
CA VAL B 281 21.24 -26.40 -13.31
C VAL B 281 20.96 -26.26 -11.81
N TYR B 282 20.88 -25.03 -11.33
CA TYR B 282 20.56 -24.79 -9.92
C TYR B 282 19.13 -24.30 -9.74
N VAL B 283 18.53 -23.88 -10.85
CA VAL B 283 17.13 -23.50 -10.91
C VAL B 283 16.22 -24.60 -10.37
N GLU B 284 15.31 -24.23 -9.46
CA GLU B 284 14.33 -25.16 -8.83
C GLU B 284 12.91 -24.72 -9.13
N SER B 285 11.98 -25.69 -9.10
CA SER B 285 10.60 -25.42 -9.39
C SER B 285 9.65 -26.17 -8.47
N ARG B 286 8.59 -25.49 -8.11
CA ARG B 286 7.63 -26.01 -7.17
C ARG B 286 6.25 -25.54 -7.56
N ILE B 287 5.29 -26.45 -7.49
CA ILE B 287 3.91 -26.04 -7.67
C ILE B 287 3.26 -25.83 -6.31
N ILE B 288 2.72 -24.63 -6.08
CA ILE B 288 1.99 -24.34 -4.86
C ILE B 288 0.51 -24.14 -5.19
N ARG B 289 -0.34 -24.31 -4.18
CA ARG B 289 -1.76 -24.04 -4.35
C ARG B 289 -2.23 -22.97 -3.35
N ILE B 290 -3.04 -22.03 -3.81
CA ILE B 290 -3.57 -20.99 -2.93
C ILE B 290 -5.09 -20.91 -3.04
N GLU B 291 -5.78 -20.80 -1.91
CA GLU B 291 -7.24 -20.78 -1.88
C GLU B 291 -7.79 -19.62 -1.06
N GLY B 292 -8.89 -19.03 -1.53
CA GLY B 292 -9.54 -17.97 -0.79
C GLY B 292 -10.31 -17.05 -1.72
N HIS B 293 -10.54 -15.82 -1.27
CA HIS B 293 -11.13 -14.81 -2.12
C HIS B 293 -9.99 -14.16 -2.87
N LEU B 294 -9.47 -14.85 -3.89
CA LEU B 294 -8.19 -14.52 -4.48
C LEU B 294 -8.19 -13.18 -5.21
N LEU B 295 -9.24 -12.93 -5.95
CA LEU B 295 -9.30 -11.79 -6.84
C LEU B 295 -9.49 -10.47 -6.14
N ASP B 296 -10.24 -10.48 -5.04
CA ASP B 296 -10.59 -9.22 -4.39
C ASP B 296 -9.83 -8.96 -3.11
N SER B 297 -9.27 -9.98 -2.49
CA SER B 297 -8.43 -9.75 -1.33
C SER B 297 -7.06 -9.24 -1.77
N GLY B 298 -6.74 -9.46 -3.05
CA GLY B 298 -5.42 -9.17 -3.57
C GLY B 298 -4.39 -10.16 -3.02
N LEU B 299 -4.88 -11.31 -2.59
CA LEU B 299 -4.02 -12.37 -2.06
C LEU B 299 -3.12 -12.93 -3.17
N ILE B 300 -3.72 -13.36 -4.27
CA ILE B 300 -2.98 -13.96 -5.37
C ILE B 300 -1.96 -12.97 -5.94
N ASN B 301 -2.29 -11.70 -5.83
CA ASN B 301 -1.52 -10.63 -6.42
C ASN B 301 -0.32 -10.29 -5.54
N ARG B 302 -0.46 -10.50 -4.24
CA ARG B 302 0.63 -10.24 -3.34
C ARG B 302 1.61 -11.43 -3.38
N ALA B 303 1.07 -12.63 -3.51
CA ALA B 303 1.93 -13.79 -3.69
C ALA B 303 2.84 -13.65 -4.91
N LEU B 304 2.29 -13.27 -6.05
CA LEU B 304 3.08 -13.14 -7.28
C LEU B 304 4.14 -12.07 -7.13
N ASP B 305 3.82 -11.01 -6.41
CA ASP B 305 4.81 -9.96 -6.12
C ASP B 305 5.98 -10.44 -5.25
N MET B 306 5.71 -11.22 -4.22
CA MET B 306 6.78 -11.74 -3.37
C MET B 306 7.73 -12.61 -4.18
N ILE B 307 7.16 -13.44 -5.04
CA ILE B 307 7.94 -14.35 -5.88
C ILE B 307 8.93 -13.60 -6.75
N VAL B 308 8.43 -12.64 -7.53
CA VAL B 308 9.26 -11.89 -8.45
C VAL B 308 10.25 -10.96 -7.75
N ASP B 309 9.82 -10.31 -6.70
CA ASP B 309 10.67 -9.33 -6.02
C ASP B 309 11.84 -9.99 -5.27
N THR B 310 11.61 -11.23 -4.81
CA THR B 310 12.66 -11.97 -4.13
C THR B 310 13.66 -12.61 -5.11
N GLY B 311 13.30 -12.67 -6.40
CA GLY B 311 14.21 -13.18 -7.42
C GLY B 311 13.79 -14.46 -8.11
N GLY B 312 12.50 -14.77 -8.06
CA GLY B 312 11.99 -15.96 -8.73
C GLY B 312 11.06 -15.62 -9.88
N SER B 313 10.42 -16.62 -10.48
CA SER B 313 9.38 -16.37 -11.47
C SER B 313 8.19 -17.27 -11.21
N PHE B 314 7.05 -16.96 -11.84
CA PHE B 314 5.87 -17.78 -11.63
C PHE B 314 5.19 -18.08 -12.94
N GLN B 315 4.48 -19.19 -12.95
CA GLN B 315 3.51 -19.44 -13.99
C GLN B 315 2.17 -19.86 -13.37
N VAL B 316 1.11 -19.11 -13.61
CA VAL B 316 -0.20 -19.49 -13.10
C VAL B 316 -0.76 -20.60 -13.97
N LEU B 317 -0.80 -21.81 -13.43
CA LEU B 317 -1.17 -22.99 -14.19
C LEU B 317 -2.68 -23.11 -14.42
N ASN B 318 -3.47 -22.65 -13.46
CA ASN B 318 -4.92 -22.76 -13.57
C ASN B 318 -5.64 -21.91 -12.56
N PHE B 319 -6.85 -21.52 -12.89
CA PHE B 319 -7.66 -20.73 -11.99
C PHE B 319 -9.06 -21.30 -11.92
N ASN B 320 -9.51 -21.60 -10.71
CA ASN B 320 -10.89 -21.97 -10.47
C ASN B 320 -11.65 -20.82 -9.80
N LEU B 321 -12.52 -20.20 -10.56
CA LEU B 321 -13.32 -19.08 -10.10
C LEU B 321 -14.52 -19.53 -9.30
N GLY B 322 -14.64 -19.05 -8.06
CA GLY B 322 -15.83 -19.31 -7.28
C GLY B 322 -17.06 -18.70 -7.93
N GLU B 323 -18.21 -19.32 -7.71
CA GLU B 323 -19.46 -18.92 -8.36
C GLU B 323 -20.08 -17.60 -7.86
N GLN B 324 -19.86 -17.25 -6.60
CA GLN B 324 -20.41 -16.01 -6.04
C GLN B 324 -19.28 -15.24 -5.41
N ARG B 325 -19.52 -13.97 -5.09
CA ARG B 325 -18.53 -13.15 -4.43
C ARG B 325 -17.92 -13.84 -3.19
N GLN B 326 -18.75 -14.49 -2.40
CA GLN B 326 -18.29 -15.15 -1.17
C GLN B 326 -17.80 -16.58 -1.38
N SER B 327 -17.98 -17.13 -2.58
CA SER B 327 -17.35 -18.41 -2.90
C SER B 327 -15.83 -18.26 -2.83
N THR B 328 -15.15 -19.32 -2.41
CA THR B 328 -13.71 -19.31 -2.46
C THR B 328 -13.26 -19.69 -3.88
N SER B 329 -12.12 -19.16 -4.30
CA SER B 329 -11.52 -19.55 -5.58
C SER B 329 -10.20 -20.29 -5.31
N ALA B 330 -9.65 -20.95 -6.31
CA ALA B 330 -8.37 -21.61 -6.11
C ALA B 330 -7.45 -21.35 -7.28
N ALA B 331 -6.16 -21.31 -7.00
CA ALA B 331 -5.16 -21.10 -8.04
C ALA B 331 -4.00 -22.05 -7.81
N GLU B 332 -3.47 -22.61 -8.87
CA GLU B 332 -2.25 -23.41 -8.77
C GLU B 332 -1.18 -22.67 -9.52
N VAL B 333 -0.04 -22.50 -8.87
CA VAL B 333 1.01 -21.68 -9.42
C VAL B 333 2.34 -22.40 -9.35
N LYS B 334 3.05 -22.47 -10.49
CA LYS B 334 4.40 -23.01 -10.50
C LYS B 334 5.38 -21.90 -10.18
N VAL B 335 6.18 -22.13 -9.15
CA VAL B 335 7.18 -21.18 -8.70
C VAL B 335 8.57 -21.63 -9.11
N SER B 336 9.36 -20.72 -9.68
CA SER B 336 10.76 -21.01 -9.99
C SER B 336 11.67 -20.09 -9.20
N ALA B 337 12.80 -20.63 -8.75
CA ALA B 337 13.83 -19.86 -8.09
C ALA B 337 15.20 -20.22 -8.67
N PRO B 338 16.14 -19.27 -8.68
CA PRO B 338 17.46 -19.53 -9.24
C PRO B 338 18.31 -20.46 -8.38
N SER B 339 17.97 -20.62 -7.11
CA SER B 339 18.68 -21.58 -6.28
C SER B 339 17.78 -22.09 -5.19
N HIS B 340 18.28 -23.06 -4.43
CA HIS B 340 17.53 -23.55 -3.29
C HIS B 340 17.34 -22.44 -2.26
N GLU B 341 18.40 -21.70 -1.98
CA GLU B 341 18.34 -20.64 -0.98
C GLU B 341 17.25 -19.60 -1.29
N VAL B 342 17.08 -19.25 -2.57
CA VAL B 342 16.09 -18.24 -2.90
C VAL B 342 14.70 -18.87 -2.89
N MET B 343 14.61 -20.13 -3.31
CA MET B 343 13.37 -20.90 -3.16
C MET B 343 12.91 -20.97 -1.70
N GLU B 344 13.85 -21.16 -0.78
CA GLU B 344 13.49 -21.16 0.64
C GLU B 344 12.94 -19.80 1.06
N GLU B 345 13.61 -18.73 0.64
CA GLU B 345 13.17 -17.38 0.92
C GLU B 345 11.71 -17.16 0.45
N ILE B 346 11.41 -17.63 -0.75
CA ILE B 346 10.11 -17.46 -1.36
C ILE B 346 9.03 -18.31 -0.68
N ILE B 347 9.33 -19.58 -0.41
CA ILE B 347 8.33 -20.42 0.23
C ILE B 347 8.01 -19.91 1.64
N SER B 348 9.00 -19.39 2.36
CA SER B 348 8.75 -18.83 3.68
C SER B 348 7.72 -17.70 3.66
N LEU B 349 7.85 -16.81 2.68
CA LEU B 349 6.91 -15.70 2.56
C LEU B 349 5.54 -16.21 2.16
N LEU B 350 5.51 -17.24 1.31
CA LEU B 350 4.25 -17.81 0.85
C LEU B 350 3.52 -18.62 1.92
N ILE B 351 4.28 -19.28 2.79
CA ILE B 351 3.69 -20.01 3.89
C ILE B 351 2.81 -19.06 4.68
N ASP B 352 3.30 -17.87 4.97
CA ASP B 352 2.51 -16.82 5.63
C ASP B 352 1.17 -16.54 4.96
N LEU B 353 1.18 -16.50 3.64
CA LEU B 353 -0.01 -16.17 2.90
C LEU B 353 -0.94 -17.36 2.85
N GLY B 354 -0.48 -18.50 3.36
CA GLY B 354 -1.30 -19.70 3.39
C GLY B 354 -1.22 -20.61 2.18
N ALA B 355 -0.12 -20.53 1.43
CA ALA B 355 0.09 -21.46 0.32
C ALA B 355 0.37 -22.86 0.86
N VAL B 356 -0.09 -23.86 0.13
CA VAL B 356 0.03 -25.24 0.59
C VAL B 356 0.59 -26.13 -0.52
N ASP B 357 1.20 -27.24 -0.12
CA ASP B 357 1.56 -28.31 -1.04
C ASP B 357 0.29 -28.93 -1.59
N LEU B 358 0.38 -29.41 -2.82
CA LEU B 358 -0.62 -30.33 -3.34
C LEU B 358 -0.58 -31.54 -2.39
N PRO B 359 -1.77 -32.06 -1.99
CA PRO B 359 -1.89 -33.00 -0.85
C PRO B 359 -1.13 -34.32 -1.03
N GLN B 360 -0.71 -34.63 -2.25
CA GLN B 360 0.08 -35.83 -2.48
C GLN B 360 1.58 -35.50 -2.37
N ASP B 361 1.92 -34.21 -2.42
CA ASP B 361 3.31 -33.77 -2.23
C ASP B 361 3.58 -33.21 -0.83
N GLU B 362 2.64 -33.43 0.08
CA GLU B 362 2.90 -33.18 1.49
C GLU B 362 4.09 -34.03 1.91
N ARG B 363 4.98 -33.44 2.69
CA ARG B 363 6.15 -34.15 3.18
C ARG B 363 6.39 -33.74 4.63
N ASP B 364 7.03 -34.61 5.40
CA ASP B 364 7.41 -34.29 6.77
C ASP B 364 8.43 -33.16 6.79
N ALA B 365 8.30 -32.27 7.76
CA ALA B 365 9.30 -31.24 7.98
C ALA B 365 10.65 -31.88 8.21
N LYS B 366 11.70 -31.25 7.74
CA LYS B 366 13.04 -31.77 7.95
C LYS B 366 13.58 -31.32 9.32
N LEU B 367 14.28 -32.21 10.01
CA LEU B 367 14.77 -31.95 11.37
C LEU B 367 16.28 -32.10 11.51
N GLU B 368 16.91 -31.20 12.26
CA GLU B 368 18.33 -31.30 12.55
C GLU B 368 18.61 -31.02 14.01
N PRO B 369 19.52 -31.78 14.62
CA PRO B 369 19.79 -31.60 16.04
C PRO B 369 20.62 -30.36 16.35
N VAL B 370 20.28 -29.72 17.47
CA VAL B 370 21.11 -28.72 18.10
C VAL B 370 22.32 -29.41 18.69
N ILE B 371 23.51 -28.80 18.61
CA ILE B 371 24.69 -29.41 19.21
C ILE B 371 25.42 -28.48 20.19
N GLN B 372 25.22 -27.18 20.01
CA GLN B 372 25.77 -26.18 20.91
C GLN B 372 24.60 -25.39 21.50
N ASP B 373 24.48 -25.39 22.84
CA ASP B 373 23.48 -24.56 23.53
C ASP B 373 23.37 -23.17 22.92
N GLY B 374 22.15 -22.73 22.62
CA GLY B 374 21.92 -21.38 22.14
C GLY B 374 22.26 -21.13 20.68
N VAL B 375 22.38 -22.20 19.90
CA VAL B 375 22.76 -22.05 18.51
C VAL B 375 21.90 -22.98 17.67
N ALA B 376 21.22 -22.45 16.66
CA ALA B 376 20.36 -23.30 15.86
C ALA B 376 21.22 -24.00 14.83
N PRO B 377 20.80 -25.18 14.36
CA PRO B 377 21.45 -25.82 13.22
C PRO B 377 21.31 -24.93 12.01
N ASP B 378 22.11 -25.18 11.00
CA ASP B 378 22.13 -24.29 9.87
C ASP B 378 20.88 -24.51 9.03
N ASP B 379 20.35 -23.43 8.47
CA ASP B 379 19.16 -23.47 7.62
C ASP B 379 17.87 -23.71 8.42
N PHE B 380 17.87 -23.33 9.70
CA PHE B 380 16.68 -23.47 10.53
C PHE B 380 15.53 -22.59 10.02
N TYR B 381 14.31 -23.10 10.09
CA TYR B 381 13.19 -22.27 9.67
C TYR B 381 12.99 -21.13 10.67
N VAL B 382 12.65 -19.94 10.17
CA VAL B 382 12.44 -18.79 11.04
C VAL B 382 10.96 -18.54 11.25
N SER B 383 10.51 -18.69 12.49
CA SER B 383 9.09 -18.56 12.83
C SER B 383 8.56 -17.15 12.63
N THR B 384 7.24 -17.06 12.46
CA THR B 384 6.56 -15.78 12.33
C THR B 384 5.60 -15.57 13.50
N ILE B 385 4.83 -14.49 13.46
CA ILE B 385 3.85 -14.23 14.50
C ILE B 385 2.60 -15.09 14.35
N TYR B 386 2.42 -15.71 13.19
CA TYR B 386 1.16 -16.36 12.86
C TYR B 386 1.09 -17.81 13.35
N PRO B 387 -0.14 -18.30 13.63
CA PRO B 387 -0.36 -19.68 14.11
C PRO B 387 0.06 -20.70 13.07
N THR B 388 0.84 -21.68 13.52
CA THR B 388 1.62 -22.51 12.61
C THR B 388 1.47 -23.98 12.96
N GLU B 389 1.34 -24.81 11.94
CA GLU B 389 1.40 -26.25 12.13
C GLU B 389 2.63 -26.83 11.45
N VAL B 390 3.19 -27.89 12.01
CA VAL B 390 4.28 -28.61 11.39
C VAL B 390 3.94 -30.11 11.28
N ARG B 391 4.45 -30.74 10.22
CA ARG B 391 4.14 -32.13 9.92
C ARG B 391 5.26 -33.06 10.40
N ILE B 392 4.94 -33.89 11.39
CA ILE B 392 5.89 -34.84 11.98
C ILE B 392 5.32 -36.25 11.86
N ASN B 393 6.16 -37.15 11.36
CA ASN B 393 5.74 -38.47 10.88
C ASN B 393 4.28 -38.58 10.46
N GLY B 394 3.89 -37.79 9.46
CA GLY B 394 2.57 -37.88 8.83
C GLY B 394 1.45 -37.09 9.51
N GLN B 395 1.77 -36.49 10.65
CA GLN B 395 0.74 -35.81 11.43
C GLN B 395 1.03 -34.30 11.56
N TRP B 396 0.00 -33.48 11.37
CA TRP B 396 0.10 -32.03 11.51
C TRP B 396 -0.09 -31.62 12.97
N ILE B 397 0.91 -30.93 13.51
CA ILE B 397 1.04 -30.62 14.94
C ILE B 397 1.08 -29.11 15.14
N LYS B 398 0.42 -28.62 16.18
CA LYS B 398 0.33 -27.19 16.45
C LYS B 398 1.58 -26.66 17.18
N VAL B 399 2.19 -25.60 16.65
CA VAL B 399 3.34 -24.98 17.31
C VAL B 399 2.88 -24.15 18.51
N GLU B 400 3.52 -24.38 19.66
CA GLU B 400 3.21 -23.65 20.89
C GLU B 400 4.17 -22.49 21.13
N ASN B 401 3.72 -21.53 21.94
CA ASN B 401 4.50 -20.37 22.29
C ASN B 401 4.94 -19.61 21.06
N GLN B 402 4.06 -19.56 20.06
CA GLN B 402 4.38 -18.92 18.79
C GLN B 402 4.88 -17.49 19.01
N ARG B 403 5.97 -17.18 18.33
CA ARG B 403 6.63 -15.89 18.43
C ARG B 403 7.44 -15.70 17.13
N MET B 404 7.66 -14.48 16.68
CA MET B 404 8.50 -14.25 15.50
C MET B 404 9.99 -14.33 15.83
N ASP B 405 10.79 -14.67 14.81
CA ASP B 405 12.24 -14.68 14.90
C ASP B 405 12.74 -15.73 15.87
N GLY B 406 12.02 -16.84 15.94
CA GLY B 406 12.45 -17.98 16.71
C GLY B 406 12.62 -19.19 15.82
N ALA B 407 13.09 -20.28 16.43
CA ALA B 407 13.15 -21.58 15.77
C ALA B 407 12.09 -22.51 16.35
N ILE B 408 11.80 -23.60 15.64
CA ILE B 408 10.78 -24.53 16.07
C ILE B 408 11.44 -25.84 16.48
N ALA B 409 11.31 -26.17 17.76
CA ALA B 409 11.91 -27.36 18.34
C ALA B 409 10.83 -28.42 18.49
N ILE B 410 11.20 -29.68 18.22
CA ILE B 410 10.29 -30.81 18.23
C ILE B 410 10.79 -31.80 19.28
N THR B 411 9.88 -32.32 20.08
CA THR B 411 10.21 -33.27 21.14
C THR B 411 9.13 -34.33 21.20
N GLN B 412 9.51 -35.56 21.53
CA GLN B 412 8.53 -36.56 21.88
C GLN B 412 8.46 -36.52 23.41
N THR B 413 7.27 -36.32 23.96
CA THR B 413 7.10 -36.20 25.42
C THR B 413 6.12 -37.28 25.89
N PRO B 414 6.06 -37.53 27.21
CA PRO B 414 5.08 -38.47 27.75
C PRO B 414 3.65 -38.11 27.38
N ASN B 415 3.45 -36.87 26.93
CA ASN B 415 2.14 -36.42 26.52
C ASN B 415 2.06 -36.20 25.02
N GLY B 416 2.97 -36.84 24.28
CA GLY B 416 2.92 -36.76 22.83
C GLY B 416 3.92 -35.79 22.23
N LEU B 417 3.80 -35.58 20.93
CA LEU B 417 4.68 -34.70 20.18
C LEU B 417 4.51 -33.27 20.64
N LEU B 418 5.63 -32.58 20.87
CA LEU B 418 5.58 -31.19 21.28
C LEU B 418 6.38 -30.32 20.30
N ALA B 419 5.73 -29.36 19.66
CA ALA B 419 6.43 -28.41 18.81
C ALA B 419 6.38 -27.05 19.46
N GLN B 420 7.52 -26.51 19.84
CA GLN B 420 7.47 -25.20 20.47
C GLN B 420 8.48 -24.26 19.81
N CYS B 421 8.02 -23.04 19.67
CA CYS B 421 8.82 -21.92 19.23
C CYS B 421 9.76 -21.45 20.35
N LYS B 422 11.06 -21.38 20.06
CA LYS B 422 12.08 -20.97 21.03
C LYS B 422 13.00 -19.95 20.39
N ILE B 423 13.42 -18.94 21.14
CA ILE B 423 14.43 -18.03 20.62
C ILE B 423 15.76 -18.73 20.65
N LEU B 424 16.68 -18.29 19.81
CA LEU B 424 17.94 -18.99 19.61
C LEU B 424 18.67 -19.34 20.91
N ARG B 425 18.77 -18.40 21.83
CA ARG B 425 19.61 -18.57 23.02
C ARG B 425 19.01 -19.53 24.04
N ASP B 426 17.80 -20.00 23.78
CA ASP B 426 17.15 -20.95 24.68
C ASP B 426 17.24 -22.37 24.17
N LEU B 427 17.87 -22.58 23.02
CA LEU B 427 17.94 -23.91 22.47
C LEU B 427 18.98 -24.71 23.23
N LYS B 428 18.74 -26.01 23.37
CA LYS B 428 19.64 -26.87 24.12
C LYS B 428 20.14 -28.02 23.25
N ALA B 429 21.44 -28.33 23.37
CA ALA B 429 22.04 -29.45 22.69
C ALA B 429 21.15 -30.68 22.81
N GLY B 430 20.83 -31.29 21.67
CA GLY B 430 19.98 -32.47 21.64
C GLY B 430 18.57 -32.25 21.10
N GLU B 431 18.12 -31.00 21.15
CA GLU B 431 16.80 -30.69 20.61
C GLU B 431 16.82 -30.83 19.09
N GLN B 432 15.70 -31.28 18.54
CA GLN B 432 15.51 -31.36 17.10
C GLN B 432 14.88 -30.07 16.62
N VAL B 433 15.41 -29.50 15.53
CA VAL B 433 14.92 -28.23 15.05
C VAL B 433 14.56 -28.29 13.57
N ILE B 434 13.46 -27.65 13.19
CA ILE B 434 13.05 -27.63 11.80
C ILE B 434 14.03 -26.82 10.97
N VAL B 435 14.52 -27.47 9.91
CA VAL B 435 15.34 -26.81 8.89
C VAL B 435 14.56 -26.90 7.59
N ASP B 436 15.03 -26.21 6.57
CA ASP B 436 14.33 -26.09 5.29
C ASP B 436 12.90 -25.57 5.44
N VAL B 437 12.00 -25.93 4.51
CA VAL B 437 10.69 -25.30 4.43
C VAL B 437 9.58 -26.27 4.06
N LEU B 438 9.84 -27.56 4.17
CA LEU B 438 8.80 -28.56 3.99
C LEU B 438 8.03 -28.77 5.29
N GLY B 439 6.78 -29.18 5.17
CA GLY B 439 5.95 -29.55 6.31
C GLY B 439 5.67 -28.42 7.27
N ILE B 440 5.46 -27.23 6.71
CA ILE B 440 5.09 -26.06 7.49
C ILE B 440 3.93 -25.37 6.82
N ARG B 441 2.85 -25.11 7.56
CA ARG B 441 1.79 -24.31 7.00
C ARG B 441 1.26 -23.36 8.06
N THR B 442 0.55 -22.34 7.63
CA THR B 442 0.00 -21.40 8.57
C THR B 442 -1.50 -21.69 8.69
N ILE B 443 -2.08 -21.40 9.86
CA ILE B 443 -3.51 -21.59 10.02
C ILE B 443 -4.18 -20.29 10.40
N ARG B 444 -3.77 -19.20 9.77
CA ARG B 444 -4.48 -17.94 9.86
C ARG B 444 -5.92 -18.08 9.34
N LYS B 445 -6.86 -17.39 9.99
CA LYS B 445 -8.25 -17.46 9.57
C LYS B 445 -8.45 -16.59 8.33
N THR B 446 -9.53 -16.87 7.58
CA THR B 446 -9.89 -16.20 6.33
C THR B 446 -9.58 -14.69 6.31
N GLU B 447 -10.34 -13.93 7.08
CA GLU B 447 -10.23 -12.46 7.11
C GLU B 447 -8.81 -11.99 7.45
N SER B 448 -8.11 -12.75 8.28
CA SER B 448 -6.72 -12.43 8.59
C SER B 448 -5.86 -12.45 7.32
N ARG B 449 -5.97 -13.51 6.54
CA ARG B 449 -5.19 -13.67 5.31
C ARG B 449 -5.59 -12.67 4.21
N GLU B 450 -6.87 -12.30 4.19
CA GLU B 450 -7.42 -11.49 3.12
C GLU B 450 -7.51 -10.04 3.53
N GLN B 451 -6.38 -9.36 3.44
CA GLN B 451 -6.20 -8.06 4.07
C GLN B 451 -4.78 -7.57 3.82
N ARG B 452 -4.56 -6.24 3.89
CA ARG B 452 -3.24 -5.57 3.92
C ARG B 452 -3.33 -4.28 3.11
N VAL B 464 15.14 19.04 8.05
CA VAL B 464 14.76 20.44 8.19
C VAL B 464 16.03 21.30 8.12
N SER B 465 17.17 20.68 7.79
CA SER B 465 18.45 21.38 7.70
C SER B 465 18.93 21.54 6.27
N SER B 466 19.32 22.76 5.91
CA SER B 466 19.78 23.07 4.56
C SER B 466 20.95 22.20 4.14
N GLU B 467 21.06 21.97 2.84
CA GLU B 467 22.05 21.09 2.24
C GLU B 467 23.33 21.85 2.27
N ARG B 468 23.17 23.16 2.30
CA ARG B 468 24.33 23.98 2.10
C ARG B 468 24.92 24.27 3.45
N ARG B 469 24.04 24.52 4.40
CA ARG B 469 24.35 24.46 5.82
C ARG B 469 25.13 23.18 6.09
N VAL B 470 24.62 22.07 5.57
CA VAL B 470 25.24 20.77 5.82
C VAL B 470 26.67 20.74 5.29
N GLU B 471 26.89 21.28 4.09
CA GLU B 471 28.21 21.25 3.49
C GLU B 471 29.17 22.12 4.29
N LEU B 472 28.64 23.19 4.88
CA LEU B 472 29.37 24.01 5.85
C LEU B 472 29.91 23.18 7.01
N VAL B 473 29.00 22.57 7.78
CA VAL B 473 29.40 21.73 8.92
C VAL B 473 30.42 20.70 8.53
N VAL B 474 30.15 19.98 7.44
CA VAL B 474 31.06 18.94 6.98
C VAL B 474 32.46 19.48 6.78
N GLU B 475 32.55 20.68 6.19
CA GLU B 475 33.83 21.32 6.02
C GLU B 475 34.52 21.52 7.37
N GLN B 476 33.74 22.02 8.32
CA GLN B 476 34.25 22.29 9.65
C GLN B 476 34.68 21.01 10.36
N VAL B 477 33.80 20.02 10.37
CA VAL B 477 34.09 18.74 11.03
C VAL B 477 35.29 18.05 10.40
N ALA B 478 35.29 17.93 9.08
CA ALA B 478 36.37 17.27 8.34
C ALA B 478 37.73 17.85 8.70
N TRP B 479 37.82 19.18 8.71
CA TRP B 479 39.08 19.84 8.99
C TRP B 479 39.55 19.60 10.41
N GLU B 480 38.65 19.77 11.38
CA GLU B 480 38.99 19.51 12.79
C GLU B 480 39.26 18.02 13.01
N LEU B 481 38.70 17.19 12.14
CA LEU B 481 38.88 15.75 12.27
C LEU B 481 40.26 15.28 11.81
N ARG B 482 40.79 15.88 10.74
CA ARG B 482 42.16 15.58 10.32
C ARG B 482 43.18 16.16 11.29
N LYS B 483 42.96 17.40 11.72
CA LYS B 483 43.84 18.04 12.68
C LYS B 483 44.05 17.18 13.92
N ILE B 484 42.97 16.59 14.42
CA ILE B 484 43.05 15.72 15.60
C ILE B 484 43.78 14.41 15.26
N ARG B 485 43.58 13.88 14.06
CA ARG B 485 44.27 12.64 13.70
C ARG B 485 45.79 12.85 13.59
N ASP B 486 46.20 13.93 12.94
CA ASP B 486 47.62 14.24 12.83
C ASP B 486 48.23 14.44 14.19
N ALA B 487 47.50 15.12 15.05
CA ALA B 487 48.02 15.45 16.37
C ALA B 487 47.94 14.26 17.34
N GLY B 488 47.67 13.07 16.82
CA GLY B 488 47.58 11.87 17.65
C GLY B 488 46.44 11.84 18.67
N GLY B 489 45.38 12.63 18.44
CA GLY B 489 44.26 12.76 19.38
C GLY B 489 43.33 11.56 19.48
N LYS B 490 42.18 11.76 20.13
CA LYS B 490 41.22 10.65 20.31
C LYS B 490 39.82 11.02 19.86
N VAL B 491 39.33 10.28 18.86
CA VAL B 491 37.98 10.47 18.34
C VAL B 491 37.12 9.24 18.63
N VAL B 492 35.92 9.47 19.12
CA VAL B 492 34.99 8.39 19.43
C VAL B 492 33.78 8.47 18.52
N VAL B 493 33.27 7.31 18.13
CA VAL B 493 32.08 7.28 17.30
C VAL B 493 30.95 6.51 17.97
N THR B 494 29.77 7.10 17.99
CA THR B 494 28.58 6.35 18.35
C THR B 494 27.74 6.25 17.10
N ALA B 495 27.22 5.06 16.81
CA ALA B 495 26.53 4.81 15.53
C ALA B 495 25.33 3.91 15.69
N GLY B 496 24.26 4.21 14.97
CA GLY B 496 23.09 3.36 14.93
C GLY B 496 22.93 2.75 13.56
N PRO B 497 21.95 1.84 13.39
CA PRO B 497 21.76 1.06 12.18
C PRO B 497 21.39 1.92 10.99
N VAL B 498 20.89 3.13 11.24
CA VAL B 498 20.56 4.01 10.13
C VAL B 498 21.84 4.32 9.34
N VAL B 499 22.99 4.30 9.99
CA VAL B 499 24.24 4.41 9.26
C VAL B 499 24.36 3.34 8.15
N ILE B 500 24.04 2.10 8.47
CA ILE B 500 24.08 1.05 7.47
C ILE B 500 23.01 1.25 6.43
N HIS B 501 21.76 1.34 6.87
CA HIS B 501 20.61 1.46 5.96
C HIS B 501 20.73 2.56 4.90
N THR B 502 21.48 3.62 5.19
CA THR B 502 21.52 4.78 4.29
C THR B 502 22.74 4.76 3.42
N GLY B 503 23.53 3.71 3.52
CA GLY B 503 24.73 3.60 2.73
C GLY B 503 25.96 4.14 3.41
N GLY B 504 25.80 4.60 4.65
CA GLY B 504 26.89 5.21 5.38
C GLY B 504 28.02 4.24 5.71
N GLY B 505 27.69 2.95 5.71
CA GLY B 505 28.60 1.91 6.15
C GLY B 505 29.99 1.93 5.55
N GLU B 506 30.08 1.87 4.22
CA GLU B 506 31.36 1.91 3.51
C GLU B 506 32.23 3.09 3.94
N HIS B 507 31.61 4.25 4.14
CA HIS B 507 32.33 5.45 4.53
C HIS B 507 32.87 5.39 5.95
N LEU B 508 32.06 4.85 6.86
CA LEU B 508 32.50 4.67 8.25
C LEU B 508 33.58 3.60 8.31
N SER B 509 33.48 2.60 7.46
CA SER B 509 34.54 1.62 7.30
C SER B 509 35.83 2.33 6.95
N ARG B 510 35.71 3.25 6.00
CA ARG B 510 36.87 3.97 5.48
C ARG B 510 37.48 4.86 6.55
N LEU B 511 36.65 5.57 7.31
CA LEU B 511 37.13 6.40 8.41
C LEU B 511 37.91 5.61 9.46
N ILE B 512 37.43 4.40 9.79
CA ILE B 512 38.10 3.57 10.76
C ILE B 512 39.41 3.02 10.20
N ARG B 513 39.36 2.59 8.95
CA ARG B 513 40.52 1.98 8.29
C ARG B 513 41.71 2.93 8.15
N GLU B 514 41.42 4.22 7.97
CA GLU B 514 42.45 5.24 7.79
C GLU B 514 42.67 6.18 9.00
N GLY B 515 42.40 5.66 10.21
CA GLY B 515 42.90 6.24 11.45
C GLY B 515 42.10 7.33 12.15
N TYR B 516 40.86 7.53 11.73
CA TYR B 516 40.07 8.61 12.29
C TYR B 516 39.24 8.23 13.52
N VAL B 517 39.20 6.94 13.87
CA VAL B 517 38.30 6.44 14.90
C VAL B 517 39.01 5.52 15.90
N GLN B 518 39.17 6.00 17.14
CA GLN B 518 39.90 5.26 18.17
C GLN B 518 38.97 4.37 19.00
N ALA B 519 37.68 4.64 18.92
CA ALA B 519 36.71 3.79 19.59
C ALA B 519 35.33 3.91 18.97
N LEU B 520 34.59 2.82 19.06
CA LEU B 520 33.26 2.73 18.54
C LEU B 520 32.27 2.25 19.61
N LEU B 521 31.19 3.00 19.80
CA LEU B 521 30.21 2.65 20.81
C LEU B 521 28.84 2.50 20.15
N GLY B 522 28.17 1.37 20.33
CA GLY B 522 26.84 1.21 19.78
C GLY B 522 26.01 0.16 20.47
N GLY B 523 25.11 -0.44 19.72
CA GLY B 523 24.28 -1.52 20.23
C GLY B 523 24.38 -2.78 19.39
N ASN B 524 23.55 -3.74 19.74
CA ASN B 524 23.43 -4.97 19.00
C ASN B 524 23.14 -4.74 17.53
N ALA B 525 22.17 -3.87 17.25
CA ALA B 525 21.59 -3.75 15.92
C ALA B 525 22.58 -3.25 14.85
N ILE B 526 23.42 -2.28 15.19
CA ILE B 526 24.36 -1.70 14.23
C ILE B 526 25.33 -2.76 13.77
N ALA B 527 25.78 -3.60 14.70
CA ALA B 527 26.70 -4.67 14.38
C ALA B 527 26.03 -5.74 13.54
N VAL B 528 24.81 -6.13 13.89
CA VAL B 528 24.14 -7.17 13.11
C VAL B 528 23.85 -6.65 11.71
N HIS B 529 23.39 -5.41 11.61
CA HIS B 529 23.05 -4.88 10.30
C HIS B 529 24.29 -4.68 9.43
N ASP B 530 25.39 -4.21 10.01
CA ASP B 530 26.61 -4.02 9.24
C ASP B 530 27.15 -5.34 8.76
N ILE B 531 27.10 -6.35 9.61
CA ILE B 531 27.57 -7.65 9.22
C ILE B 531 26.65 -8.28 8.17
N GLU B 532 25.33 -8.16 8.35
CA GLU B 532 24.38 -8.68 7.36
C GLU B 532 24.67 -8.14 5.97
N GLN B 533 24.98 -6.86 5.92
CA GLN B 533 25.13 -6.15 4.69
C GLN B 533 26.39 -6.53 3.95
N ASN B 534 27.43 -6.83 4.70
CA ASN B 534 28.68 -7.17 4.10
C ASN B 534 28.72 -8.63 3.71
N MET B 535 27.97 -9.43 4.45
CA MET B 535 27.95 -10.87 4.26
C MET B 535 26.92 -11.28 3.21
N MET B 536 25.82 -10.54 3.09
CA MET B 536 24.76 -10.92 2.16
C MET B 536 24.22 -9.78 1.31
N GLY B 537 24.74 -8.57 1.50
CA GLY B 537 24.30 -7.43 0.72
C GLY B 537 22.87 -7.00 1.01
N THR B 538 22.33 -7.44 2.15
CA THR B 538 21.01 -7.00 2.59
C THR B 538 21.10 -6.32 3.95
N SER B 539 19.98 -5.80 4.43
CA SER B 539 19.89 -5.24 5.77
C SER B 539 18.44 -5.16 6.19
N LEU B 540 18.04 -6.00 7.15
CA LEU B 540 16.64 -6.13 7.58
C LEU B 540 15.88 -4.82 7.60
N GLY B 541 14.75 -4.80 6.89
CA GLY B 541 13.86 -3.65 6.86
C GLY B 541 14.23 -2.57 5.85
N VAL B 542 15.34 -2.75 5.17
CA VAL B 542 15.84 -1.73 4.26
C VAL B 542 16.53 -2.36 3.05
N ASP B 543 16.16 -1.91 1.86
CA ASP B 543 16.99 -2.21 0.69
C ASP B 543 18.03 -1.11 0.50
N MET B 544 19.29 -1.42 0.84
CA MET B 544 20.36 -0.51 0.56
C MET B 544 20.88 -0.92 -0.84
N LYS B 545 20.03 -1.01 -1.87
CA LYS B 545 20.61 -0.82 -3.21
C LYS B 545 19.56 0.04 -4.03
N ARG B 546 18.44 0.38 -3.39
CA ARG B 546 17.54 1.31 -4.03
C ARG B 546 16.92 2.38 -3.12
N GLY B 547 17.34 2.46 -1.86
CA GLY B 547 16.99 3.58 -1.02
C GLY B 547 15.60 3.71 -0.38
N VAL B 548 14.76 2.69 -0.48
CA VAL B 548 13.48 2.68 0.23
C VAL B 548 13.41 1.43 1.12
N ALA B 549 12.40 1.36 1.98
CA ALA B 549 12.22 0.21 2.86
C ALA B 549 11.70 -1.02 2.12
N VAL B 550 12.02 -2.21 2.64
CA VAL B 550 11.45 -3.48 2.16
C VAL B 550 10.82 -4.26 3.33
N ARG B 551 9.95 -5.21 3.03
CA ARG B 551 9.06 -5.78 4.04
C ARG B 551 9.63 -6.99 4.80
N GLY B 552 10.33 -7.87 4.10
CA GLY B 552 10.83 -9.09 4.72
C GLY B 552 12.26 -8.95 5.21
N GLY B 553 13.06 -9.99 4.99
CA GLY B 553 14.50 -9.95 5.25
C GLY B 553 14.94 -10.60 6.54
N HIS B 554 14.00 -11.23 7.24
CA HIS B 554 14.27 -11.77 8.58
C HIS B 554 15.21 -12.97 8.56
N ARG B 555 15.07 -13.85 7.56
CA ARG B 555 15.96 -14.99 7.43
C ARG B 555 17.44 -14.57 7.40
N HIS B 556 17.80 -13.64 6.53
CA HIS B 556 19.19 -13.15 6.46
C HIS B 556 19.66 -12.59 7.80
N HIS B 557 18.76 -11.91 8.49
CA HIS B 557 19.06 -11.27 9.76
C HIS B 557 19.37 -12.26 10.90
N LEU B 558 18.45 -13.21 11.12
CA LEU B 558 18.64 -14.27 12.11
C LEU B 558 19.83 -15.16 11.73
N LYS B 559 20.03 -15.38 10.43
CA LYS B 559 21.15 -16.22 10.01
C LYS B 559 22.48 -15.61 10.43
N VAL B 560 22.61 -14.30 10.28
CA VAL B 560 23.81 -13.62 10.78
C VAL B 560 23.96 -13.77 12.28
N ILE B 561 22.85 -13.67 13.00
CA ILE B 561 22.91 -13.77 14.44
C ILE B 561 23.30 -15.19 14.84
N ASN B 562 22.68 -16.17 14.23
CA ASN B 562 22.98 -17.56 14.54
C ASN B 562 24.43 -17.94 14.24
N THR B 563 24.96 -17.37 13.18
CA THR B 563 26.31 -17.68 12.72
C THR B 563 27.40 -17.10 13.63
N ILE B 564 27.27 -15.83 14.00
CA ILE B 564 28.22 -15.21 14.91
C ILE B 564 28.17 -15.91 16.25
N ARG B 565 26.96 -16.22 16.72
CA ARG B 565 26.82 -16.98 17.95
C ARG B 565 27.50 -18.34 17.82
N ARG B 566 27.53 -18.89 16.61
CA ARG B 566 28.17 -20.19 16.43
C ARG B 566 29.68 -20.06 16.55
N HIS B 567 30.24 -19.04 15.89
CA HIS B 567 31.68 -18.79 16.00
C HIS B 567 32.06 -18.27 17.38
N GLY B 568 31.11 -17.68 18.07
CA GLY B 568 31.30 -17.34 19.46
C GLY B 568 31.76 -15.92 19.69
N SER B 569 32.11 -15.22 18.62
CA SER B 569 32.39 -13.79 18.73
C SER B 569 32.53 -13.20 17.35
N ILE B 570 32.48 -11.88 17.25
CA ILE B 570 32.69 -11.22 15.97
C ILE B 570 34.14 -11.40 15.51
N ALA B 571 35.10 -11.29 16.44
CA ALA B 571 36.51 -11.45 16.10
C ALA B 571 36.82 -12.82 15.47
N LYS B 572 36.15 -13.87 15.95
CA LYS B 572 36.32 -15.22 15.40
C LYS B 572 35.55 -15.41 14.09
N GLY B 573 34.48 -14.64 13.90
CA GLY B 573 33.85 -14.58 12.60
C GLY B 573 34.81 -14.02 11.55
N VAL B 574 35.58 -13.00 11.93
CA VAL B 574 36.53 -12.36 11.04
C VAL B 574 37.71 -13.28 10.76
N GLU B 575 38.29 -13.80 11.83
CA GLU B 575 39.42 -14.72 11.77
C GLU B 575 39.10 -15.95 10.93
N SER B 576 37.87 -16.42 11.01
CA SER B 576 37.50 -17.61 10.28
C SER B 576 37.18 -17.26 8.83
N GLY B 577 37.28 -15.97 8.49
CA GLY B 577 37.05 -15.53 7.13
C GLY B 577 35.62 -15.38 6.64
N ILE B 578 34.64 -15.63 7.48
CA ILE B 578 33.25 -15.45 7.06
C ILE B 578 32.84 -13.98 7.06
N ILE B 579 33.53 -13.18 7.88
CA ILE B 579 33.39 -11.73 7.86
C ILE B 579 34.64 -11.11 7.23
N ARG B 580 34.48 -10.57 6.03
CA ARG B 580 35.62 -10.12 5.23
C ARG B 580 35.65 -8.61 5.01
N SER B 581 34.58 -7.92 5.41
CA SER B 581 34.52 -6.50 5.14
C SER B 581 33.50 -5.74 6.02
N GLY B 582 33.67 -4.43 6.10
CA GLY B 582 32.70 -3.57 6.75
C GLY B 582 33.14 -3.03 8.09
N VAL B 583 32.25 -2.25 8.70
CA VAL B 583 32.53 -1.56 9.95
C VAL B 583 33.14 -2.45 11.03
N MET B 584 32.46 -3.53 11.41
CA MET B 584 32.98 -4.38 12.50
C MET B 584 34.27 -5.08 12.06
N TYR B 585 34.32 -5.47 10.79
CA TYR B 585 35.56 -6.02 10.22
C TYR B 585 36.72 -5.07 10.46
N GLU B 586 36.57 -3.82 10.05
CA GLU B 586 37.67 -2.87 10.19
C GLU B 586 38.06 -2.68 11.65
N CYS B 587 37.07 -2.67 12.55
CA CYS B 587 37.40 -2.51 13.97
C CYS B 587 38.33 -3.62 14.43
N VAL B 588 37.98 -4.84 14.08
CA VAL B 588 38.81 -5.98 14.45
C VAL B 588 40.19 -5.95 13.77
N ARG B 589 40.25 -5.57 12.49
CA ARG B 589 41.51 -5.58 11.73
C ARG B 589 42.51 -4.54 12.20
N ASN B 590 42.01 -3.38 12.58
CA ASN B 590 42.88 -2.32 13.10
C ASN B 590 42.88 -2.25 14.61
N GLN B 591 42.34 -3.29 15.25
CA GLN B 591 42.23 -3.37 16.69
C GLN B 591 41.60 -2.16 17.38
N ILE B 592 40.53 -1.61 16.79
CA ILE B 592 39.77 -0.52 17.40
C ILE B 592 38.75 -1.09 18.37
N PRO B 593 38.83 -0.72 19.66
CA PRO B 593 37.91 -1.23 20.69
C PRO B 593 36.48 -0.82 20.41
N PHE B 594 35.55 -1.76 20.47
CA PHE B 594 34.15 -1.38 20.36
C PHE B 594 33.36 -1.89 21.56
N VAL B 595 32.29 -1.18 21.90
CA VAL B 595 31.37 -1.68 22.91
C VAL B 595 29.98 -1.76 22.33
N LEU B 596 29.34 -2.90 22.51
CA LEU B 596 27.95 -3.04 22.11
C LEU B 596 27.08 -3.18 23.36
N ALA B 597 26.36 -2.13 23.69
CA ALA B 597 25.51 -2.17 24.88
C ALA B 597 24.15 -2.73 24.53
N GLY B 598 23.69 -3.68 25.33
CA GLY B 598 22.40 -4.29 25.06
C GLY B 598 21.21 -3.35 25.16
N SER B 599 20.04 -3.88 24.78
CA SER B 599 18.80 -3.13 24.75
C SER B 599 17.62 -4.10 24.85
N ILE B 600 16.48 -3.57 25.28
CA ILE B 600 15.28 -4.40 25.48
C ILE B 600 14.74 -4.98 24.16
N ARG B 601 15.13 -4.41 23.04
CA ARG B 601 14.61 -4.85 21.75
C ARG B 601 15.55 -5.81 21.02
N ASP B 602 16.67 -6.17 21.65
CA ASP B 602 17.72 -6.96 21.00
C ASP B 602 17.29 -8.36 20.57
N ASP B 603 17.62 -8.69 19.33
CA ASP B 603 17.49 -10.06 18.81
C ASP B 603 18.77 -10.80 19.13
N GLY B 604 18.65 -12.01 19.67
CA GLY B 604 19.81 -12.85 19.95
C GLY B 604 20.16 -12.95 21.43
N PRO B 605 21.09 -12.12 21.90
CA PRO B 605 21.86 -11.11 21.16
C PRO B 605 23.13 -11.71 20.55
N LEU B 606 23.99 -10.87 19.98
CA LEU B 606 25.33 -11.29 19.62
C LEU B 606 26.05 -11.61 20.92
N PRO B 607 27.04 -12.52 20.89
CA PRO B 607 27.76 -12.84 22.13
C PRO B 607 28.63 -11.68 22.62
N ASP B 608 28.98 -10.78 21.71
CA ASP B 608 29.74 -9.58 22.05
C ASP B 608 28.91 -8.53 22.83
N THR B 609 27.59 -8.61 22.70
CA THR B 609 26.75 -7.56 23.25
C THR B 609 26.75 -7.65 24.78
N GLN B 610 27.00 -6.53 25.43
CA GLN B 610 27.02 -6.46 26.88
C GLN B 610 25.59 -6.23 27.40
N MET B 611 24.98 -7.26 27.97
CA MET B 611 23.58 -7.18 28.41
C MET B 611 23.49 -6.78 29.87
N ASP B 612 24.65 -6.65 30.53
CA ASP B 612 24.68 -6.07 31.87
C ASP B 612 24.96 -4.59 31.73
N LEU B 613 23.95 -3.78 31.98
CA LEU B 613 24.02 -2.37 31.62
C LEU B 613 24.81 -1.51 32.58
N ILE B 614 24.89 -1.91 33.84
CA ILE B 614 25.86 -1.32 34.76
C ILE B 614 27.25 -1.44 34.14
N LYS B 615 27.65 -2.66 33.77
CA LYS B 615 28.96 -2.87 33.15
C LYS B 615 29.09 -2.12 31.84
N ALA B 616 28.03 -2.12 31.04
CA ALA B 616 28.06 -1.45 29.74
C ALA B 616 28.35 0.04 29.91
N GLN B 617 27.70 0.65 30.90
CA GLN B 617 27.98 2.04 31.24
C GLN B 617 29.43 2.24 31.69
N GLU B 618 29.95 1.31 32.49
CA GLU B 618 31.34 1.41 32.93
C GLU B 618 32.28 1.27 31.73
N GLU B 619 31.96 0.36 30.82
CA GLU B 619 32.77 0.18 29.61
C GLU B 619 32.74 1.40 28.69
N TYR B 620 31.56 1.98 28.47
CA TYR B 620 31.44 3.20 27.67
C TYR B 620 32.32 4.31 28.24
N ALA B 621 32.23 4.50 29.56
CA ALA B 621 32.95 5.58 30.24
C ALA B 621 34.42 5.38 30.06
N LYS B 622 34.84 4.11 30.09
CA LYS B 622 36.23 3.77 30.08
C LYS B 622 36.86 4.19 28.74
N HIS B 623 36.12 4.01 27.66
CA HIS B 623 36.64 4.36 26.35
C HIS B 623 36.41 5.81 25.98
N LEU B 624 35.63 6.54 26.78
CA LEU B 624 35.40 7.95 26.51
C LEU B 624 36.49 8.83 27.10
N GLU B 625 37.30 8.26 27.99
CA GLU B 625 38.40 9.00 28.60
C GLU B 625 39.43 9.45 27.58
N GLY B 626 39.79 10.73 27.65
CA GLY B 626 40.73 11.34 26.74
C GLY B 626 40.15 11.83 25.44
N ALA B 627 38.91 11.42 25.15
CA ALA B 627 38.27 11.78 23.88
C ALA B 627 38.31 13.27 23.61
N GLU B 628 38.66 13.65 22.38
CA GLU B 628 38.73 15.06 22.02
C GLU B 628 37.56 15.47 21.15
N MET B 629 37.01 14.49 20.45
CA MET B 629 35.80 14.68 19.67
C MET B 629 34.95 13.45 19.81
N ILE B 630 33.64 13.65 19.75
CA ILE B 630 32.70 12.55 19.69
C ILE B 630 31.79 12.74 18.49
N LEU B 631 31.78 11.74 17.61
CA LEU B 631 30.95 11.78 16.42
C LEU B 631 29.68 10.96 16.59
N MET B 632 28.52 11.61 16.61
CA MET B 632 27.29 10.92 16.94
C MET B 632 26.40 10.74 15.71
N LEU B 633 26.37 9.50 15.21
CA LEU B 633 25.76 9.20 13.93
C LEU B 633 24.46 8.42 14.10
N SER B 634 23.34 9.16 14.09
CA SER B 634 22.00 8.62 14.17
C SER B 634 21.81 7.53 15.22
N SER B 635 22.15 7.81 16.47
CA SER B 635 22.05 6.79 17.51
C SER B 635 21.09 7.13 18.63
N MET B 636 20.63 8.39 18.63
CA MET B 636 19.78 8.96 19.68
C MET B 636 20.00 8.42 21.11
N LEU B 637 19.62 7.17 21.34
CA LEU B 637 19.74 6.60 22.69
C LEU B 637 21.19 6.54 23.16
N HIS B 638 22.08 6.09 22.29
CA HIS B 638 23.47 5.95 22.69
C HIS B 638 24.13 7.31 22.69
N SER B 639 23.57 8.24 21.94
CA SER B 639 24.14 9.58 21.87
C SER B 639 23.94 10.29 23.19
N ILE B 640 22.75 10.13 23.77
CA ILE B 640 22.45 10.77 25.04
C ILE B 640 23.27 10.14 26.16
N GLY B 641 23.37 8.82 26.11
CA GLY B 641 24.12 8.09 27.11
C GLY B 641 25.54 8.57 27.16
N VAL B 642 26.15 8.66 25.98
CA VAL B 642 27.50 9.15 25.83
C VAL B 642 27.59 10.62 26.26
N GLY B 643 26.58 11.40 25.93
CA GLY B 643 26.50 12.78 26.33
C GLY B 643 26.57 12.99 27.84
N ASN B 644 25.72 12.29 28.59
CA ASN B 644 25.72 12.38 30.05
C ASN B 644 27.10 12.11 30.64
N MET B 645 27.88 11.28 29.96
CA MET B 645 29.15 10.81 30.50
C MET B 645 30.30 11.73 30.17
N THR B 646 30.05 12.69 29.29
CA THR B 646 31.14 13.42 28.67
C THR B 646 31.26 14.82 29.22
N PRO B 647 32.41 15.15 29.80
CA PRO B 647 32.67 16.48 30.36
C PRO B 647 32.73 17.55 29.26
N ALA B 648 32.78 18.82 29.64
CA ALA B 648 32.95 19.90 28.66
C ALA B 648 34.37 19.87 28.09
N GLY B 649 34.60 20.64 27.04
CA GLY B 649 35.88 20.62 26.36
C GLY B 649 36.00 19.51 25.32
N VAL B 650 34.90 18.82 25.08
CA VAL B 650 34.86 17.71 24.13
C VAL B 650 33.96 18.07 22.97
N LYS B 651 34.50 18.11 21.77
CA LYS B 651 33.70 18.54 20.62
C LYS B 651 32.70 17.45 20.26
N MET B 652 31.45 17.84 20.08
CA MET B 652 30.39 16.87 19.87
C MET B 652 29.63 17.18 18.59
N VAL B 653 29.63 16.24 17.67
CA VAL B 653 28.96 16.41 16.39
C VAL B 653 27.78 15.46 16.29
N CYS B 654 26.60 16.02 16.12
CA CYS B 654 25.37 15.25 16.17
C CYS B 654 24.63 15.29 14.86
N VAL B 655 24.65 14.17 14.14
CA VAL B 655 23.87 14.04 12.93
C VAL B 655 22.66 13.15 13.15
N ASP B 656 21.49 13.66 12.83
CA ASP B 656 20.28 12.86 12.87
C ASP B 656 19.26 13.48 11.92
N ILE B 657 18.33 12.67 11.40
CA ILE B 657 17.30 13.17 10.49
C ILE B 657 16.15 13.82 11.27
N ASN B 658 15.96 13.38 12.51
CA ASN B 658 14.99 13.97 13.40
C ASN B 658 15.55 15.27 13.99
N PRO B 659 14.91 16.42 13.68
CA PRO B 659 15.48 17.67 14.20
C PRO B 659 15.38 17.79 15.71
N ALA B 660 14.56 16.91 16.32
CA ALA B 660 14.29 16.97 17.74
C ALA B 660 15.43 16.42 18.59
N VAL B 661 16.15 15.44 18.07
CA VAL B 661 17.25 14.85 18.85
C VAL B 661 18.53 15.68 18.66
N VAL B 662 18.67 16.32 17.51
CA VAL B 662 19.83 17.15 17.24
C VAL B 662 19.81 18.37 18.16
N THR B 663 18.62 18.91 18.39
CA THR B 663 18.45 20.02 19.33
C THR B 663 18.65 19.53 20.77
N LYS B 664 18.17 18.31 21.04
CA LYS B 664 18.30 17.71 22.36
C LYS B 664 19.76 17.50 22.75
N LEU B 665 20.65 17.38 21.76
CA LEU B 665 22.07 17.10 22.02
C LEU B 665 23.01 18.31 21.96
N SER B 666 22.45 19.52 21.91
CA SER B 666 23.32 20.69 21.74
C SER B 666 23.18 21.69 22.88
N ASP B 667 23.44 21.24 24.11
CA ASP B 667 23.37 22.12 25.27
C ASP B 667 24.74 22.72 25.59
N ARG B 668 25.71 22.43 24.73
CA ARG B 668 27.09 22.82 24.97
C ARG B 668 27.46 24.05 24.15
N GLY B 669 26.43 24.74 23.65
CA GLY B 669 26.63 25.98 22.93
C GLY B 669 27.30 25.76 21.58
N SER B 670 27.36 26.83 20.80
CA SER B 670 27.87 26.75 19.43
C SER B 670 29.39 26.66 19.36
N ILE B 671 30.03 26.35 20.48
CA ILE B 671 31.50 26.28 20.53
C ILE B 671 31.99 24.88 20.88
N GLU B 672 31.08 24.01 21.33
CA GLU B 672 31.46 22.64 21.65
C GLU B 672 30.59 21.63 20.92
N SER B 673 29.34 21.99 20.64
CA SER B 673 28.46 21.05 19.96
C SER B 673 27.92 21.64 18.65
N VAL B 674 28.13 20.91 17.55
CA VAL B 674 27.51 21.28 16.29
C VAL B 674 26.55 20.17 15.83
N GLY B 675 25.43 20.57 15.23
CA GLY B 675 24.40 19.62 14.85
C GLY B 675 23.89 19.90 13.46
N VAL B 676 23.44 18.85 12.77
CA VAL B 676 22.78 18.98 11.48
C VAL B 676 21.64 18.01 11.35
N VAL B 677 20.59 18.44 10.68
CA VAL B 677 19.43 17.60 10.48
C VAL B 677 19.39 17.11 9.05
N THR B 678 20.15 16.06 8.76
CA THR B 678 19.99 15.39 7.47
C THR B 678 20.15 13.89 7.55
N ASP B 679 20.42 13.35 6.37
CA ASP B 679 20.70 11.95 6.17
C ASP B 679 22.14 11.71 6.57
N VAL B 680 22.35 10.77 7.48
CA VAL B 680 23.68 10.51 8.00
C VAL B 680 24.58 9.89 6.92
N GLY B 681 23.97 9.18 5.99
CA GLY B 681 24.71 8.60 4.88
C GLY B 681 25.22 9.70 3.97
N LEU B 682 24.36 10.67 3.72
CA LEU B 682 24.73 11.87 3.01
C LEU B 682 25.91 12.53 3.72
N PHE B 683 25.73 12.79 5.01
CA PHE B 683 26.78 13.38 5.85
C PHE B 683 28.11 12.67 5.68
N LEU B 684 28.11 11.35 5.82
CA LEU B 684 29.35 10.59 5.78
C LEU B 684 29.95 10.54 4.38
N SER B 685 29.16 10.81 3.35
CA SER B 685 29.70 10.86 1.99
C SER B 685 30.50 12.13 1.83
N LEU B 686 29.81 13.26 2.03
CA LEU B 686 30.43 14.58 2.05
C LEU B 686 31.68 14.59 2.91
N LEU B 687 31.54 14.05 4.12
CA LEU B 687 32.65 14.01 5.05
C LEU B 687 33.85 13.33 4.41
N THR B 688 33.64 12.17 3.81
CA THR B 688 34.74 11.38 3.24
C THR B 688 35.32 12.00 1.96
N GLN B 689 34.48 12.75 1.25
CA GLN B 689 34.93 13.48 0.07
C GLN B 689 35.79 14.69 0.47
N GLN B 690 35.28 15.49 1.39
CA GLN B 690 36.00 16.68 1.85
C GLN B 690 37.29 16.31 2.57
N LEU B 691 37.39 15.08 3.04
CA LEU B 691 38.59 14.62 3.73
C LEU B 691 39.66 14.28 2.74
N ASP B 692 39.22 13.93 1.53
CA ASP B 692 40.13 13.54 0.46
C ASP B 692 40.77 14.79 -0.15
N LYS B 693 39.96 15.83 -0.35
CA LYS B 693 40.44 17.13 -0.79
C LYS B 693 41.52 17.70 0.13
N LEU B 694 41.62 17.19 1.37
CA LEU B 694 42.66 17.61 2.29
C LEU B 694 43.93 16.75 2.18
N THR B 695 44.16 16.21 0.99
CA THR B 695 45.46 15.61 0.62
C THR B 695 45.50 15.27 -0.87
PA NAD C . -1.26 26.43 2.36
O1A NAD C . -1.27 27.86 2.78
O2A NAD C . 0.00 26.19 1.52
O5B NAD C . -1.18 25.38 3.58
C5B NAD C . -2.00 25.54 4.74
C4B NAD C . -1.22 25.09 6.01
O4B NAD C . -2.05 23.98 6.74
C3B NAD C . -0.11 24.57 5.73
O3B NAD C . 0.99 25.38 6.28
C2B NAD C . -0.05 23.07 6.47
O2B NAD C . 1.26 22.92 7.10
C1B NAD C . -0.97 23.08 7.36
N9A NAD C . -1.60 21.73 7.59
C8A NAD C . -1.77 20.56 6.92
N7A NAD C . -2.51 19.73 7.72
C5A NAD C . -2.81 20.40 8.86
C6A NAD C . -3.55 20.04 10.00
N6A NAD C . -4.25 18.86 10.40
N1A NAD C . -3.71 20.90 11.03
C2A NAD C . -3.16 22.16 10.96
N3A NAD C . -2.43 22.54 9.83
C4A NAD C . -2.26 21.65 8.79
O3 NAD C . -2.60 26.15 1.46
PN NAD C . -4.05 26.84 1.64
O1N NAD C . -4.94 25.84 2.32
O2N NAD C . -4.03 28.13 2.48
O5D NAD C . -4.64 27.14 0.19
C5D NAD C . -3.79 27.60 -0.86
C4D NAD C . -4.70 28.28 -1.92
O4D NAD C . -5.03 27.40 -2.86
C3D NAD C . -5.98 28.72 -1.23
O3D NAD C . -6.27 30.06 -1.40
C2D NAD C . -7.09 27.79 -1.85
O2D NAD C . -8.45 28.41 -1.87
C1D NAD C . -6.66 27.50 -3.04
N1N NAD C . -7.32 26.26 -3.41
C2N NAD C . -8.49 26.24 -4.22
C3N NAD C . -9.11 24.99 -4.51
C7N NAD C . -10.41 24.82 -5.36
O7N NAD C . -10.89 25.73 -6.05
N7N NAD C . -11.11 23.57 -5.30
C4N NAD C . -8.57 23.82 -3.98
C5N NAD C . -7.44 23.87 -3.18
C6N NAD C . -6.81 25.10 -2.89
N ORN D . -23.69 -13.92 17.27
CA ORN D . -24.54 -13.58 16.19
CB ORN D . -25.39 -12.39 16.60
CG ORN D . -26.38 -11.90 15.55
CD ORN D . -27.58 -11.35 16.27
NE ORN D . -27.95 -10.03 15.79
C ORN D . -23.72 -13.39 14.94
O ORN D . -22.48 -13.12 15.00
OXT ORN D . -24.29 -13.54 13.82
N ORN E . 16.98 -3.02 -30.15
CA ORN E . 17.56 -4.24 -29.66
CB ORN E . 18.93 -3.97 -29.07
CG ORN E . 19.54 -5.28 -28.60
CD ORN E . 20.99 -5.06 -28.24
NE ORN E . 21.44 -6.11 -27.36
C ORN E . 16.62 -4.81 -28.63
O ORN E . 16.50 -6.06 -28.49
OXT ORN E . 15.94 -4.03 -27.92
#